data_6V76
#
_entry.id   6V76
#
_cell.length_a   81.040
_cell.length_b   154.980
_cell.length_c   91.960
_cell.angle_alpha   90.000
_cell.angle_beta   102.360
_cell.angle_gamma   90.000
#
_symmetry.space_group_name_H-M   'P 1 21 1'
#
loop_
_entity.id
_entity.type
_entity.pdbx_description
1 polymer 'Pyruvate kinase PKM'
2 non-polymer 'CHLORIDE ION'
3 non-polymer 'POTASSIUM ION'
4 non-polymer 'MAGNESIUM ION'
5 non-polymer 1,6-di-O-phosphono-beta-D-fructofuranose
6 non-polymer GLYCEROL
7 non-polymer 'OXALATE ION'
8 non-polymer VALINE
9 water water
#
_entity_poly.entity_id   1
_entity_poly.type   'polypeptide(L)'
_entity_poly.pdbx_seq_one_letter_code
;MGSSHHHHHHSSGLVPRGSMSKPHSEAGTAFIQTQQLHAAMADTFLEHMCRLDIDSPPITARNTGIICTIGPASRSVETL
KEMIKSGMNVARLNFSHGTHEYHAETIKNVRTATESFASDPILYRPVAVALDTKGPEIRTGLIKGSGTAEVELKKGATLK
ITLDNAYMEKCDENILWLDYKNICKVVEVGSKIYVDDGLISLQVKQKGADFLVTEVENGGSLGSKKGVNLPGAAVDLPAV
SEKDIQDLKFGVEQDVDMVFASFIRKASDVHEVRKVLGEKGKNIKIISKIENHEGVRRFDEILEASDGIMVARGDLGIEI
PAEKVFLAQKMMIGRCNRAGKPVICATQMLESMIKKPRPTRAEGSDVANAVLDGADCIMLSGETAKGDYPLEAVRMQHLI
AREAEAAIYHLQLFEELRRLAPITSDPTEATAVGAVEASFKCCSGAIIVLTKSGRSAHQVARYRPRAPIIAVTRNPQTAR
QAHLYRGIFPVLCKDPVQEAWAEDVDLRVNFAMNVGKARGFFKKGDVVIVLTGWRPGSGFTNTMRVVPVP
;
_entity_poly.pdbx_strand_id   C,A,B,D
#
loop_
_chem_comp.id
_chem_comp.type
_chem_comp.name
_chem_comp.formula
CL non-polymer 'CHLORIDE ION' 'Cl -1'
FBP D-saccharide, beta linking 1,6-di-O-phosphono-beta-D-fructofuranose 'C6 H14 O12 P2'
GOL non-polymer GLYCEROL 'C3 H8 O3'
K non-polymer 'POTASSIUM ION' 'K 1'
MG non-polymer 'MAGNESIUM ION' 'Mg 2'
OXL non-polymer 'OXALATE ION' 'C2 O4 -2'
#
# COMPACT_ATOMS: atom_id res chain seq x y z
N HIS A 38 -3.30 -32.09 -23.10
CA HIS A 38 -3.49 -33.38 -22.45
C HIS A 38 -4.76 -33.37 -21.60
N ALA A 39 -5.03 -32.25 -20.94
CA ALA A 39 -6.20 -32.14 -20.08
C ALA A 39 -7.48 -32.01 -20.89
N ALA A 40 -7.43 -31.28 -22.01
CA ALA A 40 -8.63 -31.09 -22.82
C ALA A 40 -9.08 -32.39 -23.48
N MET A 41 -8.14 -33.31 -23.73
CA MET A 41 -8.45 -34.60 -24.36
C MET A 41 -8.61 -35.64 -23.26
N ALA A 42 -9.76 -35.61 -22.60
CA ALA A 42 -10.07 -36.52 -21.50
C ALA A 42 -11.54 -36.89 -21.56
N ASP A 43 -11.83 -38.20 -21.48
CA ASP A 43 -13.20 -38.68 -21.58
C ASP A 43 -14.01 -38.44 -20.32
N THR A 44 -13.36 -38.16 -19.20
CA THR A 44 -14.03 -37.94 -17.93
C THR A 44 -13.59 -36.60 -17.35
N PHE A 45 -14.52 -35.94 -16.63
CA PHE A 45 -14.14 -34.71 -15.95
C PHE A 45 -13.17 -34.97 -14.81
N LEU A 46 -13.30 -36.13 -14.15
CA LEU A 46 -12.37 -36.46 -13.07
C LEU A 46 -10.95 -36.63 -13.60
N GLU A 47 -10.79 -37.34 -14.73
CA GLU A 47 -9.47 -37.48 -15.33
C GLU A 47 -8.96 -36.15 -15.87
N HIS A 48 -9.88 -35.28 -16.32
CA HIS A 48 -9.48 -33.95 -16.75
C HIS A 48 -8.79 -33.20 -15.62
N MET A 49 -9.24 -33.39 -14.37
CA MET A 49 -8.60 -32.75 -13.23
C MET A 49 -7.24 -33.37 -12.94
N CYS A 50 -7.14 -34.70 -13.05
CA CYS A 50 -5.87 -35.37 -12.78
C CYS A 50 -4.80 -35.00 -13.82
N ARG A 51 -5.21 -34.67 -15.03
CA ARG A 51 -4.29 -34.29 -16.09
C ARG A 51 -3.96 -32.81 -16.11
N LEU A 52 -4.41 -32.06 -15.09
CA LEU A 52 -4.13 -30.63 -15.02
C LEU A 52 -2.66 -30.42 -14.68
N ASP A 53 -1.89 -29.93 -15.65
CA ASP A 53 -0.45 -29.81 -15.53
C ASP A 53 -0.07 -28.36 -15.25
N ILE A 54 0.68 -28.15 -14.16
CA ILE A 54 1.23 -26.82 -13.89
C ILE A 54 2.43 -26.50 -14.75
N ASP A 55 2.87 -27.45 -15.59
CA ASP A 55 4.00 -27.26 -16.48
C ASP A 55 3.58 -27.09 -17.93
N SER A 56 2.27 -27.02 -18.20
CA SER A 56 1.77 -26.69 -19.52
C SER A 56 1.54 -25.19 -19.60
N PRO A 57 2.40 -24.44 -20.27
CA PRO A 57 2.25 -22.98 -20.30
C PRO A 57 0.96 -22.59 -21.00
N PRO A 58 0.30 -21.53 -20.53
CA PRO A 58 -0.96 -21.11 -21.15
C PRO A 58 -0.71 -20.52 -22.53
N ILE A 59 -1.82 -20.29 -23.24
CA ILE A 59 -1.79 -19.64 -24.53
C ILE A 59 -1.63 -18.15 -24.31
N THR A 60 -1.38 -17.40 -25.39
CA THR A 60 -1.13 -15.97 -25.25
C THR A 60 -2.39 -15.18 -24.91
N ALA A 61 -3.57 -15.71 -25.19
CA ALA A 61 -4.81 -14.96 -25.12
C ALA A 61 -5.48 -15.16 -23.76
N ARG A 62 -5.61 -14.06 -23.00
CA ARG A 62 -6.49 -14.02 -21.84
C ARG A 62 -7.88 -13.64 -22.33
N ASN A 63 -8.88 -14.46 -21.98
CA ASN A 63 -10.23 -14.29 -22.49
C ASN A 63 -11.17 -13.58 -21.53
N THR A 64 -10.98 -13.74 -20.22
CA THR A 64 -11.86 -13.11 -19.25
C THR A 64 -11.57 -11.62 -19.16
N GLY A 65 -12.59 -10.80 -19.33
CA GLY A 65 -12.43 -9.37 -19.20
C GLY A 65 -12.13 -8.98 -17.76
N ILE A 66 -11.32 -7.94 -17.60
CA ILE A 66 -10.90 -7.47 -16.27
C ILE A 66 -11.48 -6.08 -16.07
N ILE A 67 -12.30 -5.93 -15.04
CA ILE A 67 -12.95 -4.66 -14.70
C ILE A 67 -12.29 -4.13 -13.44
N CYS A 68 -11.61 -2.99 -13.57
CA CYS A 68 -10.92 -2.36 -12.46
C CYS A 68 -11.67 -1.11 -12.03
N THR A 69 -11.94 -0.99 -10.74
CA THR A 69 -12.54 0.22 -10.20
C THR A 69 -11.46 1.28 -10.00
N ILE A 70 -11.69 2.47 -10.53
CA ILE A 70 -10.72 3.56 -10.46
C ILE A 70 -11.00 4.40 -9.23
N GLY A 71 -9.95 4.66 -8.44
CA GLY A 71 -10.07 5.46 -7.26
C GLY A 71 -8.84 6.32 -7.02
N PRO A 72 -8.70 6.83 -5.80
CA PRO A 72 -7.54 7.70 -5.50
C PRO A 72 -6.19 7.04 -5.74
N ALA A 73 -6.11 5.72 -5.67
CA ALA A 73 -4.86 5.00 -5.87
C ALA A 73 -4.59 4.68 -7.34
N SER A 74 -5.50 5.04 -8.25
CA SER A 74 -5.32 4.71 -9.66
C SER A 74 -5.88 5.78 -10.59
N ARG A 75 -6.10 7.00 -10.11
CA ARG A 75 -6.70 8.04 -10.93
C ARG A 75 -5.69 8.74 -11.83
N SER A 76 -4.41 8.71 -11.47
CA SER A 76 -3.41 9.38 -12.29
C SER A 76 -3.34 8.74 -13.67
N VAL A 77 -3.13 9.57 -14.69
CA VAL A 77 -2.98 9.07 -16.04
C VAL A 77 -1.79 8.11 -16.12
N GLU A 78 -0.73 8.40 -15.35
CA GLU A 78 0.44 7.53 -15.33
C GLU A 78 0.09 6.13 -14.85
N THR A 79 -0.75 6.03 -13.81
CA THR A 79 -1.13 4.72 -13.29
C THR A 79 -2.16 4.04 -14.20
N LEU A 80 -3.11 4.81 -14.73
CA LEU A 80 -4.09 4.23 -15.65
C LEU A 80 -3.42 3.70 -16.91
N LYS A 81 -2.30 4.30 -17.32
CA LYS A 81 -1.57 3.81 -18.48
C LYS A 81 -1.01 2.42 -18.23
N GLU A 82 -0.38 2.21 -17.07
CA GLU A 82 0.17 0.90 -16.74
C GLU A 82 -0.92 -0.11 -16.45
N MET A 83 -2.12 0.34 -16.05
CA MET A 83 -3.22 -0.59 -15.80
C MET A 83 -3.74 -1.16 -17.12
N ILE A 84 -3.80 -0.32 -18.17
CA ILE A 84 -4.17 -0.81 -19.48
C ILE A 84 -3.12 -1.80 -19.98
N LYS A 85 -1.84 -1.48 -19.77
CA LYS A 85 -0.77 -2.38 -20.19
C LYS A 85 -0.84 -3.71 -19.45
N SER A 86 -1.15 -3.67 -18.16
CA SER A 86 -1.23 -4.90 -17.38
C SER A 86 -2.47 -5.73 -17.69
N GLY A 87 -3.53 -5.10 -18.21
CA GLY A 87 -4.65 -5.88 -18.70
C GLY A 87 -6.04 -5.36 -18.37
N MET A 88 -6.16 -4.10 -17.93
CA MET A 88 -7.48 -3.57 -17.63
C MET A 88 -8.26 -3.34 -18.92
N ASN A 89 -9.48 -3.87 -18.98
CA ASN A 89 -10.35 -3.70 -20.12
C ASN A 89 -11.47 -2.70 -19.89
N VAL A 90 -11.93 -2.57 -18.64
CA VAL A 90 -13.09 -1.74 -18.33
C VAL A 90 -12.79 -0.95 -17.05
N ALA A 91 -12.90 0.37 -17.12
CA ALA A 91 -12.76 1.22 -15.95
C ALA A 91 -14.12 1.43 -15.31
N ARG A 92 -14.21 1.14 -14.02
CA ARG A 92 -15.47 1.21 -13.29
C ARG A 92 -15.44 2.38 -12.32
N LEU A 93 -16.43 3.26 -12.42
CA LEU A 93 -16.57 4.39 -11.51
C LEU A 93 -17.70 4.09 -10.53
N ASN A 94 -17.40 4.17 -9.23
CA ASN A 94 -18.34 3.83 -8.17
C ASN A 94 -18.99 5.12 -7.69
N PHE A 95 -20.21 5.40 -8.18
CA PHE A 95 -20.92 6.62 -7.83
C PHE A 95 -21.58 6.54 -6.45
N SER A 96 -21.21 5.56 -5.63
CA SER A 96 -21.60 5.59 -4.22
C SER A 96 -20.85 6.67 -3.46
N HIS A 97 -19.76 7.19 -4.03
CA HIS A 97 -18.97 8.25 -3.43
C HIS A 97 -18.45 9.16 -4.54
N GLY A 98 -17.81 10.25 -4.14
CA GLY A 98 -17.27 11.20 -5.09
C GLY A 98 -18.35 12.06 -5.71
N THR A 99 -17.92 13.21 -6.24
CA THR A 99 -18.80 14.14 -6.91
C THR A 99 -18.65 14.03 -8.43
N HIS A 100 -19.55 14.68 -9.15
CA HIS A 100 -19.51 14.65 -10.60
C HIS A 100 -18.22 15.25 -11.13
N GLU A 101 -17.75 16.33 -10.52
CA GLU A 101 -16.47 16.92 -10.91
C GLU A 101 -15.32 15.94 -10.70
N TYR A 102 -15.35 15.21 -9.58
CA TYR A 102 -14.31 14.23 -9.30
C TYR A 102 -14.30 13.11 -10.34
N HIS A 103 -15.48 12.58 -10.66
CA HIS A 103 -15.56 11.45 -11.58
C HIS A 103 -15.31 11.90 -13.02
N ALA A 104 -15.75 13.11 -13.38
CA ALA A 104 -15.47 13.62 -14.71
C ALA A 104 -13.98 13.75 -14.96
N GLU A 105 -13.21 14.09 -13.92
CA GLU A 105 -11.76 14.12 -14.06
C GLU A 105 -11.20 12.72 -14.21
N THR A 106 -11.74 11.75 -13.48
CA THR A 106 -11.32 10.36 -13.63
C THR A 106 -11.60 9.87 -15.04
N ILE A 107 -12.81 10.13 -15.55
CA ILE A 107 -13.15 9.75 -16.92
C ILE A 107 -12.20 10.44 -17.91
N LYS A 108 -11.90 11.72 -17.67
CA LYS A 108 -10.93 12.40 -18.53
C LYS A 108 -9.57 11.74 -18.45
N ASN A 109 -9.14 11.34 -17.25
CA ASN A 109 -7.84 10.70 -17.10
C ASN A 109 -7.81 9.33 -17.76
N VAL A 110 -8.91 8.57 -17.64
CA VAL A 110 -8.97 7.24 -18.25
C VAL A 110 -8.85 7.35 -19.77
N ARG A 111 -9.62 8.26 -20.37
CA ARG A 111 -9.58 8.42 -21.82
C ARG A 111 -8.26 9.02 -22.29
N THR A 112 -7.62 9.83 -21.44
CA THR A 112 -6.28 10.32 -21.79
C THR A 112 -5.29 9.17 -21.84
N ALA A 113 -5.31 8.29 -20.84
CA ALA A 113 -4.43 7.13 -20.84
C ALA A 113 -4.80 6.13 -21.92
N THR A 114 -6.09 6.08 -22.29
CA THR A 114 -6.51 5.17 -23.34
C THR A 114 -6.02 5.64 -24.71
N GLU A 115 -6.37 6.88 -25.08
CA GLU A 115 -5.88 7.43 -26.34
C GLU A 115 -4.38 7.65 -26.34
N SER A 116 -3.72 7.49 -25.20
CA SER A 116 -2.26 7.49 -25.17
C SER A 116 -1.65 6.47 -26.12
N PHE A 117 -2.40 5.41 -26.46
CA PHE A 117 -1.93 4.38 -27.37
C PHE A 117 -2.64 4.40 -28.71
N ALA A 118 -3.41 5.45 -29.01
CA ALA A 118 -4.21 5.46 -30.24
C ALA A 118 -3.40 5.74 -31.49
N SER A 119 -2.07 5.87 -31.38
CA SER A 119 -1.25 6.18 -32.55
C SER A 119 -1.17 4.98 -33.49
N ASP A 120 -0.83 3.81 -32.96
CA ASP A 120 -0.78 2.58 -33.75
C ASP A 120 -2.06 1.80 -33.50
N PRO A 121 -3.05 1.86 -34.40
CA PRO A 121 -4.32 1.17 -34.13
C PRO A 121 -4.21 -0.35 -34.09
N ILE A 122 -3.05 -0.92 -34.43
CA ILE A 122 -2.88 -2.37 -34.34
C ILE A 122 -2.76 -2.80 -32.89
N LEU A 123 -2.00 -2.05 -32.08
CA LEU A 123 -1.80 -2.37 -30.68
C LEU A 123 -2.75 -1.65 -29.74
N TYR A 124 -3.58 -0.75 -30.27
CA TYR A 124 -4.48 0.03 -29.41
C TYR A 124 -5.55 -0.87 -28.81
N ARG A 125 -5.80 -0.67 -27.51
CA ARG A 125 -6.77 -1.47 -26.78
C ARG A 125 -7.95 -0.61 -26.38
N PRO A 126 -9.16 -0.88 -26.87
CA PRO A 126 -10.34 -0.17 -26.34
C PRO A 126 -10.50 -0.46 -24.86
N VAL A 127 -10.84 0.58 -24.11
CA VAL A 127 -11.04 0.48 -22.66
C VAL A 127 -12.36 1.16 -22.34
N ALA A 128 -13.36 0.37 -21.94
CA ALA A 128 -14.69 0.89 -21.67
C ALA A 128 -14.74 1.62 -20.33
N VAL A 129 -15.78 2.42 -20.17
CA VAL A 129 -16.03 3.17 -18.93
C VAL A 129 -17.38 2.71 -18.39
N ALA A 130 -17.41 2.29 -17.13
CA ALA A 130 -18.60 1.74 -16.50
C ALA A 130 -19.04 2.64 -15.36
N LEU A 131 -20.32 2.99 -15.33
CA LEU A 131 -20.92 3.74 -14.24
C LEU A 131 -21.59 2.77 -13.28
N ASP A 132 -21.19 2.81 -12.02
CA ASP A 132 -21.81 2.02 -10.96
C ASP A 132 -22.70 2.94 -10.14
N THR A 133 -24.01 2.72 -10.20
CA THR A 133 -24.94 3.58 -9.48
C THR A 133 -24.89 3.29 -7.99
N LYS A 134 -25.24 4.31 -7.19
CA LYS A 134 -25.31 4.12 -5.75
C LYS A 134 -26.52 3.26 -5.36
N GLY A 135 -27.62 3.39 -6.08
CA GLY A 135 -28.80 2.59 -5.81
C GLY A 135 -29.44 2.92 -4.48
N PRO A 136 -30.42 2.10 -4.08
CA PRO A 136 -31.10 2.35 -2.80
C PRO A 136 -30.23 1.99 -1.60
N GLU A 137 -29.26 2.83 -1.29
CA GLU A 137 -28.34 2.58 -0.18
C GLU A 137 -28.85 3.23 1.10
N ILE A 138 -28.59 2.56 2.22
CA ILE A 138 -28.91 3.07 3.55
C ILE A 138 -27.59 3.37 4.25
N ARG A 139 -27.39 4.63 4.64
CA ARG A 139 -26.15 5.05 5.25
C ARG A 139 -26.42 5.72 6.59
N THR A 140 -25.39 5.77 7.43
CA THR A 140 -25.47 6.40 8.73
C THR A 140 -24.97 7.85 8.64
N GLY A 141 -24.93 8.52 9.78
CA GLY A 141 -24.45 9.88 9.86
C GLY A 141 -22.97 9.98 10.19
N LEU A 142 -22.57 11.16 10.64
CA LEU A 142 -21.19 11.41 11.02
C LEU A 142 -21.03 11.22 12.52
N ILE A 143 -20.01 10.45 12.91
CA ILE A 143 -19.76 10.15 14.32
C ILE A 143 -19.20 11.38 15.01
N LYS A 144 -19.94 11.90 16.00
CA LYS A 144 -19.58 13.12 16.72
C LYS A 144 -19.34 14.28 15.77
N GLY A 145 -20.01 14.26 14.62
CA GLY A 145 -19.80 15.28 13.61
C GLY A 145 -18.42 15.27 13.00
N SER A 146 -17.75 14.13 13.00
CA SER A 146 -16.39 14.02 12.49
C SER A 146 -16.34 12.92 11.44
N GLY A 147 -15.94 13.29 10.22
CA GLY A 147 -15.96 12.38 9.09
C GLY A 147 -14.95 11.25 9.15
N THR A 148 -13.99 11.32 10.07
CA THR A 148 -12.96 10.28 10.20
C THR A 148 -12.78 9.86 11.65
N ALA A 149 -13.86 9.87 12.43
CA ALA A 149 -13.81 9.50 13.84
C ALA A 149 -14.49 8.15 14.01
N GLU A 150 -13.74 7.08 13.84
CA GLU A 150 -14.23 5.75 14.16
C GLU A 150 -14.46 5.67 15.67
N VAL A 151 -15.71 5.58 16.08
CA VAL A 151 -16.06 5.50 17.50
C VAL A 151 -15.71 4.12 18.01
N GLU A 152 -16.64 3.52 18.77
CA GLU A 152 -16.45 2.17 19.27
C GLU A 152 -17.80 1.53 19.47
N LEU A 153 -17.79 0.28 19.91
CA LEU A 153 -19.02 -0.44 20.23
C LEU A 153 -18.67 -1.60 21.14
N LYS A 154 -19.34 -1.67 22.29
CA LYS A 154 -19.16 -2.78 23.22
C LYS A 154 -20.11 -3.90 22.81
N LYS A 155 -19.56 -5.10 22.64
CA LYS A 155 -20.33 -6.27 22.27
C LYS A 155 -21.44 -6.28 23.31
N GLY A 156 -22.68 -6.12 22.88
CA GLY A 156 -23.84 -6.23 23.74
C GLY A 156 -24.38 -4.91 24.24
N ALA A 157 -23.65 -3.81 24.01
CA ALA A 157 -24.07 -2.51 24.52
C ALA A 157 -25.21 -1.94 23.68
N THR A 158 -26.08 -1.19 24.34
CA THR A 158 -27.22 -0.60 23.67
C THR A 158 -26.78 0.49 22.70
N LEU A 159 -27.45 0.54 21.55
CA LEU A 159 -27.21 1.57 20.53
C LEU A 159 -28.55 2.08 20.04
N LYS A 160 -28.75 3.39 20.13
CA LYS A 160 -30.01 3.99 19.70
C LYS A 160 -29.99 4.24 18.20
N ILE A 161 -30.99 3.72 17.50
CA ILE A 161 -31.16 3.97 16.09
C ILE A 161 -32.34 4.91 15.90
N THR A 162 -32.05 6.22 15.90
CA THR A 162 -33.08 7.24 15.82
C THR A 162 -33.15 7.82 14.41
N LEU A 163 -34.35 8.28 14.04
CA LEU A 163 -34.56 8.98 12.78
C LEU A 163 -34.58 10.50 12.93
N ASP A 164 -34.68 11.00 14.15
CA ASP A 164 -34.62 12.43 14.43
C ASP A 164 -33.37 13.04 13.82
N ASN A 165 -33.54 13.91 12.83
CA ASN A 165 -32.41 14.48 12.09
C ASN A 165 -31.49 15.32 12.97
N ALA A 166 -31.86 15.57 14.24
CA ALA A 166 -30.99 16.30 15.14
C ALA A 166 -29.69 15.57 15.44
N TYR A 167 -29.60 14.28 15.11
CA TYR A 167 -28.40 13.49 15.31
C TYR A 167 -27.70 13.16 13.99
N MET A 168 -28.06 13.88 12.91
CA MET A 168 -27.46 13.64 11.60
C MET A 168 -25.94 13.71 11.66
N GLU A 169 -25.41 14.86 12.05
CA GLU A 169 -23.98 15.04 12.27
C GLU A 169 -23.66 15.00 13.77
N LYS A 170 -24.23 14.04 14.47
CA LYS A 170 -24.05 13.92 15.91
C LYS A 170 -24.21 12.46 16.33
N CYS A 171 -23.50 11.56 15.65
CA CYS A 171 -23.54 10.15 15.99
C CYS A 171 -22.59 9.87 17.16
N ASP A 172 -23.06 9.10 18.13
CA ASP A 172 -22.28 8.74 19.30
C ASP A 172 -22.31 7.23 19.49
N GLU A 173 -21.50 6.75 20.43
CA GLU A 173 -21.45 5.33 20.74
C GLU A 173 -22.73 4.81 21.39
N ASN A 174 -23.71 5.67 21.60
CA ASN A 174 -25.01 5.27 22.14
C ASN A 174 -26.17 5.55 21.20
N ILE A 175 -26.04 6.52 20.30
CA ILE A 175 -27.11 6.89 19.37
C ILE A 175 -26.54 6.90 17.95
N LEU A 176 -27.20 6.20 17.05
CA LEU A 176 -26.82 6.14 15.65
C LEU A 176 -28.01 6.54 14.79
N TRP A 177 -27.76 7.37 13.77
CA TRP A 177 -28.79 7.87 12.88
C TRP A 177 -28.57 7.31 11.49
N LEU A 178 -29.63 6.81 10.87
CA LEU A 178 -29.59 6.32 9.49
C LEU A 178 -30.58 7.11 8.65
N ASP A 179 -30.30 7.19 7.35
CA ASP A 179 -31.06 8.03 6.43
C ASP A 179 -32.25 7.30 5.79
N TYR A 180 -32.68 6.18 6.36
CA TYR A 180 -33.83 5.43 5.85
C TYR A 180 -34.97 5.66 6.84
N LYS A 181 -35.81 6.65 6.54
CA LYS A 181 -36.81 7.08 7.50
C LYS A 181 -37.88 6.03 7.76
N ASN A 182 -38.10 5.12 6.82
CA ASN A 182 -39.16 4.11 6.93
C ASN A 182 -38.62 2.75 7.36
N ILE A 183 -37.62 2.72 8.23
CA ILE A 183 -37.04 1.44 8.64
C ILE A 183 -37.96 0.72 9.60
N CYS A 184 -38.59 1.46 10.53
CA CYS A 184 -39.46 0.83 11.53
C CYS A 184 -40.66 0.13 10.90
N LYS A 185 -41.03 0.51 9.69
CA LYS A 185 -42.12 -0.13 8.97
C LYS A 185 -41.65 -1.29 8.11
N VAL A 186 -40.42 -1.76 8.30
CA VAL A 186 -39.87 -2.84 7.49
C VAL A 186 -39.13 -3.83 8.38
N VAL A 187 -38.57 -3.36 9.49
CA VAL A 187 -37.79 -4.18 10.41
C VAL A 187 -38.51 -4.17 11.75
N GLU A 188 -38.83 -5.36 12.26
CA GLU A 188 -39.63 -5.47 13.48
C GLU A 188 -39.46 -6.48 14.61
N VAL A 189 -39.58 -7.76 14.28
CA VAL A 189 -39.43 -8.83 15.27
C VAL A 189 -37.96 -9.13 15.57
N GLY A 190 -37.37 -8.39 16.51
CA GLY A 190 -36.01 -8.61 16.96
C GLY A 190 -35.02 -8.87 15.85
N SER A 191 -35.20 -8.18 14.73
CA SER A 191 -34.48 -8.50 13.50
C SER A 191 -33.01 -8.15 13.63
N LYS A 192 -32.27 -8.42 12.56
CA LYS A 192 -30.84 -8.14 12.49
C LYS A 192 -30.59 -6.94 11.59
N ILE A 193 -29.74 -6.03 12.06
CA ILE A 193 -29.32 -4.85 11.30
C ILE A 193 -27.80 -4.88 11.21
N TYR A 194 -27.27 -4.72 9.99
CA TYR A 194 -25.85 -4.82 9.74
C TYR A 194 -25.29 -3.46 9.36
N VAL A 195 -24.19 -3.07 10.01
CA VAL A 195 -23.54 -1.80 9.77
C VAL A 195 -22.10 -2.06 9.36
N ASP A 196 -21.60 -1.25 8.41
CA ASP A 196 -20.20 -1.29 7.96
C ASP A 196 -19.76 -2.56 7.22
N ASP A 197 -20.42 -2.81 6.09
CA ASP A 197 -20.17 -3.98 5.26
C ASP A 197 -20.45 -5.27 6.03
N GLY A 198 -21.56 -5.29 6.75
CA GLY A 198 -21.97 -6.46 7.50
C GLY A 198 -21.10 -6.83 8.68
N LEU A 199 -20.04 -6.07 8.96
CA LEU A 199 -19.17 -6.40 10.08
C LEU A 199 -19.92 -6.33 11.41
N ILE A 200 -20.48 -5.17 11.72
CA ILE A 200 -21.26 -5.00 12.94
C ILE A 200 -22.70 -5.42 12.68
N SER A 201 -23.23 -6.26 13.56
CA SER A 201 -24.62 -6.70 13.50
C SER A 201 -25.32 -6.31 14.79
N LEU A 202 -26.61 -5.97 14.66
CA LEU A 202 -27.41 -5.53 15.80
C LEU A 202 -28.72 -6.30 15.82
N GLN A 203 -29.41 -6.23 16.97
CA GLN A 203 -30.72 -6.84 17.16
C GLN A 203 -31.63 -5.79 17.79
N VAL A 204 -32.59 -5.30 17.01
CA VAL A 204 -33.44 -4.20 17.46
C VAL A 204 -34.35 -4.67 18.58
N LYS A 205 -34.62 -3.76 19.54
CA LYS A 205 -35.48 -4.06 20.68
C LYS A 205 -36.27 -2.80 21.06
N GLN A 206 -37.03 -2.27 20.11
CA GLN A 206 -37.86 -1.09 20.34
C GLN A 206 -38.89 -0.99 19.22
N LYS A 207 -39.49 0.18 19.07
CA LYS A 207 -40.46 0.46 18.01
C LYS A 207 -40.57 1.96 17.86
N GLY A 208 -41.29 2.36 16.81
CA GLY A 208 -41.51 3.76 16.48
C GLY A 208 -40.25 4.42 16.00
N ALA A 209 -40.38 5.57 15.37
CA ALA A 209 -39.20 6.26 14.89
C ALA A 209 -38.22 6.55 16.02
N LEU A 212 -35.02 3.14 17.38
CA LEU A 212 -34.81 1.74 17.67
C LEU A 212 -33.66 1.50 18.63
N VAL A 213 -33.85 0.56 19.55
CA VAL A 213 -32.84 0.24 20.52
C VAL A 213 -32.14 -0.96 20.00
N THR A 214 -30.90 -0.80 19.69
CA THR A 214 -30.16 -1.92 19.14
C THR A 214 -29.35 -2.59 20.23
N GLU A 215 -29.41 -3.92 20.27
CA GLU A 215 -28.57 -4.74 21.13
C GLU A 215 -27.47 -5.36 20.27
N VAL A 216 -26.23 -4.92 20.47
CA VAL A 216 -25.13 -5.36 19.63
C VAL A 216 -24.95 -6.86 19.76
N GLU A 217 -24.97 -7.57 18.63
CA GLU A 217 -24.71 -9.00 18.59
C GLU A 217 -23.31 -9.32 18.09
N ASN A 218 -22.59 -8.34 17.54
CA ASN A 218 -21.21 -8.53 17.12
C ASN A 218 -20.53 -7.16 17.15
N GLY A 219 -19.63 -6.97 18.09
CA GLY A 219 -19.03 -5.66 18.31
C GLY A 219 -18.14 -5.22 17.15
N GLY A 220 -17.70 -3.97 17.25
CA GLY A 220 -16.85 -3.40 16.23
C GLY A 220 -16.61 -1.92 16.49
N SER A 221 -16.12 -1.24 15.45
CA SER A 221 -15.83 0.19 15.53
C SER A 221 -16.64 0.90 14.45
N LEU A 222 -17.54 1.77 14.87
CA LEU A 222 -18.41 2.47 13.93
C LEU A 222 -17.61 3.53 13.16
N GLY A 223 -18.31 4.35 12.39
CA GLY A 223 -17.65 5.36 11.58
C GLY A 223 -18.68 6.26 10.94
N SER A 224 -18.18 7.30 10.29
CA SER A 224 -19.04 8.31 9.68
C SER A 224 -19.56 7.81 8.33
N LYS A 225 -20.88 7.70 8.22
CA LYS A 225 -21.58 7.37 6.98
C LYS A 225 -21.16 5.99 6.45
N LYS A 226 -21.55 4.98 7.21
CA LYS A 226 -21.33 3.59 6.83
C LYS A 226 -22.63 2.95 6.40
N GLY A 227 -22.51 1.88 5.60
CA GLY A 227 -23.68 1.29 4.96
C GLY A 227 -24.43 0.34 5.88
N VAL A 228 -25.74 0.32 5.72
CA VAL A 228 -26.64 -0.47 6.54
C VAL A 228 -27.38 -1.45 5.63
N ASN A 229 -27.43 -2.71 6.04
CA ASN A 229 -28.16 -3.76 5.32
C ASN A 229 -29.25 -4.32 6.23
N LEU A 230 -30.44 -4.51 5.65
CA LEU A 230 -31.60 -5.04 6.36
C LEU A 230 -32.03 -6.33 5.68
N PRO A 231 -31.34 -7.44 5.96
CA PRO A 231 -31.62 -8.68 5.22
C PRO A 231 -33.02 -9.21 5.53
N GLY A 232 -33.65 -9.77 4.49
CA GLY A 232 -34.98 -10.34 4.65
C GLY A 232 -36.09 -9.30 4.57
N ALA A 233 -35.88 -8.17 5.23
CA ALA A 233 -36.86 -7.09 5.19
C ALA A 233 -37.02 -6.57 3.77
N ALA A 234 -38.20 -6.00 3.50
CA ALA A 234 -38.52 -5.46 2.19
C ALA A 234 -38.31 -3.95 2.22
N VAL A 235 -37.13 -3.51 1.78
CA VAL A 235 -36.86 -2.09 1.66
C VAL A 235 -37.67 -1.53 0.50
N ASP A 236 -38.43 -0.46 0.77
CA ASP A 236 -39.32 0.13 -0.22
C ASP A 236 -38.69 1.30 -0.97
N LEU A 237 -37.38 1.49 -0.84
CA LEU A 237 -36.72 2.61 -1.48
C LEU A 237 -36.92 2.54 -3.01
N PRO A 238 -37.00 3.69 -3.68
CA PRO A 238 -37.21 3.68 -5.12
C PRO A 238 -36.05 3.01 -5.84
N ALA A 239 -36.36 2.38 -6.98
CA ALA A 239 -35.32 1.73 -7.78
C ALA A 239 -34.29 2.75 -8.24
N VAL A 240 -34.75 3.80 -8.91
CA VAL A 240 -33.88 4.87 -9.39
C VAL A 240 -34.20 6.11 -8.57
N SER A 241 -33.37 6.37 -7.56
CA SER A 241 -33.55 7.52 -6.70
C SER A 241 -33.29 8.82 -7.46
N GLU A 242 -33.62 9.95 -6.82
CA GLU A 242 -33.37 11.24 -7.43
C GLU A 242 -31.88 11.47 -7.65
N LYS A 243 -31.03 10.80 -6.87
CA LYS A 243 -29.58 10.91 -7.06
C LYS A 243 -29.12 10.09 -8.26
N ASP A 244 -29.67 8.87 -8.42
CA ASP A 244 -29.32 8.06 -9.57
C ASP A 244 -29.73 8.72 -10.88
N ILE A 245 -30.81 9.51 -10.84
CA ILE A 245 -31.22 10.27 -12.03
C ILE A 245 -30.10 11.20 -12.48
N GLN A 246 -29.49 11.91 -11.52
CA GLN A 246 -28.43 12.84 -11.86
C GLN A 246 -27.17 12.12 -12.30
N ASP A 247 -26.89 10.96 -11.70
CA ASP A 247 -25.72 10.19 -12.13
C ASP A 247 -25.93 9.59 -13.51
N LEU A 248 -27.14 9.11 -13.79
CA LEU A 248 -27.42 8.56 -15.12
C LEU A 248 -27.43 9.67 -16.17
N LYS A 249 -27.97 10.85 -15.82
CA LYS A 249 -27.87 11.99 -16.72
C LYS A 249 -26.41 12.34 -16.98
N PHE A 250 -25.62 12.43 -15.91
CA PHE A 250 -24.18 12.66 -16.05
C PHE A 250 -23.53 11.57 -16.89
N GLY A 251 -23.98 10.32 -16.72
CA GLY A 251 -23.38 9.22 -17.46
C GLY A 251 -23.63 9.31 -18.96
N VAL A 252 -24.83 9.71 -19.35
CA VAL A 252 -25.10 9.92 -20.77
C VAL A 252 -24.26 11.06 -21.31
N GLU A 253 -24.17 12.16 -20.55
CA GLU A 253 -23.36 13.30 -20.98
C GLU A 253 -21.89 12.94 -21.09
N GLN A 254 -21.42 11.96 -20.32
CA GLN A 254 -20.03 11.56 -20.31
C GLN A 254 -19.73 10.42 -21.26
N ASP A 255 -20.74 9.90 -21.97
CA ASP A 255 -20.55 8.84 -22.96
C ASP A 255 -19.96 7.58 -22.33
N VAL A 256 -20.58 7.14 -21.23
CA VAL A 256 -20.22 5.84 -20.66
C VAL A 256 -20.84 4.73 -21.50
N ASP A 257 -20.22 3.56 -21.43
CA ASP A 257 -20.63 2.43 -22.28
C ASP A 257 -21.56 1.46 -21.57
N MET A 258 -21.58 1.45 -20.24
CA MET A 258 -22.42 0.51 -19.51
C MET A 258 -22.70 1.08 -18.13
N VAL A 259 -23.87 0.74 -17.60
CA VAL A 259 -24.26 1.12 -16.24
C VAL A 259 -24.38 -0.15 -15.40
N PHE A 260 -23.84 -0.09 -14.18
CA PHE A 260 -23.95 -1.20 -13.22
C PHE A 260 -25.03 -0.79 -12.22
N ALA A 261 -26.27 -1.13 -12.54
CA ALA A 261 -27.41 -0.73 -11.71
C ALA A 261 -27.42 -1.55 -10.43
N SER A 262 -27.05 -0.91 -9.32
CA SER A 262 -26.97 -1.62 -8.05
C SER A 262 -28.34 -1.95 -7.50
N PHE A 263 -28.46 -3.11 -6.85
CA PHE A 263 -29.64 -3.50 -6.07
C PHE A 263 -30.88 -3.64 -6.94
N ILE A 264 -30.74 -4.32 -8.08
CA ILE A 264 -31.89 -4.64 -8.92
C ILE A 264 -32.72 -5.69 -8.22
N ARG A 265 -33.96 -5.35 -7.89
CA ARG A 265 -34.88 -6.28 -7.22
C ARG A 265 -35.80 -6.99 -8.19
N LYS A 266 -36.23 -6.34 -9.26
CA LYS A 266 -37.19 -6.91 -10.19
C LYS A 266 -36.88 -6.37 -11.58
N ALA A 267 -37.53 -6.97 -12.59
CA ALA A 267 -37.34 -6.53 -13.96
C ALA A 267 -37.84 -5.11 -14.16
N SER A 268 -38.88 -4.70 -13.42
CA SER A 268 -39.37 -3.34 -13.54
C SER A 268 -38.31 -2.31 -13.20
N ASP A 269 -37.43 -2.64 -12.25
CA ASP A 269 -36.30 -1.74 -11.95
C ASP A 269 -35.40 -1.57 -13.16
N VAL A 270 -35.11 -2.67 -13.87
CA VAL A 270 -34.28 -2.59 -15.07
C VAL A 270 -34.98 -1.74 -16.13
N HIS A 271 -36.30 -1.89 -16.26
CA HIS A 271 -37.04 -1.07 -17.21
C HIS A 271 -37.04 0.40 -16.80
N GLU A 272 -37.09 0.67 -15.50
CA GLU A 272 -37.04 2.04 -15.03
C GLU A 272 -35.69 2.67 -15.36
N VAL A 273 -34.60 1.91 -15.25
CA VAL A 273 -33.30 2.41 -15.66
C VAL A 273 -33.27 2.63 -17.17
N ARG A 274 -33.82 1.68 -17.93
CA ARG A 274 -33.79 1.79 -19.40
C ARG A 274 -34.57 3.01 -19.87
N LYS A 275 -35.73 3.29 -19.26
CA LYS A 275 -36.50 4.46 -19.64
C LYS A 275 -35.78 5.75 -19.23
N VAL A 276 -35.15 5.76 -18.06
CA VAL A 276 -34.42 6.94 -17.61
C VAL A 276 -33.31 7.30 -18.58
N LEU A 277 -32.60 6.28 -19.09
CA LEU A 277 -31.56 6.53 -20.08
C LEU A 277 -32.13 7.10 -21.37
N GLY A 278 -33.37 6.73 -21.71
CA GLY A 278 -34.04 7.29 -22.86
C GLY A 278 -33.32 7.03 -24.18
N GLU A 279 -33.61 7.91 -25.14
CA GLU A 279 -33.04 7.76 -26.47
C GLU A 279 -31.54 8.03 -26.48
N LYS A 280 -31.12 9.11 -25.82
CA LYS A 280 -29.70 9.41 -25.73
C LYS A 280 -28.93 8.36 -24.94
N GLY A 281 -29.61 7.59 -24.10
CA GLY A 281 -28.97 6.61 -23.26
C GLY A 281 -29.09 5.19 -23.76
N LYS A 282 -29.88 4.98 -24.82
CA LYS A 282 -29.86 3.67 -25.47
C LYS A 282 -28.45 3.39 -26.00
N ASN A 283 -28.20 2.11 -26.29
CA ASN A 283 -26.89 1.58 -26.66
C ASN A 283 -25.98 1.46 -25.44
N ILE A 284 -26.31 2.14 -24.34
CA ILE A 284 -25.63 1.93 -23.08
C ILE A 284 -26.14 0.63 -22.48
N LYS A 285 -25.24 -0.33 -22.28
CA LYS A 285 -25.63 -1.64 -21.77
C LYS A 285 -25.95 -1.56 -20.28
N ILE A 286 -27.06 -2.16 -19.88
CA ILE A 286 -27.50 -2.17 -18.49
C ILE A 286 -27.06 -3.50 -17.87
N ILE A 287 -26.16 -3.44 -16.90
CA ILE A 287 -25.73 -4.61 -16.15
C ILE A 287 -26.43 -4.57 -14.80
N SER A 288 -27.39 -5.47 -14.60
CA SER A 288 -28.14 -5.52 -13.35
C SER A 288 -27.30 -6.18 -12.26
N LYS A 289 -27.06 -5.44 -11.18
CA LYS A 289 -26.33 -5.98 -10.03
C LYS A 289 -27.30 -6.70 -9.13
N ILE A 290 -27.06 -7.98 -8.88
CA ILE A 290 -27.89 -8.81 -8.02
C ILE A 290 -27.24 -8.81 -6.64
N GLU A 291 -27.90 -8.20 -5.66
CA GLU A 291 -27.30 -7.96 -4.36
C GLU A 291 -28.15 -8.38 -3.18
N ASN A 292 -29.35 -8.91 -3.41
CA ASN A 292 -30.24 -9.26 -2.31
C ASN A 292 -31.11 -10.45 -2.70
N HIS A 293 -31.87 -10.92 -1.71
CA HIS A 293 -32.67 -12.13 -1.89
C HIS A 293 -33.71 -11.95 -3.00
N GLU A 294 -34.26 -10.74 -3.12
CA GLU A 294 -35.29 -10.50 -4.14
C GLU A 294 -34.72 -10.60 -5.55
N GLY A 295 -33.55 -10.00 -5.77
CA GLY A 295 -32.91 -10.11 -7.07
C GLY A 295 -32.57 -11.55 -7.44
N VAL A 296 -32.23 -12.37 -6.44
CA VAL A 296 -31.93 -13.77 -6.70
C VAL A 296 -33.21 -14.55 -7.01
N ARG A 297 -34.26 -14.33 -6.22
CA ARG A 297 -35.53 -15.02 -6.46
C ARG A 297 -36.10 -14.67 -7.83
N ARG A 298 -35.94 -13.42 -8.26
CA ARG A 298 -36.45 -12.96 -9.55
C ARG A 298 -35.35 -12.83 -10.60
N PHE A 299 -34.35 -13.71 -10.55
CA PHE A 299 -33.21 -13.58 -11.46
C PHE A 299 -33.62 -13.74 -12.91
N ASP A 300 -34.59 -14.62 -13.17
CA ASP A 300 -34.96 -14.92 -14.55
C ASP A 300 -35.57 -13.69 -15.24
N GLU A 301 -36.53 -13.05 -14.58
CA GLU A 301 -37.12 -11.84 -15.17
C GLU A 301 -36.10 -10.72 -15.25
N ILE A 302 -35.18 -10.63 -14.29
CA ILE A 302 -34.17 -9.57 -14.31
C ILE A 302 -33.20 -9.79 -15.46
N LEU A 303 -32.70 -11.03 -15.60
CA LEU A 303 -31.83 -11.35 -16.72
C LEU A 303 -32.52 -11.11 -18.05
N GLU A 304 -33.79 -11.53 -18.15
CA GLU A 304 -34.53 -11.41 -19.40
C GLU A 304 -34.58 -9.97 -19.90
N ALA A 305 -34.63 -9.01 -18.98
CA ALA A 305 -34.74 -7.60 -19.34
C ALA A 305 -33.42 -6.84 -19.26
N SER A 306 -32.33 -7.52 -18.93
CA SER A 306 -31.04 -6.87 -18.76
C SER A 306 -30.12 -7.19 -19.92
N ASP A 307 -29.09 -6.35 -20.08
CA ASP A 307 -28.01 -6.65 -21.01
C ASP A 307 -26.96 -7.56 -20.39
N GLY A 308 -26.96 -7.69 -19.06
CA GLY A 308 -25.98 -8.54 -18.39
C GLY A 308 -26.24 -8.51 -16.90
N ILE A 309 -25.47 -9.33 -16.18
CA ILE A 309 -25.63 -9.53 -14.75
C ILE A 309 -24.27 -9.34 -14.08
N MET A 310 -24.26 -8.68 -12.93
CA MET A 310 -23.06 -8.63 -12.08
C MET A 310 -23.35 -9.31 -10.74
N VAL A 311 -22.59 -10.33 -10.40
CA VAL A 311 -22.68 -11.02 -9.11
C VAL A 311 -21.96 -10.13 -8.10
N ALA A 312 -22.72 -9.29 -7.40
CA ALA A 312 -22.16 -8.34 -6.44
C ALA A 312 -22.12 -9.00 -5.07
N ARG A 313 -21.08 -9.81 -4.88
CA ARG A 313 -21.02 -10.70 -3.71
C ARG A 313 -20.90 -9.92 -2.41
N GLY A 314 -20.35 -8.70 -2.45
CA GLY A 314 -20.23 -7.90 -1.25
C GLY A 314 -21.54 -7.71 -0.52
N ASP A 315 -22.50 -7.05 -1.16
CA ASP A 315 -23.81 -6.87 -0.54
C ASP A 315 -24.57 -8.18 -0.48
N LEU A 316 -24.45 -9.01 -1.52
CA LEU A 316 -25.15 -10.30 -1.53
C LEU A 316 -24.78 -11.14 -0.31
N GLY A 317 -23.51 -11.12 0.08
CA GLY A 317 -23.05 -11.86 1.25
C GLY A 317 -23.59 -11.35 2.57
N ILE A 318 -24.26 -10.20 2.59
CA ILE A 318 -24.84 -9.68 3.82
C ILE A 318 -26.34 -9.88 3.80
N GLU A 319 -26.94 -9.77 2.61
CA GLU A 319 -28.39 -9.94 2.50
C GLU A 319 -28.79 -11.40 2.61
N ILE A 320 -28.00 -12.30 2.03
CA ILE A 320 -28.25 -13.73 2.15
C ILE A 320 -27.11 -14.32 2.99
N PRO A 321 -27.29 -15.50 3.57
CA PRO A 321 -26.19 -16.10 4.35
C PRO A 321 -24.97 -16.31 3.49
N ALA A 322 -23.80 -15.97 4.05
CA ALA A 322 -22.56 -15.99 3.29
C ALA A 322 -22.20 -17.37 2.77
N GLU A 323 -22.72 -18.42 3.39
CA GLU A 323 -22.46 -19.78 2.92
C GLU A 323 -23.15 -20.09 1.61
N LYS A 324 -24.23 -19.37 1.29
CA LYS A 324 -25.01 -19.64 0.09
C LYS A 324 -24.59 -18.80 -1.11
N VAL A 325 -23.63 -17.88 -0.94
CA VAL A 325 -23.26 -16.96 -2.01
C VAL A 325 -22.71 -17.73 -3.21
N PHE A 326 -21.90 -18.76 -2.95
CA PHE A 326 -21.33 -19.52 -4.06
C PHE A 326 -22.42 -20.21 -4.87
N LEU A 327 -23.48 -20.66 -4.20
CA LEU A 327 -24.63 -21.22 -4.92
C LEU A 327 -25.26 -20.17 -5.82
N ALA A 328 -25.41 -18.94 -5.32
CA ALA A 328 -25.98 -17.87 -6.13
C ALA A 328 -25.07 -17.51 -7.30
N GLN A 329 -23.77 -17.43 -7.04
CA GLN A 329 -22.83 -17.07 -8.11
C GLN A 329 -22.85 -18.11 -9.23
N LYS A 330 -22.68 -19.38 -8.87
CA LYS A 330 -22.66 -20.44 -9.88
C LYS A 330 -24.01 -20.55 -10.59
N MET A 331 -25.11 -20.28 -9.88
CA MET A 331 -26.42 -20.30 -10.52
C MET A 331 -26.54 -19.21 -11.58
N MET A 332 -26.13 -17.99 -11.23
CA MET A 332 -26.28 -16.86 -12.14
C MET A 332 -25.29 -16.94 -13.30
N ILE A 333 -24.08 -17.43 -13.04
CA ILE A 333 -23.12 -17.60 -14.13
C ILE A 333 -23.63 -18.65 -15.11
N GLY A 334 -24.15 -19.76 -14.60
CA GLY A 334 -24.69 -20.78 -15.49
C GLY A 334 -25.90 -20.30 -16.27
N ARG A 335 -26.79 -19.55 -15.61
CA ARG A 335 -28.01 -19.11 -16.28
C ARG A 335 -27.72 -18.07 -17.37
N CYS A 336 -26.72 -17.22 -17.15
CA CYS A 336 -26.36 -16.24 -18.18
C CYS A 336 -25.60 -16.88 -19.33
N ASN A 337 -24.75 -17.87 -19.01
CA ASN A 337 -24.10 -18.64 -20.06
C ASN A 337 -25.14 -19.30 -20.97
N ARG A 338 -26.17 -19.91 -20.37
CA ARG A 338 -27.24 -20.51 -21.15
C ARG A 338 -27.95 -19.50 -22.02
N ALA A 339 -28.02 -18.24 -21.57
CA ALA A 339 -28.71 -17.19 -22.30
C ALA A 339 -27.80 -16.33 -23.16
N GLY A 340 -26.48 -16.52 -23.06
CA GLY A 340 -25.55 -15.72 -23.84
C GLY A 340 -25.38 -14.30 -23.35
N LYS A 341 -25.76 -14.01 -22.10
CA LYS A 341 -25.58 -12.65 -21.62
C LYS A 341 -24.37 -12.57 -20.70
N PRO A 342 -23.67 -11.43 -20.70
CA PRO A 342 -22.46 -11.30 -19.87
C PRO A 342 -22.79 -11.43 -18.39
N VAL A 343 -21.87 -12.05 -17.65
CA VAL A 343 -21.96 -12.14 -16.20
C VAL A 343 -20.62 -11.78 -15.61
N ILE A 344 -20.63 -10.90 -14.60
CA ILE A 344 -19.45 -10.41 -13.92
C ILE A 344 -19.43 -10.97 -12.51
N CYS A 345 -18.28 -11.49 -12.08
CA CYS A 345 -18.04 -11.85 -10.70
C CYS A 345 -17.21 -10.76 -10.05
N ALA A 346 -17.67 -10.22 -8.92
CA ALA A 346 -17.14 -8.97 -8.43
C ALA A 346 -16.94 -8.98 -6.92
N THR A 347 -16.16 -7.98 -6.47
CA THR A 347 -15.90 -7.61 -5.08
C THR A 347 -15.19 -8.69 -4.26
N GLN A 348 -14.03 -8.32 -3.71
CA GLN A 348 -13.24 -9.11 -2.77
C GLN A 348 -12.54 -10.31 -3.40
N MET A 349 -12.34 -10.27 -4.73
CA MET A 349 -11.61 -11.36 -5.38
C MET A 349 -10.16 -11.42 -4.91
N LEU A 350 -9.49 -10.28 -4.84
CA LEU A 350 -8.13 -10.19 -4.36
C LEU A 350 -8.03 -9.21 -3.20
N GLU A 351 -8.94 -9.33 -2.23
CA GLU A 351 -9.16 -8.26 -1.26
C GLU A 351 -7.92 -7.98 -0.43
N SER A 352 -7.18 -9.02 -0.04
CA SER A 352 -5.99 -8.82 0.77
C SER A 352 -4.91 -8.04 0.02
N MET A 353 -4.99 -7.99 -1.32
CA MET A 353 -4.03 -7.22 -2.10
C MET A 353 -4.22 -5.71 -1.94
N ILE A 354 -5.26 -5.27 -1.25
CA ILE A 354 -5.36 -3.87 -0.87
C ILE A 354 -4.14 -3.47 -0.05
N LYS A 355 -3.65 -4.39 0.80
CA LYS A 355 -2.54 -4.11 1.69
C LYS A 355 -1.31 -4.95 1.45
N LYS A 356 -1.38 -6.03 0.66
CA LYS A 356 -0.23 -6.89 0.45
C LYS A 356 0.00 -7.11 -1.04
N PRO A 357 1.26 -7.14 -1.48
CA PRO A 357 1.54 -7.30 -2.92
C PRO A 357 1.19 -8.67 -3.47
N ARG A 358 0.92 -9.66 -2.61
CA ARG A 358 0.58 -11.00 -3.05
C ARG A 358 -0.76 -11.42 -2.45
N PRO A 359 -1.62 -12.05 -3.22
CA PRO A 359 -2.93 -12.46 -2.72
C PRO A 359 -2.81 -13.68 -1.81
N THR A 360 -3.93 -14.07 -1.22
CA THR A 360 -4.01 -15.29 -0.44
C THR A 360 -4.38 -16.46 -1.34
N ARG A 361 -4.16 -17.68 -0.83
CA ARG A 361 -4.49 -18.87 -1.59
C ARG A 361 -5.99 -18.96 -1.85
N ALA A 362 -6.80 -18.52 -0.89
CA ALA A 362 -8.24 -18.45 -1.12
C ALA A 362 -8.57 -17.49 -2.26
N GLU A 363 -7.91 -16.33 -2.27
CA GLU A 363 -8.15 -15.36 -3.34
C GLU A 363 -7.63 -15.87 -4.67
N GLY A 364 -6.50 -16.57 -4.67
CA GLY A 364 -5.98 -17.13 -5.92
C GLY A 364 -6.91 -18.15 -6.54
N SER A 365 -7.64 -18.91 -5.72
CA SER A 365 -8.55 -19.91 -6.23
C SER A 365 -9.93 -19.34 -6.53
N ASP A 366 -10.35 -18.28 -5.84
CA ASP A 366 -11.65 -17.67 -6.12
C ASP A 366 -11.68 -17.06 -7.52
N VAL A 367 -10.60 -16.39 -7.92
CA VAL A 367 -10.53 -15.83 -9.26
C VAL A 367 -10.54 -16.94 -10.31
N ALA A 368 -9.73 -17.98 -10.10
CA ALA A 368 -9.68 -19.09 -11.04
C ALA A 368 -11.04 -19.79 -11.12
N ASN A 369 -11.69 -20.00 -9.97
CA ASN A 369 -12.97 -20.70 -9.98
C ASN A 369 -14.07 -19.84 -10.59
N ALA A 370 -13.95 -18.51 -10.49
CA ALA A 370 -14.87 -17.64 -11.21
C ALA A 370 -14.78 -17.89 -12.72
N VAL A 371 -13.56 -17.91 -13.26
CA VAL A 371 -13.38 -18.20 -14.67
C VAL A 371 -13.87 -19.59 -15.01
N LEU A 372 -13.54 -20.58 -14.17
CA LEU A 372 -13.98 -21.94 -14.43
C LEU A 372 -15.50 -22.06 -14.34
N ASP A 373 -16.13 -21.31 -13.43
CA ASP A 373 -17.58 -21.24 -13.40
C ASP A 373 -18.15 -20.75 -14.72
N GLY A 374 -17.43 -19.87 -15.41
CA GLY A 374 -17.86 -19.36 -16.69
C GLY A 374 -18.11 -17.86 -16.67
N ALA A 375 -17.41 -17.15 -15.79
CA ALA A 375 -17.60 -15.71 -15.66
C ALA A 375 -17.05 -15.00 -16.89
N ASP A 376 -17.83 -14.05 -17.42
CA ASP A 376 -17.37 -13.27 -18.57
C ASP A 376 -16.29 -12.28 -18.15
N CYS A 377 -16.48 -11.60 -17.03
CA CYS A 377 -15.49 -10.68 -16.50
C CYS A 377 -15.33 -10.89 -15.00
N ILE A 378 -14.11 -10.70 -14.52
CA ILE A 378 -13.82 -10.62 -13.09
C ILE A 378 -13.51 -9.17 -12.77
N MET A 379 -13.88 -8.74 -11.56
CA MET A 379 -13.80 -7.34 -11.19
C MET A 379 -12.85 -7.14 -10.01
N LEU A 380 -12.29 -5.92 -9.94
CA LEU A 380 -11.50 -5.47 -8.80
C LEU A 380 -12.08 -4.15 -8.32
N SER A 381 -12.30 -4.04 -7.01
CA SER A 381 -12.94 -2.86 -6.44
C SER A 381 -11.97 -2.05 -5.59
N GLY A 382 -11.88 -2.31 -4.28
CA GLY A 382 -10.91 -1.58 -3.46
C GLY A 382 -9.47 -1.91 -3.80
N GLU A 383 -9.24 -3.08 -4.39
CA GLU A 383 -7.87 -3.50 -4.71
C GLU A 383 -7.19 -2.53 -5.68
N THR A 384 -7.95 -1.92 -6.58
CA THR A 384 -7.41 -0.95 -7.52
C THR A 384 -7.89 0.48 -7.27
N ALA A 385 -8.89 0.67 -6.40
CA ALA A 385 -9.41 2.00 -6.15
C ALA A 385 -8.66 2.70 -5.01
N LYS A 386 -8.54 2.04 -3.86
CA LYS A 386 -7.88 2.61 -2.70
C LYS A 386 -6.66 1.83 -2.22
N GLY A 387 -6.39 0.66 -2.80
CA GLY A 387 -5.33 -0.20 -2.29
C GLY A 387 -3.94 0.29 -2.61
N ASP A 388 -2.96 -0.39 -2.02
CA ASP A 388 -1.56 -0.03 -2.17
C ASP A 388 -0.90 -0.64 -3.40
N TYR A 389 -1.52 -1.65 -4.03
CA TYR A 389 -0.94 -2.32 -5.19
C TYR A 389 -2.00 -2.52 -6.25
N PRO A 390 -2.47 -1.43 -6.88
CA PRO A 390 -3.46 -1.59 -7.95
C PRO A 390 -2.93 -2.38 -9.14
N LEU A 391 -1.70 -2.09 -9.57
CA LEU A 391 -1.13 -2.79 -10.72
C LEU A 391 -0.92 -4.27 -10.43
N GLU A 392 -0.41 -4.60 -9.24
CA GLU A 392 -0.21 -5.99 -8.88
C GLU A 392 -1.52 -6.77 -8.89
N ALA A 393 -2.63 -6.10 -8.52
CA ALA A 393 -3.92 -6.78 -8.50
C ALA A 393 -4.43 -7.06 -9.91
N VAL A 394 -4.17 -6.15 -10.85
CA VAL A 394 -4.59 -6.38 -12.23
C VAL A 394 -3.77 -7.50 -12.86
N ARG A 395 -2.47 -7.50 -12.62
CA ARG A 395 -1.61 -8.53 -13.19
C ARG A 395 -1.96 -9.90 -12.66
N MET A 396 -2.25 -10.01 -11.36
CA MET A 396 -2.63 -11.29 -10.79
C MET A 396 -3.92 -11.81 -11.40
N GLN A 397 -4.93 -10.95 -11.50
CA GLN A 397 -6.18 -11.36 -12.15
C GLN A 397 -5.94 -11.80 -13.58
N HIS A 398 -5.04 -11.11 -14.30
CA HIS A 398 -4.69 -11.52 -15.65
C HIS A 398 -4.04 -12.90 -15.64
N LEU A 399 -3.09 -13.10 -14.72
CA LEU A 399 -2.35 -14.37 -14.69
C LEU A 399 -3.27 -15.53 -14.35
N ILE A 400 -4.06 -15.39 -13.27
CA ILE A 400 -4.94 -16.47 -12.85
C ILE A 400 -5.99 -16.77 -13.91
N ALA A 401 -6.57 -15.73 -14.50
CA ALA A 401 -7.60 -15.93 -15.52
C ALA A 401 -7.05 -16.65 -16.74
N ARG A 402 -5.81 -16.32 -17.12
CA ARG A 402 -5.23 -16.99 -18.28
C ARG A 402 -4.90 -18.44 -17.97
N GLU A 403 -4.43 -18.73 -16.76
CA GLU A 403 -4.21 -20.12 -16.37
C GLU A 403 -5.54 -20.87 -16.26
N ALA A 404 -6.57 -20.21 -15.76
CA ALA A 404 -7.87 -20.86 -15.60
C ALA A 404 -8.54 -21.14 -16.94
N GLU A 405 -8.33 -20.27 -17.93
CA GLU A 405 -8.94 -20.49 -19.24
C GLU A 405 -8.40 -21.74 -19.91
N ALA A 406 -7.13 -22.08 -19.68
CA ALA A 406 -6.56 -23.28 -20.28
C ALA A 406 -7.16 -24.54 -19.65
N ALA A 407 -7.39 -24.51 -18.34
CA ALA A 407 -7.89 -25.67 -17.60
C ALA A 407 -9.37 -25.94 -17.83
N ILE A 408 -10.05 -25.12 -18.64
CA ILE A 408 -11.48 -25.29 -18.85
C ILE A 408 -11.73 -26.55 -19.68
N TYR A 409 -12.70 -27.36 -19.24
CA TYR A 409 -13.06 -28.61 -19.91
C TYR A 409 -14.00 -28.26 -21.06
N HIS A 410 -13.41 -28.00 -22.24
CA HIS A 410 -14.21 -27.55 -23.38
C HIS A 410 -15.05 -28.68 -23.98
N LEU A 411 -14.62 -29.93 -23.82
CA LEU A 411 -15.37 -31.04 -24.38
C LEU A 411 -16.79 -31.10 -23.81
N GLN A 412 -16.92 -30.90 -22.50
CA GLN A 412 -18.24 -30.93 -21.88
C GLN A 412 -18.97 -29.61 -22.03
N LEU A 413 -18.25 -28.50 -21.97
CA LEU A 413 -18.89 -27.19 -22.00
C LEU A 413 -19.47 -26.89 -23.38
N PHE A 414 -18.67 -27.06 -24.44
CA PHE A 414 -19.19 -26.84 -25.78
C PHE A 414 -20.35 -27.77 -26.10
N GLU A 415 -20.32 -28.99 -25.57
CA GLU A 415 -21.43 -29.92 -25.78
C GLU A 415 -22.65 -29.51 -24.97
N GLU A 416 -22.45 -29.10 -23.71
CA GLU A 416 -23.58 -28.72 -22.88
C GLU A 416 -24.20 -27.41 -23.35
N LEU A 417 -23.37 -26.40 -23.63
CA LEU A 417 -23.88 -25.13 -24.14
C LEU A 417 -24.61 -25.31 -25.47
N ARG A 418 -24.27 -26.34 -26.24
CA ARG A 418 -24.98 -26.61 -27.49
C ARG A 418 -26.28 -27.36 -27.24
N ARG A 419 -26.25 -28.37 -26.37
CA ARG A 419 -27.46 -29.11 -26.06
C ARG A 419 -28.55 -28.19 -25.51
N LEU A 420 -28.21 -27.36 -24.52
CA LEU A 420 -29.19 -26.48 -23.92
C LEU A 420 -29.61 -25.34 -24.83
N ALA A 421 -28.80 -25.02 -25.84
CA ALA A 421 -29.19 -23.96 -26.76
C ALA A 421 -30.19 -24.49 -27.78
N PRO A 422 -31.26 -23.75 -28.06
CA PRO A 422 -32.30 -24.25 -28.97
C PRO A 422 -31.90 -24.06 -30.43
N ILE A 423 -32.67 -24.70 -31.30
CA ILE A 423 -32.53 -24.45 -32.73
C ILE A 423 -33.03 -23.05 -33.05
N THR A 424 -32.52 -22.50 -34.15
CA THR A 424 -32.90 -21.14 -34.55
C THR A 424 -32.83 -21.02 -36.06
N SER A 425 -33.71 -20.19 -36.60
CA SER A 425 -33.67 -19.82 -38.00
C SER A 425 -32.75 -18.63 -38.26
N ASP A 426 -32.08 -18.13 -37.23
CA ASP A 426 -31.16 -17.01 -37.39
C ASP A 426 -29.89 -17.50 -38.07
N PRO A 427 -29.55 -17.01 -39.27
CA PRO A 427 -28.30 -17.44 -39.92
C PRO A 427 -27.06 -17.08 -39.11
N THR A 428 -27.10 -15.95 -38.40
CA THR A 428 -25.96 -15.57 -37.57
C THR A 428 -25.69 -16.59 -36.48
N GLU A 429 -26.76 -17.06 -35.81
CA GLU A 429 -26.58 -18.07 -34.77
C GLU A 429 -26.03 -19.37 -35.36
N ALA A 430 -26.53 -19.78 -36.52
CA ALA A 430 -26.01 -20.99 -37.17
C ALA A 430 -24.55 -20.80 -37.57
N THR A 431 -24.21 -19.62 -38.10
CA THR A 431 -22.82 -19.37 -38.49
C THR A 431 -21.90 -19.33 -37.27
N ALA A 432 -22.43 -18.92 -36.11
CA ALA A 432 -21.58 -18.82 -34.92
C ALA A 432 -21.18 -20.19 -34.40
N VAL A 433 -22.13 -21.11 -34.26
CA VAL A 433 -21.81 -22.45 -33.77
C VAL A 433 -20.89 -23.16 -34.76
N GLY A 434 -21.19 -23.03 -36.05
CA GLY A 434 -20.32 -23.63 -37.06
C GLY A 434 -18.90 -23.10 -36.98
N ALA A 435 -18.75 -21.80 -36.70
CA ALA A 435 -17.43 -21.22 -36.58
C ALA A 435 -16.71 -21.72 -35.34
N VAL A 436 -17.45 -21.95 -34.25
CA VAL A 436 -16.83 -22.43 -33.02
C VAL A 436 -16.44 -23.90 -33.15
N GLU A 437 -17.32 -24.70 -33.76
CA GLU A 437 -16.97 -26.10 -34.02
C GLU A 437 -15.79 -26.19 -34.98
N ALA A 438 -15.74 -25.31 -35.98
CA ALA A 438 -14.62 -25.30 -36.90
C ALA A 438 -13.32 -24.96 -36.19
N SER A 439 -13.36 -23.99 -35.27
CA SER A 439 -12.14 -23.57 -34.58
C SER A 439 -11.61 -24.66 -33.66
N PHE A 440 -12.49 -25.47 -33.07
CA PHE A 440 -12.01 -26.62 -32.31
C PHE A 440 -11.42 -27.68 -33.23
N LYS A 441 -12.01 -27.87 -34.41
CA LYS A 441 -11.56 -28.91 -35.32
C LYS A 441 -10.16 -28.62 -35.84
N CYS A 442 -9.96 -27.45 -36.45
CA CYS A 442 -8.67 -27.09 -37.01
C CYS A 442 -7.74 -26.45 -35.99
N CYS A 443 -8.15 -26.39 -34.72
CA CYS A 443 -7.35 -25.78 -33.65
C CYS A 443 -6.86 -24.39 -34.06
N SER A 444 -7.80 -23.57 -34.50
CA SER A 444 -7.46 -22.28 -35.08
C SER A 444 -6.91 -21.32 -34.01
N GLY A 445 -6.14 -20.34 -34.48
CA GLY A 445 -5.55 -19.37 -33.59
C GLY A 445 -6.47 -18.23 -33.20
N ALA A 446 -7.50 -17.97 -33.99
CA ALA A 446 -8.44 -16.88 -33.70
C ALA A 446 -9.67 -17.04 -34.57
N ILE A 447 -10.74 -16.37 -34.16
CA ILE A 447 -11.99 -16.32 -34.91
C ILE A 447 -12.27 -14.85 -35.20
N ILE A 448 -12.04 -14.43 -36.43
CA ILE A 448 -12.20 -13.04 -36.82
C ILE A 448 -13.66 -12.78 -37.19
N VAL A 449 -14.26 -11.77 -36.54
CA VAL A 449 -15.65 -11.41 -36.78
C VAL A 449 -15.72 -9.92 -37.07
N LEU A 450 -16.35 -9.56 -38.18
CA LEU A 450 -16.71 -8.17 -38.44
C LEU A 450 -18.09 -7.90 -37.86
N THR A 451 -18.24 -6.75 -37.21
CA THR A 451 -19.53 -6.42 -36.61
C THR A 451 -19.65 -4.92 -36.43
N LYS A 452 -20.86 -4.41 -36.63
CA LYS A 452 -21.20 -3.04 -36.28
C LYS A 452 -21.76 -2.94 -34.87
N SER A 453 -22.71 -3.81 -34.54
CA SER A 453 -23.36 -3.78 -33.24
C SER A 453 -22.55 -4.50 -32.16
N GLY A 454 -21.74 -5.48 -32.56
CA GLY A 454 -21.14 -6.40 -31.64
C GLY A 454 -21.86 -7.74 -31.56
N ARG A 455 -23.12 -7.80 -32.01
CA ARG A 455 -23.95 -8.99 -31.80
C ARG A 455 -23.34 -10.22 -32.46
N SER A 456 -22.83 -10.08 -33.69
CA SER A 456 -22.19 -11.22 -34.35
C SER A 456 -21.06 -11.78 -33.51
N ALA A 457 -20.31 -10.91 -32.84
CA ALA A 457 -19.26 -11.37 -31.94
C ALA A 457 -19.83 -12.00 -30.67
N HIS A 458 -20.91 -11.42 -30.14
CA HIS A 458 -21.51 -11.96 -28.92
C HIS A 458 -22.05 -13.36 -29.13
N GLN A 459 -22.64 -13.62 -30.30
CA GLN A 459 -23.19 -14.93 -30.58
C GLN A 459 -22.11 -15.98 -30.78
N VAL A 460 -20.88 -15.59 -31.09
CA VAL A 460 -19.78 -16.53 -31.13
C VAL A 460 -19.28 -16.82 -29.73
N ALA A 461 -19.12 -15.77 -28.90
CA ALA A 461 -18.61 -15.94 -27.55
C ALA A 461 -19.56 -16.79 -26.70
N ARG A 462 -20.84 -16.82 -27.06
CA ARG A 462 -21.81 -17.59 -26.28
C ARG A 462 -21.45 -19.07 -26.26
N TYR A 463 -20.90 -19.60 -27.35
CA TYR A 463 -20.52 -20.99 -27.44
C TYR A 463 -19.09 -21.24 -26.97
N ARG A 464 -18.42 -20.20 -26.47
CA ARG A 464 -17.19 -20.31 -25.70
C ARG A 464 -16.07 -21.05 -26.45
N PRO A 465 -15.57 -20.51 -27.55
CA PRO A 465 -14.42 -21.15 -28.20
C PRO A 465 -13.16 -20.99 -27.36
N ARG A 466 -12.17 -21.83 -27.65
CA ARG A 466 -10.87 -21.68 -27.01
C ARG A 466 -10.08 -20.54 -27.64
N ALA A 467 -10.14 -20.43 -28.97
CA ALA A 467 -9.40 -19.39 -29.67
C ALA A 467 -10.05 -18.02 -29.41
N PRO A 468 -9.25 -16.95 -29.42
CA PRO A 468 -9.81 -15.62 -29.21
C PRO A 468 -10.72 -15.20 -30.35
N ILE A 469 -11.68 -14.34 -30.02
CA ILE A 469 -12.59 -13.76 -31.00
C ILE A 469 -12.15 -12.32 -31.25
N ILE A 470 -11.57 -12.07 -32.42
CA ILE A 470 -11.11 -10.74 -32.78
C ILE A 470 -12.26 -10.07 -33.52
N ALA A 471 -13.00 -9.21 -32.80
CA ALA A 471 -14.13 -8.49 -33.36
C ALA A 471 -13.66 -7.18 -33.94
N VAL A 472 -13.61 -7.10 -35.27
CA VAL A 472 -13.20 -5.88 -35.97
C VAL A 472 -14.42 -5.00 -36.15
N THR A 473 -14.29 -3.73 -35.78
CA THR A 473 -15.39 -2.78 -35.86
C THR A 473 -14.84 -1.39 -36.09
N ARG A 474 -15.64 -0.57 -36.77
CA ARG A 474 -15.37 0.86 -36.88
C ARG A 474 -16.16 1.66 -35.84
N ASN A 475 -16.95 0.98 -35.02
CA ASN A 475 -17.80 1.64 -34.03
C ASN A 475 -17.06 1.67 -32.70
N PRO A 476 -16.60 2.84 -32.24
CA PRO A 476 -15.81 2.88 -30.99
C PRO A 476 -16.54 2.33 -29.78
N GLN A 477 -17.82 2.66 -29.61
CA GLN A 477 -18.58 2.13 -28.47
C GLN A 477 -18.69 0.62 -28.55
N THR A 478 -18.94 0.07 -29.74
CA THR A 478 -19.04 -1.38 -29.90
C THR A 478 -17.75 -2.05 -29.48
N ALA A 479 -16.60 -1.42 -29.76
CA ALA A 479 -15.33 -1.98 -29.33
C ALA A 479 -15.21 -2.00 -27.82
N ARG A 480 -15.58 -0.90 -27.16
CA ARG A 480 -15.49 -0.83 -25.71
C ARG A 480 -16.48 -1.79 -25.05
N GLN A 481 -17.70 -1.87 -25.57
CA GLN A 481 -18.72 -2.74 -24.99
C GLN A 481 -18.40 -4.21 -25.19
N ALA A 482 -17.54 -4.55 -26.14
CA ALA A 482 -17.18 -5.94 -26.38
C ALA A 482 -16.45 -6.56 -25.19
N HIS A 483 -15.90 -5.74 -24.30
CA HIS A 483 -15.16 -6.26 -23.16
C HIS A 483 -16.04 -7.05 -22.20
N LEU A 484 -17.37 -6.88 -22.29
CA LEU A 484 -18.25 -7.57 -21.36
C LEU A 484 -18.33 -9.07 -21.64
N TYR A 485 -18.07 -9.49 -22.87
CA TYR A 485 -18.27 -10.87 -23.29
C TYR A 485 -16.94 -11.62 -23.28
N ARG A 486 -16.99 -12.87 -22.82
CA ARG A 486 -15.78 -13.66 -22.64
C ARG A 486 -15.16 -14.02 -23.99
N GLY A 487 -13.85 -13.79 -24.11
CA GLY A 487 -13.10 -14.18 -25.27
C GLY A 487 -13.01 -13.15 -26.37
N ILE A 488 -13.89 -12.16 -26.39
CA ILE A 488 -13.92 -11.18 -27.46
C ILE A 488 -12.76 -10.21 -27.30
N PHE A 489 -11.90 -10.13 -28.32
CA PHE A 489 -10.75 -9.23 -28.37
C PHE A 489 -11.05 -8.15 -29.40
N PRO A 490 -11.66 -7.02 -29.01
CA PRO A 490 -12.09 -6.03 -30.00
C PRO A 490 -10.94 -5.20 -30.54
N VAL A 491 -11.00 -4.90 -31.82
CA VAL A 491 -10.03 -4.02 -32.48
C VAL A 491 -10.80 -2.93 -33.22
N LEU A 492 -10.42 -1.68 -32.99
CA LEU A 492 -11.08 -0.54 -33.62
C LEU A 492 -10.33 -0.18 -34.90
N CYS A 493 -10.93 -0.50 -36.04
CA CYS A 493 -10.36 -0.16 -37.33
C CYS A 493 -10.74 1.27 -37.70
N LYS A 494 -9.73 2.12 -37.90
CA LYS A 494 -9.96 3.53 -38.20
C LYS A 494 -9.67 3.89 -39.64
N ASP A 495 -9.19 2.96 -40.45
CA ASP A 495 -8.97 3.23 -41.86
C ASP A 495 -10.29 3.62 -42.53
N PRO A 496 -10.24 4.50 -43.53
CA PRO A 496 -11.48 4.93 -44.19
C PRO A 496 -12.16 3.77 -44.91
N VAL A 497 -13.45 3.94 -45.18
CA VAL A 497 -14.23 2.91 -45.84
C VAL A 497 -13.97 2.99 -47.35
N GLN A 498 -13.55 1.87 -47.94
CA GLN A 498 -13.24 1.84 -49.35
C GLN A 498 -14.50 1.90 -50.19
N GLU A 499 -14.32 2.24 -51.48
CA GLU A 499 -15.46 2.30 -52.39
C GLU A 499 -16.01 0.90 -52.66
N ALA A 500 -15.13 -0.07 -52.90
CA ALA A 500 -15.55 -1.46 -53.10
C ALA A 500 -15.78 -2.10 -51.74
N TRP A 501 -17.03 -2.47 -51.45
CA TRP A 501 -17.36 -3.05 -50.16
C TRP A 501 -16.54 -4.29 -49.88
N ALA A 502 -16.35 -5.14 -50.90
CA ALA A 502 -15.53 -6.33 -50.72
C ALA A 502 -14.11 -5.97 -50.29
N GLU A 503 -13.55 -4.90 -50.87
CA GLU A 503 -12.23 -4.45 -50.46
C GLU A 503 -12.25 -3.90 -49.04
N ASP A 504 -13.33 -3.23 -48.65
CA ASP A 504 -13.45 -2.76 -47.27
C ASP A 504 -13.60 -3.93 -46.31
N VAL A 505 -14.31 -4.98 -46.72
CA VAL A 505 -14.42 -6.19 -45.90
C VAL A 505 -13.05 -6.85 -45.79
N ASP A 506 -12.39 -7.06 -46.93
CA ASP A 506 -11.05 -7.67 -46.92
C ASP A 506 -10.06 -6.83 -46.15
N LEU A 507 -10.24 -5.51 -46.14
CA LEU A 507 -9.33 -4.63 -45.40
C LEU A 507 -9.40 -4.91 -43.91
N ARG A 508 -10.60 -4.94 -43.35
CA ARG A 508 -10.75 -5.18 -41.92
C ARG A 508 -10.32 -6.59 -41.53
N VAL A 509 -10.47 -7.56 -42.43
CA VAL A 509 -9.99 -8.91 -42.16
C VAL A 509 -8.48 -8.92 -42.04
N ASN A 510 -7.78 -8.25 -42.97
CA ASN A 510 -6.33 -8.16 -42.90
C ASN A 510 -5.87 -7.37 -41.68
N PHE A 511 -6.63 -6.36 -41.27
CA PHE A 511 -6.32 -5.63 -40.05
C PHE A 511 -6.32 -6.58 -38.85
N ALA A 512 -7.33 -7.45 -38.75
CA ALA A 512 -7.36 -8.43 -37.68
C ALA A 512 -6.20 -9.41 -37.80
N MET A 513 -5.85 -9.81 -39.03
CA MET A 513 -4.67 -10.63 -39.25
C MET A 513 -3.43 -9.93 -38.68
N ASN A 514 -3.32 -8.62 -38.89
CA ASN A 514 -2.15 -7.89 -38.43
C ASN A 514 -2.09 -7.81 -36.92
N VAL A 515 -3.23 -7.53 -36.27
CA VAL A 515 -3.22 -7.44 -34.81
C VAL A 515 -3.03 -8.82 -34.19
N GLY A 516 -3.57 -9.88 -34.82
CA GLY A 516 -3.34 -11.21 -34.31
C GLY A 516 -1.89 -11.64 -34.45
N LYS A 517 -1.27 -11.34 -35.58
CA LYS A 517 0.16 -11.59 -35.73
C LYS A 517 0.98 -10.75 -34.76
N ALA A 518 0.64 -9.48 -34.62
CA ALA A 518 1.42 -8.58 -33.78
C ALA A 518 1.31 -8.95 -32.31
N ARG A 519 0.11 -9.28 -31.85
CA ARG A 519 -0.12 -9.58 -30.43
C ARG A 519 0.22 -11.02 -30.07
N GLY A 520 0.70 -11.83 -31.02
CA GLY A 520 1.13 -13.18 -30.71
C GLY A 520 0.04 -14.22 -30.71
N PHE A 521 -1.16 -13.90 -31.20
CA PHE A 521 -2.25 -14.87 -31.20
C PHE A 521 -1.99 -15.98 -32.20
N PHE A 522 -1.38 -15.66 -33.34
CA PHE A 522 -1.05 -16.64 -34.35
C PHE A 522 0.06 -16.09 -35.23
N LYS A 523 0.75 -17.00 -35.92
CA LYS A 523 1.79 -16.64 -36.86
C LYS A 523 1.32 -16.92 -38.28
N LYS A 524 2.13 -16.48 -39.24
CA LYS A 524 1.84 -16.76 -40.64
C LYS A 524 1.87 -18.27 -40.88
N GLY A 525 0.97 -18.74 -41.75
CA GLY A 525 0.80 -20.16 -41.98
C GLY A 525 -0.23 -20.81 -41.08
N ASP A 526 -0.55 -20.22 -39.94
CA ASP A 526 -1.62 -20.72 -39.10
C ASP A 526 -2.96 -20.55 -39.79
N VAL A 527 -3.99 -21.15 -39.20
CA VAL A 527 -5.34 -21.14 -39.75
C VAL A 527 -6.24 -20.39 -38.78
N VAL A 528 -7.07 -19.48 -39.32
CA VAL A 528 -8.03 -18.74 -38.53
C VAL A 528 -9.39 -18.81 -39.21
N ILE A 529 -10.44 -18.57 -38.42
CA ILE A 529 -11.81 -18.55 -38.90
C ILE A 529 -12.25 -17.10 -39.04
N VAL A 530 -12.82 -16.76 -40.19
CA VAL A 530 -13.24 -15.40 -40.49
C VAL A 530 -14.74 -15.40 -40.77
N LEU A 531 -15.47 -14.54 -40.06
CA LEU A 531 -16.91 -14.41 -40.21
C LEU A 531 -17.25 -13.04 -40.78
N THR A 532 -17.85 -13.02 -41.96
CA THR A 532 -18.37 -11.80 -42.54
C THR A 532 -19.83 -12.00 -42.92
N GLY A 533 -20.40 -11.05 -43.69
CA GLY A 533 -21.75 -11.16 -44.17
C GLY A 533 -21.84 -11.01 -45.67
N TRP A 534 -23.07 -11.01 -46.16
CA TRP A 534 -23.33 -10.94 -47.59
C TRP A 534 -23.76 -9.56 -48.06
N ARG A 535 -24.00 -8.61 -47.15
CA ARG A 535 -24.35 -7.25 -47.52
C ARG A 535 -24.00 -6.32 -46.36
N PRO A 536 -23.67 -5.07 -46.63
CA PRO A 536 -23.37 -4.14 -45.53
C PRO A 536 -24.59 -3.88 -44.67
N GLY A 537 -24.32 -3.49 -43.43
CA GLY A 537 -25.36 -3.28 -42.44
C GLY A 537 -25.37 -4.38 -41.39
N SER A 538 -26.13 -4.13 -40.33
CA SER A 538 -26.16 -5.04 -39.20
C SER A 538 -27.05 -6.25 -39.49
N GLY A 539 -26.82 -7.32 -38.74
CA GLY A 539 -27.40 -8.61 -39.04
C GLY A 539 -26.58 -9.31 -40.10
N PHE A 540 -27.26 -9.92 -41.07
CA PHE A 540 -26.65 -10.39 -42.32
C PHE A 540 -25.28 -11.04 -42.15
N THR A 541 -25.01 -11.71 -41.04
CA THR A 541 -23.74 -12.38 -40.85
C THR A 541 -24.03 -13.86 -41.12
N ASN A 542 -23.55 -14.35 -42.27
CA ASN A 542 -23.87 -15.72 -42.65
C ASN A 542 -22.71 -16.41 -43.37
N THR A 543 -21.50 -15.86 -43.34
CA THR A 543 -20.37 -16.40 -44.09
C THR A 543 -19.27 -16.80 -43.11
N MET A 544 -18.88 -18.07 -43.15
CA MET A 544 -17.76 -18.56 -42.36
C MET A 544 -16.72 -19.11 -43.32
N ARG A 545 -15.50 -18.59 -43.24
CA ARG A 545 -14.40 -18.98 -44.11
C ARG A 545 -13.21 -19.41 -43.27
N VAL A 546 -12.71 -20.60 -43.54
CA VAL A 546 -11.51 -21.12 -42.89
C VAL A 546 -10.33 -20.72 -43.77
N VAL A 547 -9.58 -19.72 -43.32
CA VAL A 547 -8.57 -19.10 -44.18
C VAL A 547 -7.19 -19.20 -43.53
N PRO A 548 -6.11 -19.25 -44.31
CA PRO A 548 -4.77 -19.24 -43.72
C PRO A 548 -4.32 -17.82 -43.42
N VAL A 549 -3.60 -17.67 -42.32
CA VAL A 549 -3.08 -16.37 -41.91
C VAL A 549 -2.00 -15.97 -42.91
N PRO A 550 -2.15 -14.84 -43.62
CA PRO A 550 -1.12 -14.35 -44.54
C PRO A 550 0.21 -14.10 -43.84
N GLN B 36 7.18 14.12 49.88
CA GLN B 36 6.34 15.01 50.67
C GLN B 36 5.18 14.23 51.30
N LEU B 37 5.53 13.20 52.08
CA LEU B 37 4.51 12.34 52.67
C LEU B 37 3.75 13.05 53.79
N HIS B 38 4.37 14.03 54.44
CA HIS B 38 3.69 14.77 55.50
C HIS B 38 2.68 15.74 54.93
N ALA B 39 3.03 16.45 53.85
CA ALA B 39 2.10 17.38 53.23
C ALA B 39 0.90 16.66 52.62
N ALA B 40 1.09 15.43 52.15
CA ALA B 40 0.02 14.67 51.54
C ALA B 40 -0.93 14.06 52.56
N MET B 41 -0.65 14.16 53.86
CA MET B 41 -1.52 13.64 54.90
C MET B 41 -2.37 14.73 55.54
N ALA B 42 -2.19 15.99 55.13
CA ALA B 42 -2.93 17.09 55.74
C ALA B 42 -4.39 17.06 55.32
N ASP B 43 -5.28 17.35 56.26
CA ASP B 43 -6.71 17.35 56.00
C ASP B 43 -7.17 18.55 55.20
N THR B 44 -6.33 19.57 55.03
CA THR B 44 -6.66 20.76 54.26
C THR B 44 -5.56 21.06 53.27
N PHE B 45 -5.90 21.88 52.26
CA PHE B 45 -4.89 22.32 51.30
C PHE B 45 -3.92 23.30 51.93
N LEU B 46 -4.42 24.19 52.80
CA LEU B 46 -3.55 25.19 53.42
C LEU B 46 -2.48 24.53 54.28
N GLU B 47 -2.88 23.64 55.18
CA GLU B 47 -1.90 22.93 56.01
C GLU B 47 -0.96 22.09 55.14
N HIS B 48 -1.48 21.51 54.05
CA HIS B 48 -0.63 20.80 53.12
C HIS B 48 0.46 21.72 52.55
N MET B 49 0.12 22.99 52.34
CA MET B 49 1.12 23.96 51.89
C MET B 49 2.09 24.31 53.01
N CYS B 50 1.57 24.54 54.22
CA CYS B 50 2.44 24.82 55.36
C CYS B 50 3.35 23.65 55.70
N ARG B 51 2.96 22.42 55.36
CA ARG B 51 3.76 21.25 55.63
C ARG B 51 4.77 20.96 54.53
N LEU B 52 4.80 21.76 53.47
CA LEU B 52 5.76 21.57 52.38
C LEU B 52 7.18 21.67 52.89
N ASP B 53 7.86 20.54 53.00
CA ASP B 53 9.22 20.49 53.52
C ASP B 53 10.21 20.55 52.38
N ILE B 54 11.10 21.54 52.41
CA ILE B 54 12.15 21.64 51.40
C ILE B 54 13.24 20.60 51.60
N ASP B 55 13.18 19.82 52.69
CA ASP B 55 14.15 18.79 52.98
C ASP B 55 13.60 17.39 52.79
N SER B 56 12.39 17.25 52.23
CA SER B 56 11.83 15.95 51.92
C SER B 56 12.20 15.56 50.50
N PRO B 57 13.16 14.65 50.33
CA PRO B 57 13.65 14.33 48.98
C PRO B 57 12.58 13.65 48.15
N PRO B 58 12.53 13.94 46.85
CA PRO B 58 11.48 13.36 46.00
C PRO B 58 11.72 11.88 45.72
N ILE B 59 10.77 11.24 45.04
CA ILE B 59 10.93 9.87 44.59
C ILE B 59 11.87 9.87 43.40
N THR B 60 12.27 8.68 42.93
CA THR B 60 13.18 8.60 41.80
C THR B 60 12.47 8.90 40.48
N ALA B 61 11.23 8.44 40.33
CA ALA B 61 10.50 8.62 39.09
C ALA B 61 10.04 10.05 38.92
N ARG B 62 10.20 10.58 37.71
CA ARG B 62 9.71 11.90 37.33
C ARG B 62 8.53 11.69 36.38
N ASN B 63 7.31 11.94 36.89
CA ASN B 63 6.09 11.59 36.18
C ASN B 63 5.72 12.55 35.06
N THR B 64 6.39 13.70 34.97
CA THR B 64 6.04 14.72 33.97
C THR B 64 6.92 14.56 32.74
N GLY B 65 6.30 14.35 31.59
CA GLY B 65 7.06 14.26 30.36
C GLY B 65 7.79 15.55 30.03
N ILE B 66 8.93 15.42 29.38
CA ILE B 66 9.74 16.56 28.96
C ILE B 66 9.84 16.52 27.44
N ILE B 67 9.23 17.51 26.79
CA ILE B 67 9.30 17.66 25.34
C ILE B 67 10.36 18.69 25.01
N CYS B 68 11.20 18.39 24.03
CA CYS B 68 12.33 19.25 23.67
C CYS B 68 12.28 19.55 22.19
N THR B 69 12.24 20.84 21.84
CA THR B 69 12.35 21.25 20.45
C THR B 69 13.79 21.12 19.99
N ILE B 70 14.01 20.41 18.89
CA ILE B 70 15.34 20.13 18.39
C ILE B 70 15.74 21.21 17.39
N GLY B 71 16.97 21.70 17.52
CA GLY B 71 17.48 22.73 16.65
C GLY B 71 18.98 22.66 16.48
N PRO B 72 19.58 23.74 15.98
CA PRO B 72 21.04 23.75 15.76
C PRO B 72 21.86 23.40 16.99
N ALA B 73 21.46 23.85 18.17
CA ALA B 73 22.21 23.57 19.39
C ALA B 73 21.90 22.19 19.97
N SER B 74 21.02 21.41 19.34
CA SER B 74 20.58 20.14 19.90
C SER B 74 20.56 19.01 18.87
N ARG B 75 21.05 19.25 17.65
CA ARG B 75 20.86 18.29 16.58
C ARG B 75 21.94 17.22 16.51
N SER B 76 23.13 17.47 17.06
CA SER B 76 24.18 16.47 17.03
C SER B 76 23.76 15.23 17.81
N VAL B 77 23.99 14.05 17.22
CA VAL B 77 23.65 12.81 17.92
C VAL B 77 24.49 12.65 19.18
N GLU B 78 25.65 13.29 19.23
CA GLU B 78 26.39 13.39 20.48
C GLU B 78 25.58 14.17 21.51
N THR B 79 24.97 15.28 21.08
CA THR B 79 24.11 16.06 21.97
C THR B 79 22.81 15.33 22.26
N LEU B 80 22.18 14.78 21.21
CA LEU B 80 20.88 14.15 21.37
C LEU B 80 20.94 12.97 22.33
N LYS B 81 22.07 12.24 22.33
CA LYS B 81 22.26 11.20 23.34
C LYS B 81 22.28 11.81 24.74
N GLU B 82 22.90 12.98 24.89
CA GLU B 82 23.00 13.62 26.19
C GLU B 82 21.66 14.17 26.67
N MET B 83 20.75 14.48 25.74
CA MET B 83 19.43 14.95 26.13
C MET B 83 18.52 13.80 26.55
N ILE B 84 18.66 12.65 25.88
CA ILE B 84 17.93 11.45 26.31
C ILE B 84 18.35 11.06 27.71
N LYS B 85 19.65 11.11 27.99
CA LYS B 85 20.15 10.76 29.31
C LYS B 85 19.84 11.81 30.36
N SER B 86 19.65 13.07 29.95
CA SER B 86 19.27 14.13 30.87
C SER B 86 17.78 14.22 31.09
N GLY B 87 16.97 13.47 30.34
CA GLY B 87 15.56 13.37 30.63
C GLY B 87 14.59 13.61 29.49
N MET B 88 15.10 13.84 28.28
CA MET B 88 14.20 14.10 27.16
C MET B 88 13.39 12.85 26.84
N ASN B 89 12.07 13.03 26.72
CA ASN B 89 11.16 11.96 26.35
C ASN B 89 10.57 12.13 24.96
N VAL B 90 10.38 13.37 24.52
CA VAL B 90 9.82 13.67 23.20
C VAL B 90 10.69 14.74 22.54
N ALA B 91 11.09 14.49 21.29
CA ALA B 91 11.84 15.46 20.50
C ALA B 91 10.89 16.14 19.53
N ARG B 92 10.85 17.46 19.57
CA ARG B 92 9.90 18.23 18.77
C ARG B 92 10.60 18.82 17.55
N LEU B 93 9.90 18.80 16.42
CA LEU B 93 10.37 19.38 15.16
C LEU B 93 9.42 20.51 14.78
N ASN B 94 9.91 21.75 14.84
CA ASN B 94 9.09 22.90 14.47
C ASN B 94 9.19 23.09 12.97
N PHE B 95 8.15 22.67 12.25
CA PHE B 95 8.12 22.79 10.80
C PHE B 95 7.77 24.19 10.33
N SER B 96 7.78 25.18 11.23
CA SER B 96 7.67 26.57 10.80
C SER B 96 8.89 27.00 10.00
N HIS B 97 10.06 26.46 10.33
CA HIS B 97 11.28 26.69 9.57
C HIS B 97 11.93 25.35 9.26
N GLY B 98 12.75 25.33 8.22
CA GLY B 98 13.43 24.13 7.79
C GLY B 98 12.68 23.42 6.66
N THR B 99 13.41 22.58 5.96
CA THR B 99 12.88 21.81 4.84
C THR B 99 12.77 20.34 5.21
N HIS B 100 12.10 19.58 4.34
CA HIS B 100 11.85 18.17 4.63
C HIS B 100 13.14 17.38 4.74
N GLU B 101 14.11 17.66 3.86
CA GLU B 101 15.39 16.97 3.93
C GLU B 101 16.16 17.33 5.20
N TYR B 102 16.03 18.57 5.67
CA TYR B 102 16.70 18.97 6.91
C TYR B 102 16.10 18.24 8.11
N HIS B 103 14.77 18.18 8.17
CA HIS B 103 14.11 17.55 9.32
C HIS B 103 14.25 16.03 9.30
N ALA B 104 14.26 15.42 8.11
CA ALA B 104 14.53 13.99 8.01
C ALA B 104 15.90 13.66 8.59
N GLU B 105 16.85 14.59 8.49
CA GLU B 105 18.16 14.39 9.11
C GLU B 105 18.04 14.42 10.64
N THR B 106 17.27 15.36 11.18
CA THR B 106 17.09 15.42 12.64
C THR B 106 16.48 14.12 13.16
N ILE B 107 15.41 13.66 12.51
CA ILE B 107 14.75 12.41 12.92
C ILE B 107 15.77 11.28 12.92
N LYS B 108 16.46 11.08 11.80
CA LYS B 108 17.51 10.06 11.72
C LYS B 108 18.54 10.27 12.83
N ASN B 109 18.87 11.52 13.13
CA ASN B 109 19.83 11.80 14.20
C ASN B 109 19.23 11.52 15.57
N VAL B 110 17.95 11.83 15.76
CA VAL B 110 17.28 11.53 17.02
C VAL B 110 17.21 10.02 17.22
N ARG B 111 16.74 9.29 16.21
CA ARG B 111 16.57 7.85 16.34
C ARG B 111 17.90 7.15 16.59
N THR B 112 18.99 7.62 15.95
CA THR B 112 20.29 7.04 16.20
C THR B 112 20.73 7.26 17.65
N ALA B 113 20.37 8.41 18.21
CA ALA B 113 20.72 8.69 19.60
C ALA B 113 19.97 7.77 20.55
N THR B 114 18.70 7.48 20.26
CA THR B 114 17.92 6.60 21.13
C THR B 114 18.39 5.16 21.02
N GLU B 115 18.50 4.64 19.80
CA GLU B 115 18.98 3.28 19.60
C GLU B 115 20.40 3.08 20.12
N SER B 116 21.13 4.17 20.34
CA SER B 116 22.43 4.08 21.01
C SER B 116 22.30 3.42 22.38
N PHE B 117 21.12 3.47 22.99
CA PHE B 117 20.87 2.87 24.29
C PHE B 117 20.16 1.52 24.19
N ALA B 118 19.75 1.10 22.99
CA ALA B 118 19.04 -0.16 22.82
C ALA B 118 19.92 -1.38 23.06
N SER B 119 21.20 -1.19 23.38
CA SER B 119 22.04 -2.33 23.75
C SER B 119 21.54 -2.98 25.03
N ASP B 120 21.13 -2.18 26.01
CA ASP B 120 20.60 -2.68 27.27
C ASP B 120 19.09 -2.47 27.30
N PRO B 121 18.29 -3.50 27.06
CA PRO B 121 16.83 -3.31 27.05
C PRO B 121 16.25 -2.99 28.42
N ILE B 122 16.99 -3.25 29.51
CA ILE B 122 16.49 -2.98 30.85
C ILE B 122 16.61 -1.51 31.24
N LEU B 123 17.38 -0.72 30.50
CA LEU B 123 17.52 0.70 30.77
C LEU B 123 17.26 1.58 29.56
N TYR B 124 16.94 1.00 28.41
CA TYR B 124 16.66 1.77 27.21
C TYR B 124 15.39 2.59 27.40
N ARG B 125 15.48 3.89 27.13
CA ARG B 125 14.34 4.79 27.26
C ARG B 125 13.82 5.14 25.88
N PRO B 126 12.57 4.83 25.58
CA PRO B 126 12.00 5.27 24.29
C PRO B 126 11.96 6.78 24.22
N VAL B 127 12.16 7.31 23.01
CA VAL B 127 12.07 8.74 22.75
C VAL B 127 11.17 8.92 21.54
N ALA B 128 10.05 9.63 21.73
CA ALA B 128 9.15 9.91 20.64
C ALA B 128 9.59 11.17 19.91
N VAL B 129 9.14 11.29 18.67
CA VAL B 129 9.39 12.48 17.88
C VAL B 129 8.07 13.09 17.48
N ALA B 130 8.03 14.42 17.42
CA ALA B 130 6.80 15.18 17.24
C ALA B 130 6.99 16.21 16.15
N LEU B 131 5.94 16.44 15.37
CA LEU B 131 5.96 17.36 14.24
C LEU B 131 5.07 18.55 14.57
N ASP B 132 5.69 19.70 14.81
CA ASP B 132 4.96 20.95 15.03
C ASP B 132 4.73 21.61 13.68
N THR B 133 3.48 21.64 13.23
CA THR B 133 3.18 22.23 11.94
C THR B 133 3.38 23.74 11.97
N LYS B 134 3.58 24.31 10.79
CA LYS B 134 3.73 25.75 10.67
C LYS B 134 2.40 26.46 10.93
N GLY B 135 1.32 25.97 10.32
CA GLY B 135 0.01 26.55 10.49
C GLY B 135 -0.11 27.89 9.78
N PRO B 136 -1.29 28.51 9.90
CA PRO B 136 -1.47 29.85 9.30
C PRO B 136 -0.51 30.79 10.00
N GLU B 137 0.57 31.16 9.31
CA GLU B 137 1.62 32.00 9.86
C GLU B 137 1.72 33.25 8.99
N ILE B 138 1.97 34.38 9.64
CA ILE B 138 2.15 35.65 8.95
C ILE B 138 3.57 36.13 9.25
N ARG B 139 4.42 36.14 8.24
CA ARG B 139 5.80 36.56 8.37
C ARG B 139 6.05 37.80 7.52
N THR B 140 6.95 38.65 7.98
CA THR B 140 7.36 39.81 7.22
C THR B 140 8.35 39.40 6.14
N GLY B 141 8.85 40.39 5.38
CA GLY B 141 9.83 40.16 4.34
C GLY B 141 11.23 40.51 4.80
N LEU B 142 12.17 40.36 3.86
CA LEU B 142 13.57 40.67 4.14
C LEU B 142 13.76 42.18 4.27
N ILE B 143 14.64 42.57 5.17
CA ILE B 143 14.97 43.98 5.37
C ILE B 143 16.18 44.32 4.52
N LYS B 144 16.01 45.26 3.59
CA LYS B 144 17.10 45.77 2.75
C LYS B 144 17.82 44.63 2.03
N GLY B 145 17.06 43.67 1.53
CA GLY B 145 17.60 42.58 0.76
C GLY B 145 18.47 41.60 1.52
N SER B 146 18.61 41.75 2.83
CA SER B 146 19.41 40.84 3.64
C SER B 146 18.51 40.02 4.55
N GLY B 147 19.11 38.99 5.15
CA GLY B 147 18.42 38.20 6.14
C GLY B 147 18.82 38.61 7.54
N THR B 148 19.94 39.32 7.65
CA THR B 148 20.47 39.77 8.92
C THR B 148 20.26 41.26 9.18
N ALA B 149 19.90 42.04 8.16
CA ALA B 149 19.76 43.48 8.33
C ALA B 149 18.64 43.79 9.31
N GLU B 150 18.84 44.85 10.09
CA GLU B 150 17.88 45.28 11.10
C GLU B 150 17.80 46.80 11.12
N VAL B 151 16.58 47.32 11.22
CA VAL B 151 16.35 48.76 11.29
C VAL B 151 15.83 49.09 12.68
N GLU B 152 16.04 50.35 13.09
CA GLU B 152 15.60 50.85 14.38
C GLU B 152 14.25 51.53 14.19
N LEU B 153 13.21 50.95 14.78
CA LEU B 153 11.91 51.60 14.85
C LEU B 153 11.81 52.42 16.11
N LYS B 154 11.03 53.49 16.05
CA LYS B 154 10.88 54.41 17.17
C LYS B 154 9.41 54.62 17.47
N LYS B 155 9.07 54.63 18.76
CA LYS B 155 7.68 54.79 19.17
C LYS B 155 7.14 56.13 18.69
N GLY B 156 5.92 56.10 18.15
CA GLY B 156 5.29 57.28 17.61
C GLY B 156 5.61 57.56 16.16
N ALA B 157 6.65 56.94 15.61
CA ALA B 157 7.00 57.12 14.22
C ALA B 157 5.99 56.37 13.33
N THR B 158 6.15 56.51 12.03
CA THR B 158 5.23 55.95 11.05
C THR B 158 5.86 54.76 10.33
N LEU B 159 5.00 53.85 9.88
CA LEU B 159 5.43 52.69 9.12
C LEU B 159 4.27 52.22 8.25
N LYS B 160 4.54 52.02 6.97
CA LYS B 160 3.54 51.55 6.02
C LYS B 160 3.66 50.05 5.83
N ILE B 161 2.52 49.37 5.80
CA ILE B 161 2.45 47.93 5.59
C ILE B 161 1.72 47.70 4.27
N THR B 162 2.45 47.28 3.25
CA THR B 162 1.90 47.01 1.93
C THR B 162 1.98 45.53 1.62
N LEU B 163 1.04 45.06 0.80
CA LEU B 163 0.99 43.67 0.38
C LEU B 163 1.51 43.46 -1.04
N ASP B 164 1.86 44.53 -1.75
CA ASP B 164 2.40 44.40 -3.09
C ASP B 164 3.76 43.71 -3.03
N ASN B 165 3.87 42.56 -3.72
CA ASN B 165 5.04 41.70 -3.61
C ASN B 165 6.33 42.37 -4.08
N ALA B 166 6.23 43.61 -4.56
CA ALA B 166 7.42 44.34 -4.99
C ALA B 166 8.46 44.49 -3.89
N TYR B 167 8.09 45.17 -2.80
CA TYR B 167 8.97 45.43 -1.66
C TYR B 167 9.27 44.19 -0.83
N MET B 168 8.83 43.01 -1.30
CA MET B 168 8.92 41.76 -0.55
C MET B 168 10.26 41.56 0.13
N GLU B 169 11.35 41.95 -0.52
CA GLU B 169 12.69 41.88 0.05
C GLU B 169 13.37 43.25 0.04
N LYS B 170 12.58 44.30 0.27
CA LYS B 170 13.10 45.66 0.34
C LYS B 170 12.48 46.39 1.53
N CYS B 171 12.23 45.66 2.61
CA CYS B 171 11.64 46.27 3.79
C CYS B 171 12.62 47.24 4.46
N ASP B 172 12.08 48.30 5.02
CA ASP B 172 12.86 49.25 5.81
C ASP B 172 11.92 49.87 6.84
N GLU B 173 12.43 50.87 7.56
CA GLU B 173 11.63 51.54 8.58
C GLU B 173 10.45 52.31 7.99
N ASN B 174 10.36 52.40 6.66
CA ASN B 174 9.27 53.11 6.00
C ASN B 174 8.26 52.20 5.32
N ILE B 175 8.71 51.11 4.73
CA ILE B 175 7.83 50.15 4.06
C ILE B 175 8.10 48.77 4.62
N LEU B 176 7.05 48.08 5.06
CA LEU B 176 7.14 46.72 5.56
C LEU B 176 6.18 45.83 4.78
N TRP B 177 6.67 44.68 4.33
CA TRP B 177 5.89 43.73 3.56
C TRP B 177 5.60 42.51 4.40
N LEU B 178 4.37 42.00 4.32
CA LEU B 178 3.98 40.76 4.98
C LEU B 178 3.20 39.90 4.00
N ASP B 179 3.31 38.59 4.19
CA ASP B 179 2.80 37.61 3.22
C ASP B 179 1.35 37.22 3.45
N TYR B 180 0.58 38.04 4.16
CA TYR B 180 -0.86 37.85 4.33
C TYR B 180 -1.55 38.76 3.33
N LYS B 181 -1.96 38.19 2.19
CA LYS B 181 -2.50 39.00 1.10
C LYS B 181 -3.72 39.79 1.53
N ASN B 182 -4.66 39.12 2.20
CA ASN B 182 -5.90 39.77 2.64
C ASN B 182 -5.78 40.32 4.06
N ILE B 183 -4.70 41.05 4.33
CA ILE B 183 -4.45 41.62 5.64
C ILE B 183 -5.23 42.93 5.79
N CYS B 184 -6.10 43.22 4.83
CA CYS B 184 -6.92 44.42 4.86
C CYS B 184 -8.39 44.13 5.09
N LYS B 185 -8.90 43.00 4.63
CA LYS B 185 -10.27 42.57 4.90
C LYS B 185 -10.42 41.89 6.25
N VAL B 186 -9.77 42.43 7.28
CA VAL B 186 -9.79 41.83 8.62
C VAL B 186 -9.39 42.87 9.66
N VAL B 187 -8.45 43.74 9.30
CA VAL B 187 -7.91 44.74 10.21
C VAL B 187 -8.60 46.07 9.92
N GLU B 188 -9.39 46.55 10.88
CA GLU B 188 -10.09 47.82 10.74
C GLU B 188 -9.17 48.95 11.19
N VAL B 189 -9.71 50.17 11.27
CA VAL B 189 -8.91 51.34 11.63
C VAL B 189 -8.64 51.33 13.13
N GLY B 190 -7.41 51.67 13.50
CA GLY B 190 -7.04 51.75 14.90
C GLY B 190 -6.71 50.42 15.55
N SER B 191 -6.63 49.33 14.79
CA SER B 191 -6.31 48.04 15.35
C SER B 191 -4.83 47.97 15.72
N LYS B 192 -4.42 46.82 16.27
CA LYS B 192 -3.06 46.62 16.75
C LYS B 192 -2.46 45.40 16.05
N ILE B 193 -1.34 45.62 15.36
CA ILE B 193 -0.59 44.56 14.70
C ILE B 193 0.73 44.37 15.44
N TYR B 194 1.03 43.14 15.80
CA TYR B 194 2.21 42.81 16.58
C TYR B 194 3.23 42.07 15.72
N VAL B 195 4.50 42.46 15.85
CA VAL B 195 5.58 41.94 15.01
C VAL B 195 6.71 41.46 15.91
N ASP B 196 7.35 40.37 15.50
CA ASP B 196 8.55 39.82 16.15
C ASP B 196 8.33 39.26 17.56
N ASP B 197 7.43 38.27 17.61
CA ASP B 197 7.09 37.58 18.85
C ASP B 197 6.41 38.57 19.79
N GLY B 198 5.61 39.47 19.21
CA GLY B 198 4.89 40.45 19.99
C GLY B 198 5.70 41.59 20.56
N LEU B 199 7.00 41.65 20.28
CA LEU B 199 7.84 42.69 20.86
C LEU B 199 7.62 44.06 20.23
N ILE B 200 7.13 44.10 19.00
CA ILE B 200 6.88 45.36 18.29
C ILE B 200 5.38 45.50 18.09
N SER B 201 4.85 46.68 18.40
CA SER B 201 3.42 46.94 18.34
C SER B 201 3.14 48.04 17.32
N LEU B 202 2.17 47.79 16.45
CA LEU B 202 1.70 48.77 15.48
C LEU B 202 0.27 49.17 15.79
N GLN B 203 -0.06 50.42 15.46
CA GLN B 203 -1.41 50.94 15.60
C GLN B 203 -1.84 51.48 14.24
N VAL B 204 -2.81 50.82 13.60
CA VAL B 204 -3.25 51.25 12.29
C VAL B 204 -3.89 52.64 12.36
N LYS B 205 -3.92 53.31 11.21
CA LYS B 205 -4.50 54.65 11.14
C LYS B 205 -5.17 54.83 9.78
N GLN B 206 -4.80 54.01 8.80
CA GLN B 206 -5.29 54.16 7.45
C GLN B 206 -5.30 52.80 6.76
N LYS B 207 -6.37 52.53 6.03
CA LYS B 207 -6.49 51.33 5.22
C LYS B 207 -6.65 51.72 3.77
N GLY B 208 -5.91 51.06 2.88
CA GLY B 208 -5.96 51.38 1.47
C GLY B 208 -6.06 50.15 0.59
N ALA B 209 -6.77 49.13 1.06
CA ALA B 209 -6.98 47.87 0.34
C ALA B 209 -5.66 47.11 0.28
N ASP B 210 -4.57 47.80 -0.04
CA ASP B 210 -3.28 47.19 -0.32
C ASP B 210 -2.22 47.72 0.63
N PHE B 211 -2.49 48.81 1.35
CA PHE B 211 -1.52 49.42 2.25
C PHE B 211 -2.16 49.74 3.59
N LEU B 212 -1.32 50.01 4.58
CA LEU B 212 -1.76 50.37 5.92
C LEU B 212 -0.77 51.39 6.48
N VAL B 213 -1.28 52.55 6.87
CA VAL B 213 -0.42 53.61 7.42
C VAL B 213 -0.54 53.52 8.94
N THR B 214 0.22 52.61 9.52
CA THR B 214 0.19 52.39 10.95
C THR B 214 1.13 53.36 11.66
N GLU B 215 1.17 53.26 12.98
CA GLU B 215 2.06 54.07 13.80
C GLU B 215 2.64 53.18 14.90
N VAL B 216 3.95 53.30 15.11
CA VAL B 216 4.64 52.45 16.08
C VAL B 216 4.27 52.87 17.49
N GLU B 217 3.83 51.90 18.29
CA GLU B 217 3.57 52.11 19.70
C GLU B 217 4.73 51.67 20.59
N ASN B 218 5.39 50.56 20.24
CA ASN B 218 6.59 50.11 20.94
C ASN B 218 7.61 49.69 19.88
N GLY B 219 8.74 50.37 19.84
CA GLY B 219 9.73 50.18 18.81
C GLY B 219 10.89 49.28 19.24
N GLY B 220 11.81 49.10 18.30
CA GLY B 220 12.97 48.26 18.53
C GLY B 220 13.57 47.85 17.20
N SER B 221 14.60 47.01 17.30
CA SER B 221 15.23 46.47 16.11
C SER B 221 14.26 45.59 15.35
N LEU B 222 13.91 46.00 14.13
CA LEU B 222 13.03 45.22 13.28
C LEU B 222 13.87 44.34 12.36
N GLY B 223 13.59 43.03 12.40
CA GLY B 223 14.34 42.06 11.64
C GLY B 223 13.62 41.62 10.37
N SER B 224 14.21 40.62 9.71
CA SER B 224 13.67 40.06 8.49
C SER B 224 12.91 38.78 8.79
N LYS B 225 11.79 38.59 8.08
CA LYS B 225 10.97 37.38 8.20
C LYS B 225 10.53 37.15 9.64
N LYS B 226 10.08 38.21 10.32
CA LYS B 226 9.60 38.12 11.68
C LYS B 226 8.11 37.78 11.70
N GLY B 227 7.70 37.05 12.73
CA GLY B 227 6.31 36.64 12.83
C GLY B 227 5.41 37.83 13.14
N VAL B 228 4.21 37.79 12.56
CA VAL B 228 3.20 38.84 12.75
C VAL B 228 1.99 38.22 13.42
N ASN B 229 1.46 38.91 14.43
CA ASN B 229 0.28 38.47 15.15
C ASN B 229 -0.80 39.54 15.04
N LEU B 230 -1.98 39.13 14.59
CA LEU B 230 -3.13 40.03 14.43
C LEU B 230 -4.21 39.62 15.42
N PRO B 231 -4.22 40.16 16.63
CA PRO B 231 -5.22 39.75 17.62
C PRO B 231 -6.59 40.32 17.33
N GLY B 232 -7.61 39.53 17.66
CA GLY B 232 -8.99 39.94 17.46
C GLY B 232 -9.32 40.23 16.01
N ALA B 233 -9.02 39.29 15.13
CA ALA B 233 -9.28 39.45 13.71
C ALA B 233 -9.54 38.09 13.10
N ALA B 234 -10.54 38.02 12.22
CA ALA B 234 -10.84 36.77 11.53
C ALA B 234 -9.75 36.46 10.52
N VAL B 235 -8.70 35.76 10.98
CA VAL B 235 -7.62 35.34 10.09
C VAL B 235 -8.29 34.31 9.21
N ASP B 236 -8.50 34.65 7.93
CA ASP B 236 -9.18 33.76 7.00
C ASP B 236 -8.15 32.82 6.37
N LEU B 237 -6.91 32.83 6.83
CA LEU B 237 -5.94 31.84 6.39
C LEU B 237 -6.37 30.45 6.85
N PRO B 238 -6.05 29.41 6.09
CA PRO B 238 -6.52 28.07 6.45
C PRO B 238 -5.71 27.47 7.60
N ALA B 239 -6.39 26.64 8.39
CA ALA B 239 -5.71 25.95 9.49
C ALA B 239 -4.76 24.88 8.95
N VAL B 240 -5.15 24.21 7.88
CA VAL B 240 -4.30 23.23 7.21
C VAL B 240 -3.95 23.82 5.84
N SER B 241 -2.71 24.32 5.72
CA SER B 241 -2.27 24.91 4.47
C SER B 241 -1.81 23.83 3.50
N GLU B 242 -1.52 24.26 2.26
CA GLU B 242 -0.91 23.35 1.30
C GLU B 242 0.48 22.93 1.75
N LYS B 243 1.21 23.85 2.38
CA LYS B 243 2.50 23.50 2.96
C LYS B 243 2.34 22.55 4.14
N ASP B 244 1.24 22.67 4.87
CA ASP B 244 0.97 21.74 5.98
C ASP B 244 0.52 20.38 5.49
N ILE B 245 -0.23 20.33 4.38
CA ILE B 245 -0.67 19.06 3.82
C ILE B 245 0.54 18.24 3.35
N GLN B 246 1.57 18.91 2.83
CA GLN B 246 2.79 18.21 2.45
C GLN B 246 3.65 17.87 3.66
N ASP B 247 3.66 18.73 4.68
CA ASP B 247 4.43 18.44 5.89
C ASP B 247 3.80 17.29 6.68
N LEU B 248 2.47 17.21 6.69
CA LEU B 248 1.80 16.12 7.37
C LEU B 248 2.03 14.79 6.66
N LYS B 249 1.94 14.79 5.33
CA LYS B 249 2.28 13.59 4.56
C LYS B 249 3.74 13.20 4.77
N PHE B 250 4.62 14.19 4.91
CA PHE B 250 6.01 13.89 5.26
C PHE B 250 6.09 13.26 6.65
N GLY B 251 5.22 13.70 7.57
CA GLY B 251 5.22 13.12 8.90
C GLY B 251 4.78 11.66 8.91
N VAL B 252 3.71 11.36 8.18
CA VAL B 252 3.24 9.98 8.10
C VAL B 252 4.32 9.08 7.48
N GLU B 253 5.06 9.61 6.51
CA GLU B 253 6.10 8.83 5.86
C GLU B 253 7.31 8.63 6.76
N GLN B 254 7.56 9.58 7.67
CA GLN B 254 8.74 9.53 8.52
C GLN B 254 8.51 8.78 9.83
N ASP B 255 7.33 8.19 10.03
CA ASP B 255 7.05 7.35 11.20
C ASP B 255 7.22 8.13 12.50
N VAL B 256 6.60 9.32 12.54
CA VAL B 256 6.63 10.14 13.76
C VAL B 256 5.59 9.58 14.72
N ASP B 257 5.47 10.16 15.91
CA ASP B 257 4.58 9.62 16.94
C ASP B 257 3.39 10.52 17.26
N MET B 258 3.48 11.81 16.95
CA MET B 258 2.39 12.73 17.22
C MET B 258 2.57 13.97 16.36
N VAL B 259 1.50 14.74 16.24
CA VAL B 259 1.49 15.95 15.43
C VAL B 259 1.04 17.11 16.31
N PHE B 260 1.92 18.11 16.46
CA PHE B 260 1.59 19.34 17.18
C PHE B 260 1.08 20.33 16.15
N ALA B 261 -0.22 20.28 15.87
CA ALA B 261 -0.82 21.24 14.94
C ALA B 261 -1.02 22.58 15.64
N SER B 262 -0.91 23.65 14.87
CA SER B 262 -0.95 25.01 15.41
C SER B 262 -2.20 25.76 14.96
N PHE B 263 -2.65 26.67 15.81
CA PHE B 263 -3.70 27.64 15.47
C PHE B 263 -5.00 26.96 15.07
N ILE B 264 -5.40 25.95 15.85
CA ILE B 264 -6.67 25.28 15.64
C ILE B 264 -7.77 26.15 16.24
N ARG B 265 -8.62 26.70 15.39
CA ARG B 265 -9.71 27.56 15.85
C ARG B 265 -11.02 26.80 16.03
N LYS B 266 -11.18 25.65 15.38
CA LYS B 266 -12.40 24.87 15.49
C LYS B 266 -12.06 23.39 15.32
N ALA B 267 -13.01 22.54 15.73
CA ALA B 267 -12.77 21.10 15.65
C ALA B 267 -12.64 20.64 14.20
N SER B 268 -13.31 21.32 13.27
CA SER B 268 -13.16 20.97 11.85
C SER B 268 -11.70 21.05 11.41
N ASP B 269 -10.96 22.00 11.98
CA ASP B 269 -9.52 22.06 11.70
C ASP B 269 -8.82 20.78 12.15
N VAL B 270 -9.24 20.21 13.28
CA VAL B 270 -8.67 18.95 13.72
C VAL B 270 -9.07 17.83 12.78
N HIS B 271 -10.27 17.91 12.19
CA HIS B 271 -10.70 16.89 11.25
C HIS B 271 -9.95 16.97 9.93
N GLU B 272 -9.58 18.19 9.51
CA GLU B 272 -8.72 18.32 8.32
C GLU B 272 -7.38 17.65 8.54
N VAL B 273 -6.77 17.86 9.70
CA VAL B 273 -5.50 17.20 10.02
C VAL B 273 -5.71 15.69 10.09
N ARG B 274 -6.85 15.24 10.63
CA ARG B 274 -7.11 13.82 10.74
C ARG B 274 -7.24 13.16 9.38
N LYS B 275 -7.98 13.80 8.47
CA LYS B 275 -8.16 13.23 7.13
C LYS B 275 -6.84 13.20 6.36
N VAL B 276 -6.06 14.29 6.44
CA VAL B 276 -4.80 14.35 5.71
C VAL B 276 -3.87 13.22 6.16
N LEU B 277 -3.91 12.87 7.45
CA LEU B 277 -3.08 11.77 7.93
C LEU B 277 -3.58 10.43 7.42
N GLY B 278 -4.88 10.33 7.10
CA GLY B 278 -5.48 9.17 6.50
C GLY B 278 -5.32 7.88 7.29
N GLU B 279 -5.52 6.77 6.58
CA GLU B 279 -5.45 5.45 7.21
C GLU B 279 -4.03 5.05 7.54
N LYS B 280 -3.07 5.42 6.70
CA LYS B 280 -1.67 5.09 6.98
C LYS B 280 -1.15 5.82 8.22
N GLY B 281 -1.75 6.96 8.58
CA GLY B 281 -1.36 7.67 9.78
C GLY B 281 -2.47 7.73 10.79
N LYS B 282 -3.29 6.68 10.86
CA LYS B 282 -4.42 6.66 11.78
C LYS B 282 -3.98 6.57 13.24
N ASN B 283 -2.78 6.07 13.51
CA ASN B 283 -2.32 5.85 14.88
C ASN B 283 -1.60 7.06 15.47
N ILE B 284 -1.26 8.06 14.66
CA ILE B 284 -0.46 9.18 15.13
C ILE B 284 -1.38 10.17 15.85
N LYS B 285 -0.96 10.59 17.04
CA LYS B 285 -1.80 11.47 17.85
C LYS B 285 -1.78 12.90 17.32
N ILE B 286 -2.94 13.54 17.36
CA ILE B 286 -3.08 14.94 16.97
C ILE B 286 -3.20 15.77 18.25
N ILE B 287 -2.18 16.59 18.52
CA ILE B 287 -2.14 17.41 19.71
C ILE B 287 -2.45 18.84 19.29
N SER B 288 -3.66 19.31 19.63
CA SER B 288 -4.07 20.65 19.24
C SER B 288 -3.34 21.69 20.08
N LYS B 289 -2.69 22.63 19.40
CA LYS B 289 -2.11 23.80 20.06
C LYS B 289 -3.11 24.94 19.98
N ILE B 290 -3.55 25.42 21.14
CA ILE B 290 -4.44 26.57 21.22
C ILE B 290 -3.58 27.82 21.32
N GLU B 291 -3.67 28.69 20.32
CA GLU B 291 -2.82 29.87 20.23
C GLU B 291 -3.60 31.15 19.99
N ASN B 292 -4.92 31.14 20.04
CA ASN B 292 -5.72 32.30 19.69
C ASN B 292 -6.97 32.36 20.55
N HIS B 293 -7.75 33.42 20.35
CA HIS B 293 -8.97 33.63 21.14
C HIS B 293 -10.08 32.69 20.72
N GLU B 294 -10.12 32.29 19.45
CA GLU B 294 -11.15 31.35 19.01
C GLU B 294 -10.90 29.95 19.58
N GLY B 295 -9.62 29.58 19.72
CA GLY B 295 -9.30 28.26 20.23
C GLY B 295 -9.82 28.03 21.64
N VAL B 296 -9.55 28.98 22.54
CA VAL B 296 -10.02 28.85 23.92
C VAL B 296 -11.54 28.93 23.97
N ARG B 297 -12.14 29.79 23.14
CA ARG B 297 -13.59 29.93 23.14
C ARG B 297 -14.27 28.65 22.67
N ARG B 298 -13.59 27.85 21.86
CA ARG B 298 -14.12 26.58 21.37
C ARG B 298 -13.28 25.41 21.86
N PHE B 299 -12.66 25.55 23.04
CA PHE B 299 -11.75 24.52 23.53
C PHE B 299 -12.46 23.19 23.73
N ASP B 300 -13.65 23.22 24.32
CA ASP B 300 -14.38 21.98 24.58
C ASP B 300 -14.65 21.22 23.28
N GLU B 301 -15.16 21.91 22.27
CA GLU B 301 -15.39 21.29 20.97
C GLU B 301 -14.08 20.79 20.36
N ILE B 302 -12.98 21.49 20.58
CA ILE B 302 -11.70 21.07 20.03
C ILE B 302 -11.15 19.87 20.79
N LEU B 303 -11.23 19.89 22.13
CA LEU B 303 -10.67 18.82 22.93
C LEU B 303 -11.34 17.48 22.64
N GLU B 304 -12.63 17.49 22.32
CA GLU B 304 -13.32 16.26 21.94
C GLU B 304 -12.83 15.72 20.60
N ALA B 305 -12.29 16.57 19.74
CA ALA B 305 -11.84 16.14 18.42
C ALA B 305 -10.36 15.77 18.37
N SER B 306 -9.58 16.17 19.36
CA SER B 306 -8.15 15.92 19.36
C SER B 306 -7.80 14.76 20.29
N ASP B 307 -6.56 14.32 20.17
CA ASP B 307 -6.00 13.33 21.08
C ASP B 307 -5.22 13.95 22.23
N GLY B 308 -5.05 15.26 22.21
CA GLY B 308 -4.31 15.95 23.25
C GLY B 308 -4.36 17.45 23.02
N ILE B 309 -3.73 18.18 23.93
CA ILE B 309 -3.75 19.64 23.93
C ILE B 309 -2.36 20.15 24.25
N MET B 310 -1.93 21.21 23.55
CA MET B 310 -0.76 21.97 23.94
C MET B 310 -1.18 23.40 24.23
N VAL B 311 -0.75 23.93 25.38
CA VAL B 311 -1.19 25.25 25.79
C VAL B 311 -0.62 26.33 24.86
N ALA B 312 0.60 26.13 24.36
CA ALA B 312 1.27 27.03 23.42
C ALA B 312 1.14 28.49 23.86
N ARG B 313 1.80 28.78 24.98
CA ARG B 313 1.63 30.09 25.62
C ARG B 313 2.22 31.22 24.80
N GLY B 314 3.25 30.95 24.00
CA GLY B 314 3.91 31.97 23.20
C GLY B 314 2.96 32.77 22.32
N ASP B 315 2.36 32.12 21.33
CA ASP B 315 1.39 32.80 20.48
C ASP B 315 0.14 33.20 21.25
N LEU B 316 -0.22 32.43 22.27
CA LEU B 316 -1.44 32.72 23.02
C LEU B 316 -1.32 34.00 23.82
N GLY B 317 -0.14 34.29 24.37
CA GLY B 317 0.06 35.51 25.13
C GLY B 317 -0.01 36.77 24.29
N ILE B 318 0.08 36.66 22.97
CA ILE B 318 -0.02 37.82 22.11
C ILE B 318 -1.44 38.00 21.60
N GLU B 319 -2.13 36.90 21.28
CA GLU B 319 -3.50 36.99 20.76
C GLU B 319 -4.48 37.38 21.84
N ILE B 320 -4.24 36.97 23.09
CA ILE B 320 -5.06 37.38 24.22
C ILE B 320 -4.15 38.14 25.18
N PRO B 321 -4.72 38.97 26.06
CA PRO B 321 -3.89 39.70 27.03
C PRO B 321 -3.00 38.75 27.82
N ALA B 322 -1.76 39.17 28.06
CA ALA B 322 -0.80 38.30 28.75
C ALA B 322 -1.23 38.00 30.17
N GLU B 323 -1.95 38.91 30.82
CA GLU B 323 -2.40 38.68 32.19
C GLU B 323 -3.48 37.63 32.29
N LYS B 324 -4.01 37.16 31.16
CA LYS B 324 -5.05 36.14 31.16
C LYS B 324 -4.55 34.76 30.75
N VAL B 325 -3.27 34.65 30.38
CA VAL B 325 -2.74 33.38 29.91
C VAL B 325 -2.83 32.31 30.98
N PHE B 326 -2.50 32.67 32.23
CA PHE B 326 -2.57 31.71 33.32
C PHE B 326 -3.98 31.19 33.54
N LEU B 327 -4.99 32.04 33.29
CA LEU B 327 -6.37 31.58 33.35
C LEU B 327 -6.64 30.51 32.29
N ALA B 328 -6.23 30.78 31.05
CA ALA B 328 -6.44 29.83 29.98
C ALA B 328 -5.65 28.54 30.21
N GLN B 329 -4.42 28.66 30.67
CA GLN B 329 -3.61 27.48 30.93
C GLN B 329 -4.24 26.61 32.00
N LYS B 330 -4.69 27.21 33.10
CA LYS B 330 -5.29 26.44 34.18
C LYS B 330 -6.61 25.82 33.75
N MET B 331 -7.42 26.56 32.97
CA MET B 331 -8.68 26.02 32.48
C MET B 331 -8.44 24.81 31.59
N MET B 332 -7.45 24.89 30.69
CA MET B 332 -7.22 23.82 29.74
C MET B 332 -6.62 22.59 30.42
N ILE B 333 -5.65 22.79 31.31
CA ILE B 333 -5.07 21.67 32.04
C ILE B 333 -6.13 20.96 32.87
N GLY B 334 -7.02 21.73 33.49
CA GLY B 334 -8.07 21.12 34.29
C GLY B 334 -9.08 20.36 33.47
N ARG B 335 -9.42 20.88 32.28
CA ARG B 335 -10.45 20.23 31.47
C ARG B 335 -9.95 18.95 30.81
N CYS B 336 -8.66 18.90 30.47
CA CYS B 336 -8.07 17.67 29.94
C CYS B 336 -7.79 16.66 31.04
N ASN B 337 -7.52 17.13 32.26
CA ASN B 337 -7.46 16.23 33.40
C ASN B 337 -8.82 15.61 33.66
N ARG B 338 -9.88 16.42 33.60
CA ARG B 338 -11.23 15.91 33.76
C ARG B 338 -11.60 14.94 32.64
N ALA B 339 -11.00 15.11 31.46
CA ALA B 339 -11.27 14.24 30.32
C ALA B 339 -10.25 13.12 30.18
N GLY B 340 -9.11 13.20 30.84
CA GLY B 340 -8.10 12.17 30.76
C GLY B 340 -7.24 12.21 29.52
N LYS B 341 -7.15 13.36 28.88
CA LYS B 341 -6.33 13.52 27.68
C LYS B 341 -5.04 14.27 28.00
N PRO B 342 -3.97 14.02 27.26
CA PRO B 342 -2.71 14.69 27.56
C PRO B 342 -2.78 16.19 27.27
N VAL B 343 -2.10 16.96 28.11
CA VAL B 343 -1.98 18.41 27.91
C VAL B 343 -0.55 18.82 28.20
N ILE B 344 -0.02 19.71 27.37
CA ILE B 344 1.37 20.14 27.46
C ILE B 344 1.42 21.63 27.74
N CYS B 345 2.37 22.04 28.58
CA CYS B 345 2.69 23.44 28.81
C CYS B 345 3.94 23.79 28.03
N ALA B 346 3.87 24.82 27.20
CA ALA B 346 4.92 25.10 26.23
C ALA B 346 5.29 26.58 26.24
N THR B 347 6.45 26.87 25.65
CA THR B 347 6.94 28.21 25.35
C THR B 347 7.36 29.01 26.57
N GLN B 348 8.66 29.33 26.65
CA GLN B 348 9.22 30.30 27.59
C GLN B 348 9.18 29.81 29.04
N MET B 349 9.25 28.50 29.26
CA MET B 349 9.24 27.97 30.62
C MET B 349 10.55 28.25 31.33
N LEU B 350 11.67 28.19 30.61
CA LEU B 350 12.99 28.50 31.13
C LEU B 350 13.71 29.45 30.20
N GLU B 351 12.98 30.44 29.68
CA GLU B 351 13.46 31.26 28.57
C GLU B 351 14.81 31.90 28.89
N SER B 352 15.02 32.30 30.14
CA SER B 352 16.30 32.92 30.50
C SER B 352 17.47 31.98 30.28
N MET B 353 17.24 30.67 30.30
CA MET B 353 18.31 29.71 30.13
C MET B 353 18.82 29.63 28.70
N ILE B 354 18.24 30.38 27.77
CA ILE B 354 18.77 30.42 26.40
C ILE B 354 20.19 30.98 26.42
N LYS B 355 20.45 31.96 27.27
CA LYS B 355 21.77 32.58 27.38
C LYS B 355 22.45 32.35 28.72
N LYS B 356 21.69 32.09 29.79
CA LYS B 356 22.25 31.88 31.11
C LYS B 356 22.19 30.41 31.50
N PRO B 357 23.12 29.92 32.33
CA PRO B 357 23.08 28.51 32.74
C PRO B 357 22.15 28.23 33.90
N ARG B 358 21.57 29.26 34.52
CA ARG B 358 20.65 29.11 35.64
C ARG B 358 19.37 29.87 35.35
N PRO B 359 18.22 29.33 35.71
CA PRO B 359 16.94 29.92 35.31
C PRO B 359 16.48 31.01 36.25
N THR B 360 15.30 31.54 35.91
CA THR B 360 14.63 32.57 36.66
C THR B 360 13.72 31.94 37.73
N ARG B 361 13.63 32.61 38.88
CA ARG B 361 12.70 32.16 39.93
C ARG B 361 11.28 32.10 39.41
N ALA B 362 10.85 33.13 38.66
CA ALA B 362 9.60 33.05 37.94
C ALA B 362 9.57 31.83 37.01
N GLU B 363 10.68 31.57 36.32
CA GLU B 363 10.76 30.39 35.47
C GLU B 363 10.79 29.11 36.30
N GLY B 364 11.50 29.14 37.44
CA GLY B 364 11.41 28.02 38.37
C GLY B 364 10.02 27.85 38.94
N SER B 365 9.38 28.97 39.31
CA SER B 365 8.01 28.90 39.80
C SER B 365 7.05 28.46 38.71
N ASP B 366 7.37 28.71 37.44
CA ASP B 366 6.45 28.41 36.35
C ASP B 366 6.45 26.92 36.01
N VAL B 367 7.63 26.28 36.00
CA VAL B 367 7.69 24.85 35.73
C VAL B 367 6.99 24.07 36.83
N ALA B 368 7.28 24.41 38.08
CA ALA B 368 6.65 23.74 39.21
C ALA B 368 5.14 23.90 39.18
N ASN B 369 4.67 25.14 38.97
CA ASN B 369 3.24 25.39 38.98
C ASN B 369 2.53 24.74 37.80
N ALA B 370 3.23 24.56 36.68
CA ALA B 370 2.66 23.78 35.59
C ALA B 370 2.49 22.32 36.00
N VAL B 371 3.45 21.79 36.77
CA VAL B 371 3.31 20.42 37.26
C VAL B 371 2.24 20.34 38.33
N LEU B 372 2.13 21.37 39.17
CA LEU B 372 1.07 21.37 40.19
C LEU B 372 -0.30 21.63 39.57
N ASP B 373 -0.34 22.30 38.41
CA ASP B 373 -1.60 22.45 37.70
C ASP B 373 -2.13 21.10 37.22
N GLY B 374 -1.22 20.20 36.85
CA GLY B 374 -1.62 18.89 36.36
C GLY B 374 -1.24 18.68 34.91
N ALA B 375 -0.24 19.42 34.43
CA ALA B 375 0.20 19.29 33.05
C ALA B 375 0.84 17.93 32.83
N ASP B 376 0.47 17.28 31.73
CA ASP B 376 1.03 15.97 31.43
C ASP B 376 2.51 16.06 31.08
N CYS B 377 2.90 17.06 30.27
CA CYS B 377 4.29 17.27 29.92
C CYS B 377 4.59 18.76 29.86
N ILE B 378 5.87 19.09 30.05
CA ILE B 378 6.39 20.44 29.97
C ILE B 378 7.38 20.50 28.81
N MET B 379 7.37 21.62 28.09
CA MET B 379 8.10 21.73 26.84
C MET B 379 9.21 22.78 26.94
N LEU B 380 10.21 22.62 26.07
CA LEU B 380 11.27 23.59 25.87
C LEU B 380 11.35 23.91 24.38
N SER B 381 11.37 25.20 24.06
CA SER B 381 11.46 25.64 22.67
C SER B 381 12.84 26.23 22.43
N GLY B 382 13.03 27.54 22.61
CA GLY B 382 14.33 28.13 22.32
C GLY B 382 15.43 27.63 23.25
N GLU B 383 15.07 27.16 24.44
CA GLU B 383 16.08 26.71 25.40
C GLU B 383 16.86 25.52 24.86
N THR B 384 16.25 24.69 24.02
CA THR B 384 16.94 23.56 23.41
C THR B 384 17.20 23.73 21.93
N ALA B 385 16.39 24.53 21.23
CA ALA B 385 16.55 24.67 19.79
C ALA B 385 17.82 25.45 19.45
N LYS B 386 17.97 26.64 20.02
CA LYS B 386 19.12 27.49 19.71
C LYS B 386 19.83 28.03 20.95
N GLY B 387 19.40 27.66 22.15
CA GLY B 387 20.02 28.17 23.36
C GLY B 387 21.44 27.69 23.55
N ASP B 388 22.15 28.38 24.43
CA ASP B 388 23.53 28.06 24.73
C ASP B 388 23.68 26.96 25.77
N TYR B 389 22.64 26.69 26.55
CA TYR B 389 22.68 25.69 27.61
C TYR B 389 21.47 24.77 27.47
N PRO B 390 21.42 23.95 26.40
CA PRO B 390 20.25 23.08 26.22
C PRO B 390 20.19 21.96 27.25
N LEU B 391 21.33 21.44 27.69
CA LEU B 391 21.33 20.32 28.63
C LEU B 391 20.91 20.76 30.02
N GLU B 392 21.38 21.93 30.47
CA GLU B 392 21.03 22.41 31.80
C GLU B 392 19.54 22.71 31.89
N ALA B 393 18.92 23.15 30.79
CA ALA B 393 17.48 23.37 30.79
C ALA B 393 16.71 22.06 30.94
N VAL B 394 17.14 21.01 30.24
CA VAL B 394 16.50 19.72 30.38
C VAL B 394 16.66 19.19 31.80
N ARG B 395 17.86 19.33 32.36
CA ARG B 395 18.10 18.88 33.73
C ARG B 395 17.28 19.70 34.72
N MET B 396 17.25 21.02 34.55
CA MET B 396 16.48 21.87 35.46
C MET B 396 15.00 21.52 35.41
N GLN B 397 14.47 21.25 34.22
CA GLN B 397 13.07 20.88 34.10
C GLN B 397 12.79 19.55 34.80
N HIS B 398 13.69 18.57 34.63
CA HIS B 398 13.52 17.29 35.32
C HIS B 398 13.64 17.44 36.83
N LEU B 399 14.46 18.39 37.29
CA LEU B 399 14.62 18.60 38.72
C LEU B 399 13.37 19.23 39.33
N ILE B 400 12.88 20.31 38.72
CA ILE B 400 11.71 21.01 39.26
C ILE B 400 10.48 20.12 39.20
N ALA B 401 10.33 19.36 38.12
CA ALA B 401 9.15 18.49 37.99
C ALA B 401 9.15 17.38 39.03
N ARG B 402 10.33 16.81 39.31
CA ARG B 402 10.43 15.80 40.35
C ARG B 402 10.04 16.37 41.71
N GLU B 403 10.44 17.61 41.99
CA GLU B 403 10.08 18.24 43.25
C GLU B 403 8.59 18.59 43.29
N ALA B 404 8.06 19.13 42.20
CA ALA B 404 6.65 19.52 42.18
C ALA B 404 5.72 18.31 42.27
N GLU B 405 6.16 17.16 41.75
CA GLU B 405 5.33 15.96 41.84
C GLU B 405 5.12 15.54 43.30
N ALA B 406 6.16 15.68 44.13
CA ALA B 406 6.01 15.34 45.54
C ALA B 406 5.04 16.27 46.25
N ALA B 407 5.10 17.57 45.95
CA ALA B 407 4.23 18.55 46.59
C ALA B 407 2.79 18.47 46.11
N ILE B 408 2.46 17.54 45.22
CA ILE B 408 1.08 17.42 44.74
C ILE B 408 0.19 16.92 45.86
N TYR B 409 -0.98 17.55 46.00
CA TYR B 409 -1.99 17.14 46.98
C TYR B 409 -2.77 15.96 46.39
N HIS B 410 -2.19 14.77 46.53
CA HIS B 410 -2.81 13.58 45.94
C HIS B 410 -4.14 13.24 46.61
N LEU B 411 -4.28 13.54 47.91
CA LEU B 411 -5.53 13.27 48.59
C LEU B 411 -6.70 14.00 47.95
N GLN B 412 -6.49 15.27 47.58
CA GLN B 412 -7.55 16.06 46.96
C GLN B 412 -7.72 15.72 45.49
N LEU B 413 -6.61 15.56 44.76
CA LEU B 413 -6.68 15.32 43.33
C LEU B 413 -7.40 14.02 43.01
N PHE B 414 -6.96 12.91 43.63
CA PHE B 414 -7.56 11.61 43.34
C PHE B 414 -9.05 11.57 43.70
N GLU B 415 -9.45 12.33 44.72
CA GLU B 415 -10.86 12.36 45.10
C GLU B 415 -11.69 13.14 44.08
N GLU B 416 -11.17 14.29 43.62
CA GLU B 416 -11.92 15.10 42.68
C GLU B 416 -11.99 14.45 41.30
N LEU B 417 -10.92 13.76 40.90
CA LEU B 417 -10.92 13.07 39.61
C LEU B 417 -11.95 11.94 39.60
N ARG B 418 -12.12 11.25 40.73
CA ARG B 418 -13.10 10.18 40.80
C ARG B 418 -14.51 10.75 40.88
N ARG B 419 -14.71 11.83 41.63
CA ARG B 419 -16.04 12.41 41.77
C ARG B 419 -16.53 13.02 40.46
N LEU B 420 -15.63 13.43 39.59
CA LEU B 420 -16.00 14.06 38.32
C LEU B 420 -15.93 13.11 37.14
N ALA B 421 -15.35 11.92 37.32
CA ALA B 421 -15.33 10.95 36.23
C ALA B 421 -16.60 10.09 36.28
N PRO B 422 -17.16 9.73 35.13
CA PRO B 422 -18.45 9.02 35.12
C PRO B 422 -18.29 7.57 35.56
N ILE B 423 -19.44 6.96 35.88
CA ILE B 423 -19.50 5.55 36.21
C ILE B 423 -19.45 4.78 34.88
N THR B 424 -18.28 4.24 34.57
CA THR B 424 -18.05 3.62 33.27
C THR B 424 -18.47 2.15 33.27
N SER B 425 -18.94 1.70 32.11
CA SER B 425 -19.24 0.29 31.89
C SER B 425 -18.02 -0.48 31.42
N ASP B 426 -16.90 0.20 31.17
CA ASP B 426 -15.70 -0.46 30.67
C ASP B 426 -15.01 -1.23 31.80
N PRO B 427 -14.74 -2.52 31.63
CA PRO B 427 -14.07 -3.29 32.70
C PRO B 427 -12.67 -2.79 33.01
N THR B 428 -12.01 -2.09 32.09
CA THR B 428 -10.65 -1.62 32.35
C THR B 428 -10.64 -0.32 33.17
N GLU B 429 -11.59 0.58 32.91
CA GLU B 429 -11.68 1.80 33.71
C GLU B 429 -11.88 1.46 35.19
N ALA B 430 -12.72 0.46 35.48
CA ALA B 430 -12.90 0.03 36.85
C ALA B 430 -11.63 -0.61 37.40
N THR B 431 -10.96 -1.44 36.59
CA THR B 431 -9.69 -2.02 37.03
C THR B 431 -8.65 -0.94 37.28
N ALA B 432 -8.63 0.10 36.45
CA ALA B 432 -7.61 1.13 36.58
C ALA B 432 -7.81 1.94 37.84
N VAL B 433 -9.01 2.48 38.05
CA VAL B 433 -9.28 3.25 39.26
C VAL B 433 -9.19 2.37 40.49
N GLY B 434 -9.48 1.08 40.36
CA GLY B 434 -9.31 0.17 41.48
C GLY B 434 -7.86 -0.07 41.82
N ALA B 435 -6.97 -0.06 40.81
CA ALA B 435 -5.55 -0.22 41.07
C ALA B 435 -4.93 1.02 41.67
N VAL B 436 -5.39 2.21 41.24
CA VAL B 436 -4.88 3.44 41.81
C VAL B 436 -5.23 3.55 43.28
N GLU B 437 -6.48 3.24 43.62
CA GLU B 437 -6.89 3.24 45.02
C GLU B 437 -6.11 2.21 45.82
N ALA B 438 -5.87 1.04 45.23
CA ALA B 438 -5.01 0.05 45.88
C ALA B 438 -3.57 0.52 45.94
N SER B 439 -3.13 1.29 44.94
CA SER B 439 -1.76 1.82 44.94
C SER B 439 -1.54 2.76 46.12
N PHE B 440 -2.51 3.63 46.40
CA PHE B 440 -2.39 4.52 47.55
C PHE B 440 -2.48 3.75 48.87
N LYS B 441 -3.19 2.62 48.88
CA LYS B 441 -3.45 1.91 50.13
C LYS B 441 -2.21 1.22 50.66
N CYS B 442 -1.41 0.62 49.78
CA CYS B 442 -0.20 -0.09 50.18
C CYS B 442 1.07 0.66 49.81
N CYS B 443 0.95 1.91 49.36
CA CYS B 443 2.08 2.71 48.88
C CYS B 443 2.92 1.91 47.90
N SER B 444 2.29 1.56 46.78
CA SER B 444 2.92 0.71 45.78
C SER B 444 4.17 1.38 45.23
N GLY B 445 5.22 0.57 45.00
CA GLY B 445 6.40 1.09 44.35
C GLY B 445 6.13 1.56 42.93
N ALA B 446 5.19 0.92 42.25
CA ALA B 446 4.79 1.28 40.89
C ALA B 446 3.51 0.52 40.56
N ILE B 447 2.96 0.82 39.39
CA ILE B 447 1.81 0.13 38.84
C ILE B 447 2.24 -0.45 37.49
N ILE B 448 2.54 -1.73 37.47
CA ILE B 448 2.96 -2.41 36.23
C ILE B 448 1.73 -2.69 35.40
N VAL B 449 1.70 -2.16 34.17
CA VAL B 449 0.58 -2.34 33.26
C VAL B 449 1.10 -2.94 31.96
N LEU B 450 0.41 -3.96 31.46
CA LEU B 450 0.67 -4.52 30.14
C LEU B 450 -0.32 -3.90 29.17
N THR B 451 0.19 -3.22 28.15
CA THR B 451 -0.64 -2.52 27.19
C THR B 451 -0.09 -2.72 25.79
N LYS B 452 -1.00 -2.87 24.82
CA LYS B 452 -0.62 -2.94 23.41
C LYS B 452 -0.82 -1.58 22.73
N SER B 453 -2.02 -1.04 22.79
CA SER B 453 -2.31 0.27 22.23
C SER B 453 -2.11 1.39 23.25
N GLY B 454 -1.64 1.08 24.45
CA GLY B 454 -1.43 2.06 25.50
C GLY B 454 -2.69 2.52 26.20
N ARG B 455 -3.88 2.11 25.73
CA ARG B 455 -5.12 2.62 26.29
C ARG B 455 -5.25 2.31 27.77
N SER B 456 -4.72 1.18 28.22
CA SER B 456 -4.89 0.80 29.62
C SER B 456 -3.96 1.60 30.53
N ALA B 457 -2.74 1.86 30.06
CA ALA B 457 -1.87 2.75 30.79
C ALA B 457 -2.44 4.17 30.84
N HIS B 458 -3.13 4.59 29.78
CA HIS B 458 -3.77 5.90 29.79
C HIS B 458 -4.88 5.95 30.84
N GLN B 459 -5.68 4.89 30.94
CA GLN B 459 -6.78 4.87 31.91
C GLN B 459 -6.26 4.93 33.33
N VAL B 460 -5.16 4.24 33.62
CA VAL B 460 -4.55 4.33 34.94
C VAL B 460 -4.03 5.74 35.19
N ALA B 461 -3.40 6.34 34.18
CA ALA B 461 -2.81 7.66 34.34
C ALA B 461 -3.86 8.74 34.58
N ARG B 462 -5.07 8.54 34.05
CA ARG B 462 -6.15 9.52 34.21
C ARG B 462 -6.44 9.84 35.67
N TYR B 463 -6.10 8.93 36.59
CA TYR B 463 -6.43 9.10 38.00
C TYR B 463 -5.21 9.49 38.84
N ARG B 464 -4.07 9.74 38.21
CA ARG B 464 -2.89 10.34 38.82
C ARG B 464 -2.44 9.66 40.11
N PRO B 465 -1.95 8.43 40.04
CA PRO B 465 -1.36 7.83 41.24
C PRO B 465 0.01 8.42 41.52
N ARG B 466 0.41 8.35 42.79
CA ARG B 466 1.75 8.79 43.16
C ARG B 466 2.80 7.86 42.59
N ALA B 467 2.54 6.56 42.60
CA ALA B 467 3.48 5.58 42.09
C ALA B 467 3.59 5.68 40.57
N PRO B 468 4.77 5.45 40.01
CA PRO B 468 4.92 5.49 38.55
C PRO B 468 4.24 4.32 37.87
N ILE B 469 3.78 4.56 36.65
CA ILE B 469 3.08 3.55 35.86
C ILE B 469 4.11 2.95 34.89
N ILE B 470 4.63 1.77 35.26
CA ILE B 470 5.57 1.05 34.40
C ILE B 470 4.75 0.29 33.36
N ALA B 471 4.68 0.83 32.14
CA ALA B 471 3.86 0.27 31.08
C ALA B 471 4.71 -0.59 30.17
N VAL B 472 4.36 -1.87 30.07
CA VAL B 472 5.13 -2.84 29.29
C VAL B 472 4.42 -3.07 27.96
N THR B 473 5.17 -2.96 26.86
CA THR B 473 4.60 -3.15 25.53
C THR B 473 5.66 -3.74 24.62
N ARG B 474 5.20 -4.47 23.60
CA ARG B 474 6.02 -4.89 22.49
C ARG B 474 5.86 -3.98 21.27
N ASN B 475 5.01 -2.95 21.40
CA ASN B 475 4.74 -2.02 20.33
C ASN B 475 5.62 -0.79 20.50
N PRO B 476 6.59 -0.55 19.62
CA PRO B 476 7.45 0.64 19.79
C PRO B 476 6.68 1.94 19.63
N GLN B 477 5.73 1.98 18.69
CA GLN B 477 4.86 3.15 18.55
C GLN B 477 4.11 3.45 19.84
N THR B 478 3.77 2.41 20.61
CA THR B 478 3.10 2.62 21.89
C THR B 478 4.07 3.13 22.95
N ALA B 479 5.26 2.52 23.04
CA ALA B 479 6.23 2.93 24.03
C ALA B 479 6.71 4.36 23.84
N ARG B 480 6.56 4.90 22.63
CA ARG B 480 6.92 6.30 22.40
C ARG B 480 5.75 7.24 22.70
N GLN B 481 4.54 6.87 22.28
CA GLN B 481 3.36 7.69 22.55
C GLN B 481 2.97 7.72 24.01
N ALA B 482 3.53 6.84 24.84
CA ALA B 482 3.20 6.81 26.27
C ALA B 482 3.84 7.95 27.04
N HIS B 483 4.77 8.69 26.43
CA HIS B 483 5.39 9.82 27.11
C HIS B 483 4.44 11.00 27.25
N LEU B 484 3.39 11.05 26.44
CA LEU B 484 2.45 12.16 26.50
C LEU B 484 1.61 12.16 27.77
N TYR B 485 1.47 11.02 28.42
CA TYR B 485 0.66 10.91 29.63
C TYR B 485 1.57 10.94 30.85
N ARG B 486 1.09 11.58 31.92
CA ARG B 486 1.88 11.71 33.13
C ARG B 486 1.98 10.38 33.85
N GLY B 487 3.13 10.12 34.46
CA GLY B 487 3.34 8.95 35.28
C GLY B 487 3.60 7.66 34.55
N ILE B 488 3.29 7.58 33.26
CA ILE B 488 3.54 6.37 32.48
C ILE B 488 5.02 6.35 32.11
N PHE B 489 5.78 5.46 32.74
CA PHE B 489 7.16 5.22 32.33
C PHE B 489 7.17 4.07 31.33
N PRO B 490 7.22 4.36 30.02
CA PRO B 490 7.07 3.30 29.03
C PRO B 490 8.35 2.49 28.88
N VAL B 491 8.19 1.17 28.83
CA VAL B 491 9.30 0.25 28.59
C VAL B 491 8.92 -0.68 27.46
N LEU B 492 9.77 -0.76 26.44
CA LEU B 492 9.51 -1.57 25.25
C LEU B 492 10.27 -2.87 25.37
N CYS B 493 9.54 -3.99 25.44
CA CYS B 493 10.12 -5.31 25.60
C CYS B 493 10.48 -5.87 24.23
N LYS B 494 11.75 -6.16 24.01
CA LYS B 494 12.25 -6.69 22.75
C LYS B 494 12.39 -8.21 22.77
N ASP B 495 12.03 -8.87 23.88
CA ASP B 495 12.11 -10.32 23.94
C ASP B 495 11.03 -10.94 23.06
N PRO B 496 11.25 -12.16 22.56
CA PRO B 496 10.28 -12.78 21.66
C PRO B 496 9.14 -13.46 22.40
N VAL B 497 8.01 -13.55 21.71
CA VAL B 497 6.79 -14.10 22.30
C VAL B 497 7.02 -15.57 22.64
N GLN B 498 6.87 -15.90 23.92
CA GLN B 498 6.92 -17.30 24.33
C GLN B 498 5.71 -18.06 23.81
N GLU B 499 5.79 -19.39 23.84
CA GLU B 499 4.74 -20.22 23.27
C GLU B 499 3.45 -20.10 24.06
N ALA B 500 3.53 -20.22 25.38
CA ALA B 500 2.35 -20.14 26.24
C ALA B 500 2.06 -18.69 26.59
N TRP B 501 0.81 -18.26 26.34
CA TRP B 501 0.45 -16.86 26.57
C TRP B 501 0.62 -16.48 28.04
N ALA B 502 0.18 -17.35 28.96
CA ALA B 502 0.35 -17.07 30.37
C ALA B 502 1.82 -16.96 30.75
N GLU B 503 2.69 -17.65 30.01
CA GLU B 503 4.13 -17.48 30.20
C GLU B 503 4.64 -16.19 29.57
N ASP B 504 3.99 -15.73 28.50
CA ASP B 504 4.37 -14.45 27.90
C ASP B 504 4.01 -13.28 28.81
N VAL B 505 2.93 -13.40 29.58
CA VAL B 505 2.55 -12.32 30.49
C VAL B 505 3.51 -12.25 31.66
N ASP B 506 3.88 -13.40 32.22
CA ASP B 506 4.80 -13.42 33.35
C ASP B 506 6.20 -12.98 32.96
N LEU B 507 6.61 -13.27 31.72
CA LEU B 507 7.91 -12.81 31.25
C LEU B 507 7.98 -11.29 31.23
N ARG B 508 6.92 -10.64 30.77
CA ARG B 508 6.89 -9.18 30.73
C ARG B 508 6.65 -8.59 32.12
N VAL B 509 5.77 -9.22 32.91
CA VAL B 509 5.54 -8.76 34.27
C VAL B 509 6.82 -8.86 35.09
N ASN B 510 7.69 -9.81 34.76
CA ASN B 510 9.00 -9.89 35.39
C ASN B 510 10.02 -8.95 34.75
N PHE B 511 9.83 -8.58 33.49
CA PHE B 511 10.70 -7.59 32.87
C PHE B 511 10.50 -6.21 33.52
N ALA B 512 9.25 -5.88 33.84
CA ALA B 512 8.96 -4.57 34.41
C ALA B 512 9.65 -4.38 35.76
N MET B 513 9.68 -5.44 36.58
CA MET B 513 10.35 -5.32 37.87
C MET B 513 11.86 -5.28 37.71
N ASN B 514 12.39 -5.89 36.65
CA ASN B 514 13.80 -5.69 36.32
C ASN B 514 14.09 -4.23 36.04
N VAL B 515 13.26 -3.59 35.21
CA VAL B 515 13.39 -2.16 34.97
C VAL B 515 13.17 -1.37 36.25
N GLY B 516 12.19 -1.79 37.06
CA GLY B 516 11.91 -1.07 38.30
C GLY B 516 12.98 -1.26 39.34
N LYS B 517 13.52 -2.47 39.47
CA LYS B 517 14.59 -2.71 40.44
C LYS B 517 15.86 -1.97 40.02
N ALA B 518 16.15 -1.93 38.72
CA ALA B 518 17.36 -1.28 38.24
C ALA B 518 17.27 0.24 38.41
N ARG B 519 16.25 0.85 37.83
CA ARG B 519 16.10 2.31 37.89
C ARG B 519 15.75 2.81 39.28
N GLY B 520 15.68 1.93 40.28
CA GLY B 520 15.47 2.37 41.64
C GLY B 520 14.05 2.74 42.01
N PHE B 521 13.06 2.27 41.24
CA PHE B 521 11.68 2.55 41.60
C PHE B 521 11.24 1.72 42.80
N PHE B 522 11.85 0.56 42.99
CA PHE B 522 11.58 -0.29 44.16
C PHE B 522 12.71 -1.31 44.27
N LYS B 523 12.60 -2.17 45.28
CA LYS B 523 13.56 -3.25 45.50
C LYS B 523 12.79 -4.51 45.84
N LYS B 524 13.53 -5.58 46.12
CA LYS B 524 12.90 -6.85 46.47
C LYS B 524 12.14 -6.73 47.79
N GLY B 525 10.94 -7.31 47.83
CA GLY B 525 10.09 -7.26 48.99
C GLY B 525 9.01 -6.20 48.93
N ASP B 526 9.25 -5.12 48.18
CA ASP B 526 8.25 -4.07 48.04
C ASP B 526 7.01 -4.58 47.32
N VAL B 527 5.88 -3.94 47.59
CA VAL B 527 4.59 -4.33 47.02
C VAL B 527 4.34 -3.52 45.77
N VAL B 528 4.01 -4.20 44.68
CA VAL B 528 3.71 -3.55 43.41
C VAL B 528 2.34 -4.00 42.94
N ILE B 529 1.66 -3.13 42.19
CA ILE B 529 0.40 -3.45 41.54
C ILE B 529 0.69 -3.81 40.09
N VAL B 530 0.14 -4.94 39.64
CA VAL B 530 0.32 -5.40 38.27
C VAL B 530 -1.05 -5.57 37.63
N LEU B 531 -1.24 -4.97 36.46
CA LEU B 531 -2.48 -5.04 35.72
C LEU B 531 -2.28 -5.91 34.49
N THR B 532 -3.12 -6.93 34.35
CA THR B 532 -3.07 -7.83 33.21
C THR B 532 -4.49 -8.02 32.68
N GLY B 533 -4.60 -8.85 31.64
CA GLY B 533 -5.88 -9.20 31.06
C GLY B 533 -6.10 -10.70 31.10
N TRP B 534 -7.31 -11.09 30.72
CA TRP B 534 -7.73 -12.49 30.73
C TRP B 534 -7.56 -13.16 29.38
N ARG B 535 -7.01 -12.46 28.39
CA ARG B 535 -6.99 -12.93 27.01
C ARG B 535 -6.04 -12.07 26.18
N PRO B 536 -5.31 -12.64 25.22
CA PRO B 536 -4.44 -11.82 24.37
C PRO B 536 -5.26 -10.90 23.47
N GLY B 537 -4.66 -9.76 23.16
CA GLY B 537 -5.33 -8.75 22.37
C GLY B 537 -5.74 -7.56 23.23
N SER B 538 -5.79 -6.39 22.61
CA SER B 538 -6.07 -5.17 23.35
C SER B 538 -7.54 -5.10 23.75
N GLY B 539 -7.78 -4.48 24.90
CA GLY B 539 -9.12 -4.23 25.38
C GLY B 539 -9.68 -5.23 26.37
N PHE B 540 -8.84 -6.09 26.97
CA PHE B 540 -9.31 -7.14 27.86
C PHE B 540 -8.61 -7.13 29.21
N THR B 541 -7.84 -6.10 29.52
CA THR B 541 -7.18 -6.03 30.82
C THR B 541 -8.23 -5.80 31.91
N ASN B 542 -8.26 -6.69 32.87
CA ASN B 542 -9.26 -6.64 33.92
C ASN B 542 -8.74 -7.23 35.21
N THR B 543 -7.49 -7.71 35.24
CA THR B 543 -6.92 -8.42 36.37
C THR B 543 -5.98 -7.49 37.11
N MET B 544 -6.22 -7.32 38.41
CA MET B 544 -5.35 -6.56 39.28
C MET B 544 -4.73 -7.50 40.30
N ARG B 545 -3.41 -7.42 40.46
CA ARG B 545 -2.67 -8.31 41.34
C ARG B 545 -1.72 -7.51 42.20
N VAL B 546 -1.80 -7.70 43.51
CA VAL B 546 -0.87 -7.10 44.47
C VAL B 546 0.22 -8.13 44.74
N VAL B 547 1.42 -7.87 44.26
CA VAL B 547 2.48 -8.86 44.32
C VAL B 547 3.75 -8.25 44.90
N PRO B 548 4.57 -9.02 45.63
CA PRO B 548 5.86 -8.51 46.07
C PRO B 548 6.92 -8.68 44.99
N VAL B 549 7.83 -7.73 44.95
CA VAL B 549 8.91 -7.73 43.95
C VAL B 549 9.87 -8.87 44.25
N PRO B 550 10.24 -9.70 43.26
CA PRO B 550 11.15 -10.83 43.47
C PRO B 550 12.61 -10.38 43.52
N THR C 34 -34.71 -29.88 0.92
CA THR C 34 -34.59 -30.33 -0.46
C THR C 34 -33.19 -30.86 -0.74
N GLN C 35 -32.20 -30.36 0.01
CA GLN C 35 -30.82 -30.81 -0.09
C GLN C 35 -30.25 -30.65 -1.51
N GLN C 36 -30.76 -29.65 -2.24
CA GLN C 36 -30.37 -29.39 -3.62
C GLN C 36 -30.58 -30.62 -4.51
N LEU C 37 -31.57 -31.44 -4.18
CA LEU C 37 -31.87 -32.62 -4.98
C LEU C 37 -32.46 -32.26 -6.34
N HIS C 38 -33.05 -31.07 -6.47
CA HIS C 38 -33.56 -30.64 -7.76
C HIS C 38 -32.43 -30.48 -8.78
N ALA C 39 -31.32 -29.88 -8.34
CA ALA C 39 -30.15 -29.77 -9.21
C ALA C 39 -29.42 -31.10 -9.38
N ALA C 40 -29.72 -32.10 -8.54
CA ALA C 40 -29.06 -33.39 -8.65
C ALA C 40 -29.63 -34.23 -9.78
N MET C 41 -30.92 -34.07 -10.09
CA MET C 41 -31.58 -34.81 -11.16
C MET C 41 -31.46 -34.10 -12.50
N ALA C 42 -30.31 -33.53 -12.80
CA ALA C 42 -30.07 -32.83 -14.06
C ALA C 42 -29.19 -33.67 -14.97
N ASP C 43 -29.37 -33.48 -16.27
CA ASP C 43 -28.60 -34.22 -17.27
C ASP C 43 -27.24 -33.60 -17.53
N THR C 44 -27.16 -32.27 -17.59
CA THR C 44 -25.92 -31.56 -17.87
C THR C 44 -25.41 -30.90 -16.60
N PHE C 45 -24.09 -30.69 -16.55
CA PHE C 45 -23.50 -29.93 -15.47
C PHE C 45 -23.94 -28.47 -15.51
N LEU C 46 -24.20 -27.94 -16.71
CA LEU C 46 -24.64 -26.55 -16.82
C LEU C 46 -26.02 -26.36 -16.20
N GLU C 47 -27.00 -27.16 -16.65
CA GLU C 47 -28.34 -27.07 -16.07
C GLU C 47 -28.31 -27.35 -14.58
N HIS C 48 -27.46 -28.29 -14.15
CA HIS C 48 -27.27 -28.52 -12.72
C HIS C 48 -26.78 -27.27 -12.03
N MET C 49 -25.94 -26.48 -12.70
CA MET C 49 -25.46 -25.23 -12.12
C MET C 49 -26.57 -24.19 -12.03
N CYS C 50 -27.44 -24.14 -13.04
CA CYS C 50 -28.54 -23.17 -13.06
C CYS C 50 -29.64 -23.53 -12.08
N ARG C 51 -29.79 -24.81 -11.76
CA ARG C 51 -30.81 -25.24 -10.81
C ARG C 51 -30.38 -25.05 -9.36
N LEU C 52 -29.17 -24.55 -9.12
CA LEU C 52 -28.71 -24.32 -7.77
C LEU C 52 -29.61 -23.30 -7.08
N ASP C 53 -30.10 -23.65 -5.89
CA ASP C 53 -31.08 -22.87 -5.17
C ASP C 53 -30.54 -22.49 -3.80
N ILE C 54 -30.56 -21.20 -3.49
CA ILE C 54 -30.16 -20.74 -2.16
C ILE C 54 -31.26 -21.00 -1.13
N ASP C 55 -32.49 -21.24 -1.58
CA ASP C 55 -33.59 -21.58 -0.68
C ASP C 55 -33.80 -23.09 -0.59
N SER C 56 -32.85 -23.87 -1.07
CA SER C 56 -32.83 -25.32 -0.94
C SER C 56 -32.01 -25.69 0.28
N PRO C 57 -32.65 -25.94 1.43
CA PRO C 57 -31.90 -26.10 2.68
C PRO C 57 -31.12 -27.40 2.70
N PRO C 58 -29.88 -27.37 3.21
CA PRO C 58 -29.12 -28.62 3.33
C PRO C 58 -29.66 -29.46 4.47
N ILE C 59 -30.21 -30.62 4.12
CA ILE C 59 -30.78 -31.50 5.14
C ILE C 59 -29.74 -32.48 5.68
N THR C 60 -28.76 -32.86 4.86
CA THR C 60 -27.75 -33.82 5.28
C THR C 60 -26.82 -33.22 6.33
N ALA C 61 -26.15 -34.09 7.07
CA ALA C 61 -25.07 -33.67 7.93
C ALA C 61 -23.91 -33.17 7.08
N ARG C 62 -22.84 -32.74 7.75
CA ARG C 62 -21.64 -32.26 7.08
C ARG C 62 -20.70 -33.44 6.85
N ASN C 63 -20.32 -33.65 5.59
CA ASN C 63 -19.49 -34.80 5.23
C ASN C 63 -18.01 -34.50 5.21
N THR C 64 -17.62 -33.25 4.97
CA THR C 64 -16.22 -32.89 4.87
C THR C 64 -15.62 -32.71 6.26
N GLY C 65 -14.48 -33.36 6.51
CA GLY C 65 -13.83 -33.23 7.79
C GLY C 65 -13.23 -31.84 7.98
N ILE C 66 -13.26 -31.39 9.23
CA ILE C 66 -12.74 -30.08 9.61
C ILE C 66 -11.51 -30.30 10.49
N ILE C 67 -10.38 -29.75 10.06
CA ILE C 67 -9.14 -29.75 10.83
C ILE C 67 -8.83 -28.31 11.24
N CYS C 68 -8.43 -28.13 12.50
CA CYS C 68 -8.15 -26.81 13.04
C CYS C 68 -6.83 -26.84 13.78
N THR C 69 -5.91 -25.97 13.39
CA THR C 69 -4.66 -25.82 14.10
C THR C 69 -4.92 -25.19 15.47
N ILE C 70 -4.42 -25.83 16.52
CA ILE C 70 -4.57 -25.33 17.88
C ILE C 70 -3.39 -24.43 18.21
N GLY C 71 -3.67 -23.29 18.85
CA GLY C 71 -2.63 -22.40 19.29
C GLY C 71 -3.03 -21.65 20.54
N PRO C 72 -2.40 -20.50 20.78
CA PRO C 72 -2.74 -19.70 21.97
C PRO C 72 -4.19 -19.24 22.00
N ALA C 73 -4.86 -19.16 20.85
CA ALA C 73 -6.25 -18.75 20.82
C ALA C 73 -7.22 -19.89 21.10
N SER C 74 -6.74 -21.14 21.09
CA SER C 74 -7.62 -22.29 21.25
C SER C 74 -7.03 -23.37 22.15
N ARG C 75 -5.96 -23.07 22.88
CA ARG C 75 -5.31 -24.10 23.70
C ARG C 75 -6.14 -24.47 24.92
N SER C 76 -6.99 -23.56 25.40
CA SER C 76 -7.71 -23.78 26.63
C SER C 76 -8.78 -24.84 26.46
N VAL C 77 -9.10 -25.53 27.56
CA VAL C 77 -10.09 -26.59 27.53
C VAL C 77 -11.47 -26.03 27.18
N GLU C 78 -11.86 -24.95 27.85
CA GLU C 78 -13.17 -24.36 27.61
C GLU C 78 -13.35 -23.97 26.15
N THR C 79 -12.29 -23.43 25.52
CA THR C 79 -12.38 -23.08 24.11
C THR C 79 -12.50 -24.33 23.24
N LEU C 80 -11.76 -25.39 23.60
CA LEU C 80 -11.71 -26.58 22.74
C LEU C 80 -13.05 -27.32 22.71
N LYS C 81 -13.74 -27.37 23.85
CA LYS C 81 -15.06 -28.01 23.86
C LYS C 81 -16.02 -27.31 22.91
N GLU C 82 -15.98 -25.98 22.87
CA GLU C 82 -16.82 -25.24 21.95
C GLU C 82 -16.40 -25.47 20.50
N MET C 83 -15.10 -25.68 20.26
CA MET C 83 -14.64 -26.03 18.92
C MET C 83 -15.20 -27.39 18.50
N ILE C 84 -15.22 -28.34 19.41
CA ILE C 84 -15.84 -29.64 19.13
C ILE C 84 -17.32 -29.45 18.84
N LYS C 85 -18.01 -28.66 19.66
CA LYS C 85 -19.42 -28.39 19.42
C LYS C 85 -19.64 -27.68 18.09
N SER C 86 -18.70 -26.82 17.70
CA SER C 86 -18.81 -26.07 16.45
C SER C 86 -18.36 -26.88 15.23
N GLY C 87 -17.70 -28.02 15.42
CA GLY C 87 -17.45 -28.91 14.31
C GLY C 87 -16.03 -29.41 14.12
N MET C 88 -15.13 -29.12 15.05
CA MET C 88 -13.75 -29.57 14.89
C MET C 88 -13.69 -31.09 14.98
N ASN C 89 -13.28 -31.85 13.82
CA ASN C 89 -13.12 -33.30 13.77
C ASN C 89 -11.70 -33.75 14.03
N VAL C 90 -10.51 -32.76 13.89
CA VAL C 90 -9.10 -33.13 14.04
C VAL C 90 -8.35 -31.93 14.59
N ALA C 91 -7.56 -32.16 15.64
CA ALA C 91 -6.72 -31.12 16.23
C ALA C 91 -5.32 -31.24 15.66
N ARG C 92 -4.88 -30.19 14.96
CA ARG C 92 -3.57 -30.18 14.32
C ARG C 92 -2.58 -29.42 15.21
N LEU C 93 -1.42 -30.02 15.45
CA LEU C 93 -0.36 -29.43 16.25
C LEU C 93 0.83 -29.14 15.34
N ASN C 94 1.16 -27.86 15.18
CA ASN C 94 2.23 -27.44 14.29
C ASN C 94 3.55 -27.46 15.06
N PHE C 95 4.41 -28.41 14.75
CA PHE C 95 5.64 -28.63 15.49
C PHE C 95 6.83 -27.83 14.97
N SER C 96 6.59 -26.86 14.09
CA SER C 96 7.67 -25.91 13.77
C SER C 96 7.85 -24.89 14.89
N HIS C 97 6.84 -24.71 15.74
CA HIS C 97 6.94 -23.94 16.96
C HIS C 97 6.53 -24.83 18.13
N GLY C 98 6.75 -24.33 19.34
CA GLY C 98 6.39 -25.05 20.54
C GLY C 98 7.40 -26.11 20.93
N THR C 99 7.29 -26.56 22.17
CA THR C 99 8.15 -27.60 22.71
C THR C 99 7.32 -28.83 23.06
N HIS C 100 8.01 -29.94 23.32
CA HIS C 100 7.33 -31.17 23.69
C HIS C 100 6.46 -30.97 24.93
N GLU C 101 6.95 -30.22 25.91
CA GLU C 101 6.16 -29.90 27.09
C GLU C 101 4.91 -29.12 26.69
N TYR C 102 5.09 -28.10 25.85
CA TYR C 102 3.97 -27.29 25.39
C TYR C 102 2.93 -28.14 24.66
N HIS C 103 3.36 -28.87 23.63
CA HIS C 103 2.44 -29.69 22.86
C HIS C 103 1.81 -30.79 23.69
N ALA C 104 2.52 -31.27 24.72
CA ALA C 104 1.95 -32.29 25.59
C ALA C 104 0.73 -31.75 26.34
N GLU C 105 0.81 -30.51 26.83
CA GLU C 105 -0.34 -29.91 27.47
C GLU C 105 -1.45 -29.64 26.47
N THR C 106 -1.09 -29.29 25.23
CA THR C 106 -2.08 -29.14 24.17
C THR C 106 -2.87 -30.43 23.99
N ILE C 107 -2.17 -31.55 23.79
CA ILE C 107 -2.83 -32.83 23.62
C ILE C 107 -3.67 -33.17 24.84
N LYS C 108 -3.14 -32.92 26.04
CA LYS C 108 -3.88 -33.22 27.26
C LYS C 108 -5.16 -32.41 27.33
N ASN C 109 -5.12 -31.15 26.89
CA ASN C 109 -6.33 -30.32 26.92
C ASN C 109 -7.32 -30.77 25.86
N VAL C 110 -6.84 -31.15 24.67
CA VAL C 110 -7.73 -31.64 23.62
C VAL C 110 -8.43 -32.91 24.07
N ARG C 111 -7.67 -33.84 24.67
CA ARG C 111 -8.26 -35.08 25.14
C ARG C 111 -9.18 -34.86 26.34
N THR C 112 -8.87 -33.87 27.19
CA THR C 112 -9.79 -33.52 28.26
C THR C 112 -11.09 -32.95 27.71
N ALA C 113 -10.98 -32.04 26.73
CA ALA C 113 -12.17 -31.46 26.12
C ALA C 113 -13.00 -32.51 25.41
N THR C 114 -12.34 -33.46 24.75
CA THR C 114 -13.07 -34.50 24.02
C THR C 114 -13.87 -35.38 24.97
N GLU C 115 -13.18 -36.06 25.89
CA GLU C 115 -13.84 -37.00 26.78
C GLU C 115 -14.82 -36.34 27.75
N SER C 116 -14.88 -35.00 27.78
CA SER C 116 -15.90 -34.32 28.55
C SER C 116 -17.30 -34.60 28.01
N PHE C 117 -17.42 -34.96 26.74
CA PHE C 117 -18.69 -35.33 26.13
C PHE C 117 -18.93 -36.83 26.14
N ALA C 118 -18.05 -37.61 26.76
CA ALA C 118 -18.14 -39.07 26.71
C ALA C 118 -19.20 -39.63 27.63
N SER C 119 -19.91 -38.80 28.40
CA SER C 119 -20.95 -39.29 29.29
C SER C 119 -22.01 -40.07 28.52
N ASP C 120 -22.55 -39.46 27.46
CA ASP C 120 -23.47 -40.15 26.57
C ASP C 120 -22.69 -40.67 25.37
N PRO C 121 -22.53 -41.97 25.21
CA PRO C 121 -21.79 -42.49 24.04
C PRO C 121 -22.52 -42.27 22.73
N ILE C 122 -23.81 -41.92 22.76
CA ILE C 122 -24.55 -41.72 21.52
C ILE C 122 -24.15 -40.41 20.85
N LEU C 123 -24.04 -39.34 21.64
CA LEU C 123 -23.68 -38.03 21.11
C LEU C 123 -22.18 -37.78 21.10
N TYR C 124 -21.39 -38.65 21.71
CA TYR C 124 -19.95 -38.44 21.78
C TYR C 124 -19.35 -38.37 20.38
N ARG C 125 -18.41 -37.45 20.20
CA ARG C 125 -17.72 -37.27 18.93
C ARG C 125 -16.23 -37.50 19.12
N PRO C 126 -15.62 -38.46 18.43
CA PRO C 126 -14.18 -38.65 18.53
C PRO C 126 -13.42 -37.49 17.89
N VAL C 127 -12.38 -37.04 18.57
CA VAL C 127 -11.53 -35.97 18.09
C VAL C 127 -10.11 -36.50 17.98
N ALA C 128 -9.52 -36.41 16.79
CA ALA C 128 -8.18 -36.90 16.55
C ALA C 128 -7.15 -35.79 16.80
N VAL C 129 -5.89 -36.21 16.92
CA VAL C 129 -4.78 -35.29 17.12
C VAL C 129 -3.75 -35.58 16.02
N ALA C 130 -3.28 -34.51 15.38
CA ALA C 130 -2.42 -34.62 14.20
C ALA C 130 -1.11 -33.87 14.45
N LEU C 131 0.01 -34.57 14.30
CA LEU C 131 1.32 -33.95 14.43
C LEU C 131 1.75 -33.41 13.06
N ASP C 132 2.02 -32.11 12.99
CA ASP C 132 2.53 -31.48 11.78
C ASP C 132 4.04 -31.34 11.93
N THR C 133 4.78 -32.19 11.21
CA THR C 133 6.23 -32.22 11.32
C THR C 133 6.83 -30.85 10.99
N LYS C 134 7.98 -30.56 11.61
CA LYS C 134 8.68 -29.32 11.30
C LYS C 134 9.19 -29.33 9.87
N GLY C 135 9.96 -30.36 9.50
CA GLY C 135 10.44 -30.50 8.16
C GLY C 135 11.67 -29.68 7.88
N PRO C 136 12.13 -29.68 6.63
CA PRO C 136 13.35 -28.94 6.25
C PRO C 136 13.06 -27.46 5.96
N GLU C 137 12.77 -26.72 7.03
CA GLU C 137 12.55 -25.29 6.91
C GLU C 137 13.89 -24.54 6.95
N ILE C 138 13.86 -23.29 6.49
CA ILE C 138 15.01 -22.39 6.57
C ILE C 138 14.52 -21.05 7.07
N ARG C 139 15.04 -20.60 8.21
CA ARG C 139 14.69 -19.32 8.80
C ARG C 139 15.86 -18.35 8.65
N THR C 140 15.69 -17.16 9.21
CA THR C 140 16.72 -16.12 9.20
C THR C 140 17.23 -15.90 10.63
N GLY C 141 18.06 -14.87 10.80
CA GLY C 141 18.59 -14.52 12.09
C GLY C 141 17.78 -13.43 12.76
N LEU C 142 18.09 -13.21 14.04
CA LEU C 142 17.44 -12.15 14.79
C LEU C 142 17.85 -10.79 14.25
N ILE C 143 16.88 -9.93 13.97
CA ILE C 143 17.16 -8.60 13.45
C ILE C 143 17.78 -7.76 14.55
N LYS C 144 19.03 -7.33 14.35
CA LYS C 144 19.79 -6.55 15.32
C LYS C 144 19.96 -7.30 16.64
N ALA C 149 11.08 -5.06 16.41
CA ALA C 149 12.00 -6.17 16.16
C ALA C 149 12.22 -6.39 14.66
N GLU C 150 11.45 -5.66 13.85
CA GLU C 150 11.54 -5.78 12.41
C GLU C 150 12.47 -4.70 11.85
N VAL C 151 12.53 -4.61 10.53
CA VAL C 151 13.34 -3.60 9.85
C VAL C 151 12.67 -3.23 8.54
N GLU C 152 13.44 -2.69 7.60
CA GLU C 152 12.89 -2.31 6.30
C GLU C 152 13.98 -2.47 5.24
N LEU C 153 13.69 -3.27 4.22
CA LEU C 153 14.59 -3.47 3.08
C LEU C 153 14.00 -2.74 1.89
N LYS C 154 14.65 -1.65 1.48
CA LYS C 154 14.14 -0.82 0.39
C LYS C 154 14.15 -1.60 -0.92
N LYS C 155 13.22 -1.23 -1.81
CA LYS C 155 13.10 -1.91 -3.09
C LYS C 155 14.32 -1.62 -3.97
N GLY C 156 14.84 -2.67 -4.62
CA GLY C 156 15.97 -2.55 -5.49
C GLY C 156 17.32 -2.47 -4.81
N ALA C 157 17.36 -2.54 -3.48
CA ALA C 157 18.61 -2.42 -2.75
C ALA C 157 19.41 -3.72 -2.82
N THR C 158 20.56 -3.73 -2.16
CA THR C 158 21.48 -4.85 -2.16
C THR C 158 21.53 -5.49 -0.78
N LEU C 159 21.35 -6.81 -0.72
CA LEU C 159 21.41 -7.56 0.52
C LEU C 159 22.39 -8.71 0.32
N LYS C 160 23.42 -8.76 1.16
CA LYS C 160 24.46 -9.80 1.07
C LYS C 160 24.10 -10.92 2.04
N ILE C 161 23.46 -11.96 1.51
CA ILE C 161 23.11 -13.14 2.31
C ILE C 161 24.38 -13.89 2.65
N THR C 162 24.84 -13.76 3.88
CA THR C 162 26.08 -14.38 4.33
C THR C 162 25.79 -15.67 5.08
N LEU C 163 26.68 -16.65 4.91
CA LEU C 163 26.69 -17.86 5.73
C LEU C 163 27.79 -17.80 6.78
N ASP C 164 27.95 -16.62 7.40
CA ASP C 164 28.99 -16.42 8.41
C ASP C 164 28.64 -17.18 9.68
N ASN C 165 29.48 -17.01 10.70
CA ASN C 165 29.37 -17.79 11.92
C ASN C 165 28.24 -17.40 12.86
N ALA C 166 28.39 -16.25 13.53
CA ALA C 166 27.47 -15.87 14.61
C ALA C 166 26.77 -14.55 14.33
N TYR C 167 26.49 -14.23 13.07
CA TYR C 167 25.73 -13.04 12.74
C TYR C 167 24.22 -13.25 12.90
N MET C 168 23.81 -14.34 13.52
CA MET C 168 22.40 -14.66 13.69
C MET C 168 21.68 -13.62 14.55
N CYS C 171 21.33 -9.06 12.53
CA CYS C 171 21.02 -8.92 11.11
C CYS C 171 20.51 -7.52 10.80
N ASP C 172 21.18 -6.85 9.87
CA ASP C 172 20.87 -5.49 9.48
C ASP C 172 20.16 -5.49 8.13
N GLU C 173 20.24 -4.37 7.41
CA GLU C 173 19.60 -4.23 6.11
C GLU C 173 20.56 -4.49 4.95
N ASN C 174 21.64 -5.23 5.18
CA ASN C 174 22.61 -5.49 4.13
C ASN C 174 23.15 -6.91 4.22
N ILE C 175 23.16 -7.50 5.40
CA ILE C 175 23.87 -8.74 5.69
C ILE C 175 22.93 -9.62 6.52
N LEU C 176 22.31 -10.62 5.88
CA LEU C 176 21.43 -11.56 6.55
C LEU C 176 22.06 -12.94 6.55
N TRP C 177 21.67 -13.76 7.54
CA TRP C 177 22.21 -15.10 7.71
C TRP C 177 21.10 -16.14 7.62
N LEU C 178 21.40 -17.27 6.98
CA LEU C 178 20.46 -18.35 6.76
C LEU C 178 20.78 -19.53 7.67
N ASP C 179 19.78 -20.39 7.85
CA ASP C 179 19.99 -21.70 8.48
C ASP C 179 20.59 -22.64 7.43
N TYR C 180 21.84 -22.35 7.08
CA TYR C 180 22.56 -23.09 6.05
C TYR C 180 21.53 -23.05 4.93
N LYS C 181 20.97 -24.20 4.58
CA LYS C 181 20.35 -24.58 3.31
C LYS C 181 21.41 -24.93 2.28
N ASN C 182 22.68 -24.56 2.57
CA ASN C 182 23.80 -24.71 1.65
C ASN C 182 23.50 -24.04 0.31
N ILE C 183 22.84 -22.87 0.40
CA ILE C 183 22.35 -22.08 -0.73
C ILE C 183 23.21 -21.96 -1.97
N CYS C 184 24.52 -21.82 -1.78
CA CYS C 184 25.47 -21.79 -2.90
C CYS C 184 25.47 -23.09 -3.68
N LYS C 185 25.50 -24.22 -2.98
CA LYS C 185 25.50 -25.52 -3.65
C LYS C 185 24.19 -25.78 -4.40
N VAL C 186 23.10 -25.13 -3.98
CA VAL C 186 21.83 -25.28 -4.66
C VAL C 186 21.41 -24.04 -5.42
N VAL C 187 21.83 -22.85 -4.98
CA VAL C 187 21.59 -21.62 -5.74
C VAL C 187 22.60 -21.57 -6.88
N GLU C 188 22.41 -20.63 -7.81
CA GLU C 188 23.30 -20.55 -8.96
C GLU C 188 23.23 -19.19 -9.63
N VAL C 189 22.52 -19.12 -10.76
CA VAL C 189 22.47 -17.91 -11.58
C VAL C 189 21.55 -16.88 -10.95
N GLY C 190 20.68 -16.27 -11.76
CA GLY C 190 19.73 -15.31 -11.27
C GLY C 190 18.59 -15.95 -10.50
N SER C 191 18.92 -16.81 -9.54
CA SER C 191 17.91 -17.46 -8.73
C SER C 191 17.31 -16.48 -7.74
N LYS C 192 16.07 -16.76 -7.34
CA LYS C 192 15.33 -15.89 -6.44
C LYS C 192 15.13 -16.57 -5.09
N ILE C 193 15.33 -15.80 -4.03
CA ILE C 193 15.05 -16.25 -2.66
C ILE C 193 13.87 -15.44 -2.15
N TYR C 194 13.01 -16.11 -1.36
CA TYR C 194 11.77 -15.50 -0.87
C TYR C 194 11.79 -15.55 0.65
N VAL C 195 12.00 -14.40 1.28
CA VAL C 195 12.08 -14.30 2.74
C VAL C 195 10.72 -13.91 3.29
N ASP C 196 10.37 -14.50 4.43
CA ASP C 196 9.15 -14.19 5.19
C ASP C 196 7.82 -14.44 4.47
N ASP C 197 7.64 -15.69 4.05
CA ASP C 197 6.38 -16.15 3.44
C ASP C 197 6.28 -15.54 2.05
N GLY C 198 7.41 -15.43 1.36
CA GLY C 198 7.43 -14.93 0.00
C GLY C 198 7.05 -13.48 -0.15
N LEU C 199 6.86 -12.78 0.98
CA LEU C 199 6.50 -11.37 0.92
C LEU C 199 7.65 -10.52 0.38
N ILE C 200 8.89 -10.90 0.68
CA ILE C 200 10.08 -10.23 0.16
C ILE C 200 10.73 -11.16 -0.86
N SER C 201 11.01 -10.62 -2.04
CA SER C 201 11.63 -11.38 -3.12
C SER C 201 13.07 -10.90 -3.32
N LEU C 202 14.01 -11.82 -3.27
CA LEU C 202 15.41 -11.54 -3.52
C LEU C 202 15.79 -12.03 -4.92
N GLN C 203 17.04 -11.77 -5.30
CA GLN C 203 17.54 -12.20 -6.61
C GLN C 203 19.06 -12.28 -6.53
N VAL C 204 19.59 -13.51 -6.53
CA VAL C 204 21.03 -13.73 -6.45
C VAL C 204 21.71 -13.08 -7.64
N LYS C 205 22.44 -11.98 -7.39
CA LYS C 205 23.10 -11.22 -8.44
C LYS C 205 24.62 -11.36 -8.39
N GLN C 206 25.12 -12.51 -7.93
CA GLN C 206 26.55 -12.75 -7.88
C GLN C 206 26.84 -14.24 -7.76
N LYS C 207 27.85 -14.60 -6.98
CA LYS C 207 28.21 -15.99 -6.75
C LYS C 207 28.44 -16.24 -5.26
N GLY C 208 29.62 -15.85 -4.77
CA GLY C 208 29.89 -15.90 -3.35
C GLY C 208 30.63 -17.13 -2.87
N ALA C 209 31.70 -16.93 -2.12
CA ALA C 209 32.43 -18.03 -1.50
C ALA C 209 31.59 -18.65 -0.38
N ASP C 210 31.41 -17.89 0.69
CA ASP C 210 30.49 -18.27 1.77
C ASP C 210 29.37 -17.25 1.95
N PHE C 211 29.28 -16.27 1.07
CA PHE C 211 28.24 -15.26 1.11
C PHE C 211 27.46 -15.30 -0.22
N LEU C 212 26.55 -14.34 -0.39
CA LEU C 212 25.75 -14.27 -1.61
C LEU C 212 25.20 -12.85 -1.73
N VAL C 213 25.62 -12.14 -2.77
CA VAL C 213 25.14 -10.79 -3.04
C VAL C 213 23.86 -10.90 -3.84
N THR C 214 22.79 -10.27 -3.34
CA THR C 214 21.48 -10.37 -3.95
C THR C 214 20.82 -9.00 -4.01
N GLU C 215 19.98 -8.82 -5.02
CA GLU C 215 19.18 -7.60 -5.17
C GLU C 215 17.76 -7.86 -4.72
N VAL C 216 17.17 -6.87 -4.05
CA VAL C 216 15.82 -6.99 -3.49
C VAL C 216 14.83 -6.82 -4.64
N GLU C 217 14.33 -7.93 -5.18
CA GLU C 217 13.36 -7.85 -6.26
C GLU C 217 12.03 -7.29 -5.79
N ASN C 218 11.67 -7.52 -4.53
CA ASN C 218 10.44 -6.98 -3.96
C ASN C 218 10.70 -6.64 -2.50
N GLY C 219 10.55 -5.37 -2.15
CA GLY C 219 10.89 -4.90 -0.83
C GLY C 219 9.80 -5.14 0.20
N GLY C 220 9.93 -4.44 1.32
CA GLY C 220 9.02 -4.56 2.44
C GLY C 220 9.81 -4.60 3.74
N SER C 221 9.13 -4.98 4.80
CA SER C 221 9.76 -5.11 6.11
C SER C 221 10.46 -6.46 6.21
N LEU C 222 10.94 -6.79 7.41
CA LEU C 222 11.56 -8.08 7.69
C LEU C 222 11.67 -8.29 9.20
N GLY C 223 10.95 -9.26 9.73
CA GLY C 223 11.05 -9.60 11.14
C GLY C 223 12.21 -10.54 11.40
N SER C 224 12.33 -10.94 12.68
CA SER C 224 13.43 -11.79 13.11
C SER C 224 13.09 -13.26 12.87
N LYS C 225 14.05 -13.99 12.30
CA LYS C 225 13.95 -15.44 12.13
C LYS C 225 12.73 -15.85 11.31
N LYS C 226 12.55 -15.19 10.17
CA LYS C 226 11.45 -15.50 9.27
C LYS C 226 11.88 -16.56 8.26
N GLY C 227 10.91 -17.37 7.83
CA GLY C 227 11.22 -18.48 6.93
C GLY C 227 11.52 -18.00 5.52
N VAL C 228 12.46 -18.68 4.87
CA VAL C 228 12.85 -18.36 3.50
C VAL C 228 12.67 -19.60 2.64
N ASN C 229 12.01 -19.43 1.50
CA ASN C 229 11.78 -20.49 0.53
C ASN C 229 12.69 -20.28 -0.67
N LEU C 230 13.34 -21.36 -1.13
CA LEU C 230 14.22 -21.33 -2.29
C LEU C 230 13.55 -22.10 -3.42
N PRO C 231 12.70 -21.46 -4.23
CA PRO C 231 11.94 -22.19 -5.25
C PRO C 231 12.86 -22.82 -6.30
N GLY C 232 12.42 -23.98 -6.81
CA GLY C 232 13.13 -24.64 -7.88
C GLY C 232 14.31 -25.48 -7.42
N ALA C 233 15.13 -24.93 -6.53
CA ALA C 233 16.34 -25.60 -6.09
C ALA C 233 16.01 -26.89 -5.32
N ALA C 234 17.03 -27.71 -5.12
CA ALA C 234 16.92 -28.96 -4.39
C ALA C 234 17.62 -28.78 -3.05
N VAL C 235 16.85 -28.45 -2.02
CA VAL C 235 17.42 -28.22 -0.69
C VAL C 235 18.02 -29.51 -0.17
N ASP C 236 19.33 -29.49 0.09
CA ASP C 236 20.06 -30.68 0.53
C ASP C 236 19.65 -31.15 1.92
N LEU C 237 18.75 -30.44 2.60
CA LEU C 237 18.32 -30.85 3.93
C LEU C 237 17.66 -32.23 3.87
N PRO C 238 17.81 -33.03 4.93
CA PRO C 238 17.30 -34.41 4.89
C PRO C 238 15.78 -34.48 4.90
N ALA C 239 15.24 -35.69 4.83
CA ALA C 239 13.81 -35.90 4.88
C ALA C 239 13.29 -35.67 6.30
N VAL C 240 13.71 -36.52 7.23
CA VAL C 240 13.33 -36.42 8.63
C VAL C 240 14.56 -35.93 9.39
N SER C 241 14.61 -34.62 9.64
CA SER C 241 15.73 -34.05 10.38
C SER C 241 15.79 -34.64 11.79
N GLU C 242 16.94 -34.41 12.44
CA GLU C 242 17.11 -34.90 13.81
C GLU C 242 16.05 -34.33 14.74
N LYS C 243 15.59 -33.10 14.48
CA LYS C 243 14.48 -32.54 15.23
C LYS C 243 13.19 -33.29 14.94
N ASP C 244 12.95 -33.63 13.67
CA ASP C 244 11.74 -34.35 13.30
C ASP C 244 11.71 -35.74 13.93
N ILE C 245 12.86 -36.39 14.04
CA ILE C 245 12.92 -37.71 14.66
C ILE C 245 12.44 -37.64 16.11
N GLN C 246 12.94 -36.66 16.86
CA GLN C 246 12.47 -36.47 18.22
C GLN C 246 11.00 -36.08 18.25
N ASP C 247 10.52 -35.40 17.20
CA ASP C 247 9.11 -35.03 17.15
C ASP C 247 8.23 -36.26 16.92
N LEU C 248 8.55 -37.06 15.90
CA LEU C 248 7.75 -38.25 15.62
C LEU C 248 7.84 -39.26 16.75
N LYS C 249 9.04 -39.48 17.29
CA LYS C 249 9.18 -40.34 18.46
C LYS C 249 8.35 -39.81 19.63
N PHE C 250 8.22 -38.48 19.73
CA PHE C 250 7.34 -37.91 20.73
C PHE C 250 5.88 -38.13 20.37
N GLY C 251 5.54 -38.05 19.09
CA GLY C 251 4.17 -38.26 18.67
C GLY C 251 3.70 -39.69 18.90
N VAL C 252 4.54 -40.66 18.55
CA VAL C 252 4.21 -42.06 18.82
C VAL C 252 4.14 -42.30 20.32
N GLU C 253 4.98 -41.62 21.09
CA GLU C 253 4.90 -41.73 22.54
C GLU C 253 3.68 -41.00 23.11
N GLN C 254 3.06 -40.12 22.34
CA GLN C 254 1.86 -39.41 22.77
C GLN C 254 0.59 -39.93 22.12
N ASP C 255 0.69 -40.99 21.30
CA ASP C 255 -0.46 -41.66 20.69
C ASP C 255 -1.17 -40.74 19.68
N VAL C 256 -0.37 -40.10 18.82
CA VAL C 256 -0.94 -39.30 17.74
C VAL C 256 -1.67 -40.21 16.75
N ASP C 257 -2.65 -39.66 16.06
CA ASP C 257 -3.44 -40.43 15.10
C ASP C 257 -2.93 -40.32 13.68
N MET C 258 -2.23 -39.23 13.35
CA MET C 258 -1.69 -39.04 12.01
C MET C 258 -0.58 -38.00 12.09
N VAL C 259 0.30 -38.02 11.10
CA VAL C 259 1.37 -37.04 11.00
C VAL C 259 1.27 -36.34 9.65
N PHE C 260 1.53 -35.03 9.65
CA PHE C 260 1.53 -34.22 8.44
C PHE C 260 3.00 -33.97 8.08
N ALA C 261 3.55 -34.83 7.23
CA ALA C 261 4.97 -34.77 6.89
C ALA C 261 5.23 -33.53 6.04
N SER C 262 6.00 -32.60 6.58
CA SER C 262 6.24 -31.33 5.91
C SER C 262 7.19 -31.51 4.74
N PHE C 263 6.87 -30.86 3.61
CA PHE C 263 7.80 -30.63 2.51
C PHE C 263 8.29 -31.95 1.88
N ILE C 264 7.39 -32.92 1.75
CA ILE C 264 7.74 -34.16 1.06
C ILE C 264 7.99 -33.86 -0.41
N ARG C 265 9.05 -34.48 -0.96
CA ARG C 265 9.39 -34.25 -2.36
C ARG C 265 9.51 -35.56 -3.14
N LYS C 266 9.87 -36.65 -2.46
CA LYS C 266 10.03 -37.94 -3.11
C LYS C 266 9.41 -39.03 -2.25
N ALA C 267 9.15 -40.17 -2.88
CA ALA C 267 8.46 -41.27 -2.20
C ALA C 267 9.30 -41.86 -1.07
N SER C 268 10.62 -41.74 -1.14
CA SER C 268 11.46 -42.26 -0.07
C SER C 268 11.30 -41.45 1.21
N ASP C 269 10.92 -40.17 1.10
CA ASP C 269 10.71 -39.35 2.28
C ASP C 269 9.59 -39.92 3.15
N VAL C 270 8.49 -40.37 2.53
CA VAL C 270 7.40 -40.99 3.28
C VAL C 270 7.88 -42.27 3.94
N HIS C 271 8.71 -43.04 3.23
CA HIS C 271 9.29 -44.23 3.83
C HIS C 271 10.27 -43.87 4.95
N GLU C 272 11.03 -42.80 4.77
CA GLU C 272 11.91 -42.33 5.83
C GLU C 272 11.12 -41.95 7.07
N VAL C 273 9.93 -41.37 6.88
CA VAL C 273 9.09 -40.99 8.01
C VAL C 273 8.45 -42.22 8.63
N ARG C 274 7.98 -43.16 7.80
CA ARG C 274 7.33 -44.35 8.33
C ARG C 274 8.33 -45.24 9.08
N LYS C 275 9.60 -45.21 8.68
CA LYS C 275 10.61 -45.96 9.41
C LYS C 275 10.79 -45.41 10.82
N VAL C 276 10.85 -44.08 10.96
CA VAL C 276 11.06 -43.47 12.27
C VAL C 276 9.87 -43.76 13.18
N LEU C 277 8.66 -43.81 12.61
CA LEU C 277 7.49 -44.17 13.41
C LEU C 277 7.60 -45.60 13.92
N GLY C 278 8.28 -46.47 13.20
CA GLY C 278 8.56 -47.83 13.62
C GLY C 278 7.31 -48.69 13.76
N GLU C 279 7.47 -49.76 14.55
CA GLU C 279 6.37 -50.68 14.81
C GLU C 279 5.44 -50.18 15.91
N LYS C 280 5.90 -49.27 16.77
CA LYS C 280 5.04 -48.74 17.82
C LYS C 280 3.98 -47.81 17.25
N GLY C 281 4.25 -47.21 16.08
CA GLY C 281 3.29 -46.32 15.45
C GLY C 281 2.99 -46.70 14.02
N LYS C 282 2.99 -48.00 13.72
CA LYS C 282 2.72 -48.45 12.36
C LYS C 282 1.28 -48.20 11.96
N ASN C 283 0.37 -48.01 12.91
CA ASN C 283 -1.02 -47.71 12.62
C ASN C 283 -1.30 -46.22 12.54
N ILE C 284 -0.26 -45.40 12.49
CA ILE C 284 -0.41 -43.95 12.42
C ILE C 284 -0.40 -43.52 10.96
N LYS C 285 -1.45 -42.84 10.54
CA LYS C 285 -1.55 -42.39 9.15
C LYS C 285 -0.50 -41.34 8.85
N ILE C 286 0.11 -41.45 7.68
CA ILE C 286 1.10 -40.48 7.21
C ILE C 286 0.47 -39.68 6.09
N ILE C 287 0.26 -38.39 6.34
CA ILE C 287 -0.27 -37.47 5.34
C ILE C 287 0.91 -36.64 4.83
N SER C 288 1.31 -36.89 3.59
CA SER C 288 2.42 -36.16 2.99
C SER C 288 1.94 -34.79 2.54
N LYS C 289 2.59 -33.75 3.03
CA LYS C 289 2.29 -32.39 2.61
C LYS C 289 3.05 -32.07 1.34
N ILE C 290 2.34 -31.84 0.24
CA ILE C 290 2.97 -31.42 -1.01
C ILE C 290 3.16 -29.92 -0.96
N GLU C 291 4.41 -29.47 -1.11
CA GLU C 291 4.73 -28.07 -0.85
C GLU C 291 5.70 -27.44 -1.82
N ASN C 292 6.13 -28.13 -2.87
CA ASN C 292 7.12 -27.57 -3.79
C ASN C 292 6.94 -28.20 -5.16
N HIS C 293 7.77 -27.74 -6.11
CA HIS C 293 7.69 -28.24 -7.48
C HIS C 293 8.03 -29.72 -7.54
N GLU C 294 8.97 -30.18 -6.71
CA GLU C 294 9.35 -31.59 -6.71
C GLU C 294 8.20 -32.47 -6.26
N GLY C 295 7.57 -32.12 -5.14
CA GLY C 295 6.46 -32.93 -4.63
C GLY C 295 5.28 -32.98 -5.59
N VAL C 296 5.12 -31.94 -6.40
CA VAL C 296 4.05 -31.96 -7.40
C VAL C 296 4.42 -32.85 -8.57
N ARG C 297 5.66 -32.76 -9.05
CA ARG C 297 6.10 -33.60 -10.16
C ARG C 297 6.11 -35.06 -9.76
N ARG C 298 6.71 -35.38 -8.62
CA ARG C 298 6.77 -36.75 -8.12
C ARG C 298 5.52 -37.16 -7.34
N PHE C 299 4.38 -36.53 -7.63
CA PHE C 299 3.20 -36.72 -6.78
C PHE C 299 2.72 -38.17 -6.78
N ASP C 300 2.76 -38.83 -7.93
CA ASP C 300 2.19 -40.17 -8.04
C ASP C 300 2.86 -41.15 -7.07
N GLU C 301 4.19 -41.14 -7.03
CA GLU C 301 4.89 -42.04 -6.11
C GLU C 301 4.68 -41.62 -4.65
N ILE C 302 4.53 -40.32 -4.40
CA ILE C 302 4.25 -39.86 -3.04
C ILE C 302 2.86 -40.33 -2.60
N LEU C 303 1.88 -40.24 -3.49
CA LEU C 303 0.53 -40.69 -3.16
C LEU C 303 0.51 -42.19 -2.89
N GLU C 304 1.30 -42.96 -3.64
CA GLU C 304 1.32 -44.41 -3.45
C GLU C 304 1.92 -44.78 -2.10
N ALA C 305 3.00 -44.12 -1.69
CA ALA C 305 3.68 -44.45 -0.46
C ALA C 305 3.00 -43.87 0.78
N SER C 306 2.20 -42.84 0.62
CA SER C 306 1.56 -42.16 1.75
C SER C 306 0.16 -42.70 1.98
N ASP C 307 -0.35 -42.46 3.19
CA ASP C 307 -1.73 -42.75 3.53
C ASP C 307 -2.68 -41.63 3.14
N GLY C 308 -2.16 -40.49 2.70
CA GLY C 308 -2.99 -39.36 2.32
C GLY C 308 -2.11 -38.20 1.95
N ILE C 309 -2.75 -37.15 1.44
CA ILE C 309 -2.06 -35.97 0.94
C ILE C 309 -2.70 -34.74 1.57
N MET C 310 -1.87 -33.77 1.94
CA MET C 310 -2.33 -32.44 2.30
C MET C 310 -1.86 -31.45 1.24
N VAL C 311 -2.79 -30.85 0.53
CA VAL C 311 -2.46 -29.75 -0.38
C VAL C 311 -2.14 -28.58 0.53
N ALA C 312 -0.85 -28.35 0.78
CA ALA C 312 -0.39 -27.30 1.69
C ALA C 312 -0.14 -26.06 0.83
N ARG C 313 -1.23 -25.33 0.58
CA ARG C 313 -1.20 -24.23 -0.37
C ARG C 313 -0.34 -23.06 0.08
N GLY C 314 -0.05 -22.97 1.38
CA GLY C 314 0.80 -21.90 1.88
C GLY C 314 2.16 -21.84 1.22
N ASP C 315 2.99 -22.86 1.46
CA ASP C 315 4.32 -22.87 0.88
C ASP C 315 4.28 -23.14 -0.62
N LEU C 316 3.34 -23.96 -1.08
CA LEU C 316 3.23 -24.25 -2.51
C LEU C 316 3.00 -22.97 -3.32
N GLY C 317 2.27 -22.01 -2.75
CA GLY C 317 2.07 -20.72 -3.39
C GLY C 317 3.34 -19.88 -3.48
N ILE C 318 4.37 -20.23 -2.72
CA ILE C 318 5.66 -19.53 -2.81
C ILE C 318 6.60 -20.26 -3.75
N GLU C 319 6.64 -21.59 -3.68
CA GLU C 319 7.60 -22.36 -4.48
C GLU C 319 7.17 -22.45 -5.93
N ILE C 320 5.87 -22.55 -6.20
CA ILE C 320 5.36 -22.52 -7.56
C ILE C 320 4.56 -21.23 -7.73
N PRO C 321 4.41 -20.72 -8.96
CA PRO C 321 3.67 -19.47 -9.15
C PRO C 321 2.27 -19.55 -8.54
N ALA C 322 1.88 -18.46 -7.87
CA ALA C 322 0.64 -18.45 -7.11
C ALA C 322 -0.59 -18.63 -8.00
N GLU C 323 -0.49 -18.24 -9.28
CA GLU C 323 -1.61 -18.43 -10.19
C GLU C 323 -1.78 -19.88 -10.62
N LYS C 324 -0.84 -20.75 -10.30
CA LYS C 324 -0.88 -22.15 -10.70
C LYS C 324 -1.34 -23.08 -9.59
N VAL C 325 -1.53 -22.57 -8.36
CA VAL C 325 -1.84 -23.43 -7.23
C VAL C 325 -3.18 -24.13 -7.42
N PHE C 326 -4.17 -23.40 -7.94
CA PHE C 326 -5.48 -24.01 -8.18
C PHE C 326 -5.38 -25.21 -9.12
N LEU C 327 -4.43 -25.18 -10.04
CA LEU C 327 -4.20 -26.33 -10.90
C LEU C 327 -3.62 -27.50 -10.13
N ALA C 328 -2.57 -27.25 -9.34
CA ALA C 328 -2.00 -28.30 -8.51
C ALA C 328 -3.00 -28.83 -7.49
N GLN C 329 -3.86 -27.94 -6.96
CA GLN C 329 -4.84 -28.37 -5.97
C GLN C 329 -5.90 -29.26 -6.59
N LYS C 330 -6.47 -28.85 -7.73
CA LYS C 330 -7.46 -29.68 -8.40
C LYS C 330 -6.84 -30.97 -8.94
N MET C 331 -5.56 -30.94 -9.30
CA MET C 331 -4.91 -32.14 -9.80
C MET C 331 -4.72 -33.17 -8.69
N MET C 332 -4.27 -32.72 -7.51
CA MET C 332 -3.98 -33.65 -6.41
C MET C 332 -5.26 -34.16 -5.76
N ILE C 333 -6.31 -33.35 -5.73
CA ILE C 333 -7.58 -33.79 -5.15
C ILE C 333 -8.19 -34.88 -6.02
N GLY C 334 -8.22 -34.66 -7.34
CA GLY C 334 -8.78 -35.65 -8.23
C GLY C 334 -8.01 -36.97 -8.21
N ARG C 335 -6.69 -36.89 -8.10
CA ARG C 335 -5.87 -38.10 -8.14
C ARG C 335 -6.06 -38.92 -6.87
N CYS C 336 -6.12 -38.27 -5.70
CA CYS C 336 -6.43 -38.97 -4.47
C CYS C 336 -7.85 -39.51 -4.47
N ASN C 337 -8.80 -38.74 -5.02
CA ASN C 337 -10.14 -39.25 -5.24
C ASN C 337 -10.11 -40.51 -6.10
N ARG C 338 -9.28 -40.50 -7.15
CA ARG C 338 -9.13 -41.69 -7.99
C ARG C 338 -8.52 -42.84 -7.20
N ALA C 339 -7.52 -42.55 -6.38
CA ALA C 339 -6.83 -43.58 -5.61
C ALA C 339 -7.51 -43.89 -4.29
N GLY C 340 -8.63 -43.24 -3.98
CA GLY C 340 -9.32 -43.50 -2.73
C GLY C 340 -8.57 -43.07 -1.49
N LYS C 341 -7.63 -42.14 -1.61
CA LYS C 341 -6.89 -41.65 -0.46
C LYS C 341 -7.39 -40.30 -0.03
N PRO C 342 -7.36 -40.00 1.28
CA PRO C 342 -7.81 -38.69 1.74
C PRO C 342 -6.90 -37.58 1.23
N VAL C 343 -7.51 -36.43 0.96
CA VAL C 343 -6.78 -35.24 0.54
C VAL C 343 -7.28 -34.05 1.36
N ILE C 344 -6.35 -33.23 1.84
CA ILE C 344 -6.66 -32.10 2.71
C ILE C 344 -6.36 -30.81 1.95
N CYS C 345 -7.33 -29.91 1.93
CA CYS C 345 -7.10 -28.54 1.49
C CYS C 345 -6.82 -27.69 2.72
N ALA C 346 -5.69 -26.97 2.71
CA ALA C 346 -5.21 -26.33 3.91
C ALA C 346 -4.73 -24.90 3.62
N THR C 347 -4.66 -24.13 4.70
CA THR C 347 -4.00 -22.82 4.79
C THR C 347 -4.72 -21.70 4.06
N GLN C 348 -4.96 -20.60 4.78
CA GLN C 348 -5.52 -19.36 4.26
C GLN C 348 -6.92 -19.54 3.66
N MET C 349 -7.64 -20.58 4.08
CA MET C 349 -9.00 -20.78 3.59
C MET C 349 -9.93 -19.69 4.09
N LEU C 350 -9.78 -19.30 5.36
CA LEU C 350 -10.54 -18.21 5.98
C LEU C 350 -9.57 -17.21 6.61
N GLU C 351 -8.53 -16.84 5.85
CA GLU C 351 -7.41 -16.11 6.42
C GLU C 351 -7.85 -14.81 7.08
N SER C 352 -8.73 -14.05 6.41
CA SER C 352 -9.17 -12.78 6.96
C SER C 352 -9.88 -12.93 8.30
N MET C 353 -10.41 -14.12 8.60
CA MET C 353 -11.08 -14.33 9.88
C MET C 353 -10.13 -14.39 11.06
N ILE C 354 -8.85 -14.09 10.86
CA ILE C 354 -7.93 -13.94 11.98
C ILE C 354 -8.27 -12.69 12.78
N LYS C 355 -8.64 -11.60 12.10
CA LYS C 355 -8.96 -10.34 12.75
C LYS C 355 -10.40 -9.88 12.56
N LYS C 356 -11.14 -10.44 11.60
CA LYS C 356 -12.51 -10.03 11.36
C LYS C 356 -13.47 -11.19 11.64
N PRO C 357 -14.68 -10.90 12.11
CA PRO C 357 -15.61 -11.98 12.50
C PRO C 357 -16.31 -12.66 11.31
N ARG C 358 -16.13 -12.18 10.10
CA ARG C 358 -16.73 -12.78 8.92
C ARG C 358 -15.69 -12.93 7.83
N PRO C 359 -15.78 -13.99 7.02
CA PRO C 359 -14.82 -14.18 5.94
C PRO C 359 -15.15 -13.31 4.75
N THR C 360 -14.17 -13.18 3.85
CA THR C 360 -14.41 -12.51 2.59
C THR C 360 -15.17 -13.43 1.64
N ARG C 361 -15.70 -12.84 0.56
CA ARG C 361 -16.43 -13.64 -0.42
C ARG C 361 -15.50 -14.60 -1.15
N ALA C 362 -14.24 -14.21 -1.35
CA ALA C 362 -13.27 -15.14 -1.94
C ALA C 362 -13.00 -16.32 -1.02
N GLU C 363 -13.02 -16.10 0.29
CA GLU C 363 -12.74 -17.17 1.24
C GLU C 363 -13.91 -18.13 1.36
N GLY C 364 -15.15 -17.61 1.35
CA GLY C 364 -16.30 -18.48 1.38
C GLY C 364 -16.39 -19.37 0.15
N SER C 365 -15.98 -18.84 -1.01
CA SER C 365 -16.01 -19.61 -2.24
C SER C 365 -14.83 -20.56 -2.35
N ASP C 366 -13.71 -20.24 -1.69
CA ASP C 366 -12.56 -21.14 -1.72
C ASP C 366 -12.83 -22.41 -0.92
N VAL C 367 -13.53 -22.28 0.21
CA VAL C 367 -13.91 -23.45 1.00
C VAL C 367 -14.91 -24.29 0.21
N ALA C 368 -15.94 -23.66 -0.33
CA ALA C 368 -16.97 -24.38 -1.07
C ALA C 368 -16.38 -25.09 -2.28
N ASN C 369 -15.46 -24.43 -2.98
CA ASN C 369 -14.88 -25.07 -4.16
C ASN C 369 -13.93 -26.19 -3.78
N ALA C 370 -13.27 -26.10 -2.63
CA ALA C 370 -12.47 -27.21 -2.15
C ALA C 370 -13.33 -28.45 -1.92
N VAL C 371 -14.56 -28.24 -1.45
CA VAL C 371 -15.48 -29.37 -1.28
C VAL C 371 -15.93 -29.89 -2.64
N LEU C 372 -16.31 -28.98 -3.54
CA LEU C 372 -16.73 -29.40 -4.88
C LEU C 372 -15.59 -30.02 -5.66
N ASP C 373 -14.35 -29.63 -5.37
CA ASP C 373 -13.20 -30.29 -5.99
C ASP C 373 -13.11 -31.74 -5.55
N GLY C 374 -13.47 -32.02 -4.28
CA GLY C 374 -13.47 -33.38 -3.77
C GLY C 374 -12.61 -33.57 -2.55
N ALA C 375 -12.30 -32.49 -1.85
CA ALA C 375 -11.45 -32.58 -0.67
C ALA C 375 -12.15 -33.30 0.46
N ASP C 376 -11.48 -34.30 1.03
CA ASP C 376 -12.04 -35.03 2.16
C ASP C 376 -12.10 -34.14 3.40
N CYS C 377 -11.08 -33.33 3.61
CA CYS C 377 -11.01 -32.45 4.76
C CYS C 377 -10.65 -31.04 4.32
N ILE C 378 -10.99 -30.08 5.17
CA ILE C 378 -10.52 -28.71 5.05
C ILE C 378 -9.85 -28.34 6.36
N MET C 379 -8.95 -27.35 6.29
CA MET C 379 -8.08 -27.03 7.41
C MET C 379 -8.07 -25.53 7.68
N LEU C 380 -7.89 -25.18 8.94
CA LEU C 380 -7.65 -23.81 9.38
C LEU C 380 -6.32 -23.76 10.11
N SER C 381 -5.54 -22.70 9.86
CA SER C 381 -4.20 -22.59 10.42
C SER C 381 -4.20 -21.46 11.42
N GLY C 382 -3.85 -20.23 11.03
CA GLY C 382 -3.90 -19.12 11.96
C GLY C 382 -5.30 -18.74 12.38
N GLU C 383 -6.32 -19.16 11.62
CA GLU C 383 -7.69 -18.79 11.95
C GLU C 383 -8.12 -19.36 13.29
N THR C 384 -7.63 -20.54 13.65
CA THR C 384 -7.95 -21.14 14.94
C THR C 384 -6.78 -21.20 15.90
N ALA C 385 -5.54 -21.08 15.40
CA ALA C 385 -4.38 -21.10 16.28
C ALA C 385 -4.20 -19.78 17.00
N LYS C 386 -4.27 -18.66 16.28
CA LYS C 386 -3.97 -17.37 16.88
C LYS C 386 -4.96 -16.27 16.50
N GLY C 387 -6.04 -16.60 15.80
CA GLY C 387 -7.00 -15.58 15.40
C GLY C 387 -7.85 -15.08 16.56
N ASP C 388 -8.66 -14.07 16.27
CA ASP C 388 -9.56 -13.49 17.25
C ASP C 388 -10.95 -14.10 17.22
N TYR C 389 -11.26 -14.94 16.24
CA TYR C 389 -12.57 -15.57 16.12
C TYR C 389 -12.41 -17.02 15.65
N PRO C 390 -11.80 -17.87 16.48
CA PRO C 390 -11.61 -19.27 16.05
C PRO C 390 -12.90 -20.04 15.93
N LEU C 391 -13.83 -19.85 16.89
CA LEU C 391 -15.12 -20.53 16.82
C LEU C 391 -15.89 -20.11 15.58
N GLU C 392 -15.94 -18.80 15.32
CA GLU C 392 -16.63 -18.30 14.13
C GLU C 392 -16.03 -18.89 12.86
N ALA C 393 -14.75 -19.26 12.89
CA ALA C 393 -14.12 -19.86 11.72
C ALA C 393 -14.56 -21.30 11.53
N VAL C 394 -14.54 -22.09 12.61
CA VAL C 394 -14.99 -23.48 12.52
C VAL C 394 -16.45 -23.54 12.09
N ARG C 395 -17.29 -22.72 12.73
CA ARG C 395 -18.70 -22.67 12.36
C ARG C 395 -18.88 -22.29 10.90
N MET C 396 -18.07 -21.35 10.40
CA MET C 396 -18.18 -20.94 9.01
C MET C 396 -17.80 -22.07 8.06
N GLN C 397 -16.69 -22.77 8.35
CA GLN C 397 -16.28 -23.88 7.50
C GLN C 397 -17.31 -25.01 7.54
N HIS C 398 -17.93 -25.22 8.71
CA HIS C 398 -18.99 -26.23 8.80
C HIS C 398 -20.21 -25.83 8.00
N LEU C 399 -20.53 -24.53 7.99
CA LEU C 399 -21.71 -24.07 7.27
C LEU C 399 -21.49 -24.12 5.76
N ILE C 400 -20.33 -23.67 5.30
CA ILE C 400 -20.05 -23.67 3.87
C ILE C 400 -19.96 -25.09 3.33
N ALA C 401 -19.29 -25.97 4.07
CA ALA C 401 -19.13 -27.36 3.61
C ALA C 401 -20.47 -28.06 3.47
N ARG C 402 -21.39 -27.81 4.42
CA ARG C 402 -22.69 -28.46 4.35
C ARG C 402 -23.49 -27.99 3.14
N GLU C 403 -23.37 -26.71 2.78
CA GLU C 403 -24.06 -26.23 1.60
C GLU C 403 -23.38 -26.74 0.33
N ALA C 404 -22.06 -26.85 0.33
CA ALA C 404 -21.34 -27.33 -0.84
C ALA C 404 -21.59 -28.81 -1.10
N GLU C 405 -21.74 -29.61 -0.03
CA GLU C 405 -22.07 -31.01 -0.20
C GLU C 405 -23.44 -31.21 -0.83
N ALA C 406 -24.34 -30.24 -0.68
CA ALA C 406 -25.62 -30.32 -1.37
C ALA C 406 -25.46 -30.00 -2.86
N ALA C 407 -24.50 -29.15 -3.20
CA ALA C 407 -24.29 -28.72 -4.58
C ALA C 407 -23.42 -29.68 -5.39
N ILE C 408 -23.00 -30.81 -4.81
CA ILE C 408 -22.14 -31.74 -5.52
C ILE C 408 -22.96 -32.48 -6.57
N TYR C 409 -22.45 -32.52 -7.80
CA TYR C 409 -23.13 -33.18 -8.92
C TYR C 409 -22.87 -34.68 -8.81
N HIS C 410 -23.68 -35.34 -7.97
CA HIS C 410 -23.47 -36.76 -7.69
C HIS C 410 -23.74 -37.63 -8.91
N LEU C 411 -24.64 -37.21 -9.80
CA LEU C 411 -24.97 -38.01 -10.97
C LEU C 411 -23.73 -38.25 -11.83
N GLN C 412 -22.86 -37.25 -11.93
CA GLN C 412 -21.64 -37.35 -12.72
C GLN C 412 -20.46 -37.85 -11.88
N LEU C 413 -20.36 -37.41 -10.62
CA LEU C 413 -19.23 -37.80 -9.79
C LEU C 413 -19.21 -39.31 -9.56
N PHE C 414 -20.38 -39.92 -9.39
CA PHE C 414 -20.45 -41.34 -9.09
C PHE C 414 -20.13 -42.19 -10.31
N GLU C 415 -20.64 -41.81 -11.48
CA GLU C 415 -20.37 -42.57 -12.69
C GLU C 415 -18.90 -42.50 -13.07
N GLU C 416 -18.29 -41.32 -12.93
CA GLU C 416 -16.88 -41.17 -13.29
C GLU C 416 -15.95 -41.84 -12.29
N LEU C 417 -16.34 -41.88 -11.01
CA LEU C 417 -15.50 -42.53 -10.01
C LEU C 417 -15.47 -44.04 -10.22
N ARG C 418 -16.61 -44.63 -10.59
CA ARG C 418 -16.64 -46.06 -10.88
C ARG C 418 -15.93 -46.36 -12.20
N ARG C 419 -16.09 -45.49 -13.19
CA ARG C 419 -15.43 -45.71 -14.48
C ARG C 419 -13.92 -45.69 -14.34
N LEU C 420 -13.39 -44.77 -13.52
CA LEU C 420 -11.96 -44.67 -13.28
C LEU C 420 -11.48 -45.60 -12.17
N ALA C 421 -12.20 -46.69 -11.92
CA ALA C 421 -11.80 -47.69 -10.94
C ALA C 421 -11.81 -49.07 -11.60
N PRO C 422 -10.81 -49.90 -11.31
CA PRO C 422 -10.68 -51.17 -12.01
C PRO C 422 -11.50 -52.30 -11.37
N ILE C 423 -11.63 -53.39 -12.13
CA ILE C 423 -12.26 -54.60 -11.60
C ILE C 423 -11.46 -55.07 -10.39
N THR C 424 -12.17 -55.37 -9.31
CA THR C 424 -11.52 -55.51 -8.01
C THR C 424 -11.08 -56.93 -7.70
N SER C 425 -12.01 -57.90 -7.78
CA SER C 425 -11.86 -59.23 -7.22
C SER C 425 -11.73 -59.23 -5.71
N ASP C 426 -11.97 -58.08 -5.06
CA ASP C 426 -12.00 -57.98 -3.61
C ASP C 426 -13.46 -57.89 -3.18
N PRO C 427 -13.94 -58.78 -2.32
CA PRO C 427 -15.36 -58.71 -1.92
C PRO C 427 -15.73 -57.43 -1.21
N THR C 428 -14.83 -56.85 -0.42
CA THR C 428 -15.13 -55.62 0.28
C THR C 428 -15.32 -54.46 -0.69
N GLU C 429 -14.48 -54.36 -1.71
CA GLU C 429 -14.63 -53.30 -2.70
C GLU C 429 -15.94 -53.43 -3.46
N ALA C 430 -16.28 -54.65 -3.87
CA ALA C 430 -17.54 -54.87 -4.60
C ALA C 430 -18.74 -54.62 -3.69
N THR C 431 -18.64 -55.01 -2.42
CA THR C 431 -19.71 -54.72 -1.47
C THR C 431 -19.92 -53.22 -1.31
N ALA C 432 -18.83 -52.46 -1.21
CA ALA C 432 -18.93 -51.01 -1.03
C ALA C 432 -19.58 -50.35 -2.24
N VAL C 433 -19.30 -50.86 -3.44
CA VAL C 433 -19.87 -50.28 -4.65
C VAL C 433 -21.38 -50.51 -4.68
N GLY C 434 -21.83 -51.73 -4.34
CA GLY C 434 -23.25 -52.00 -4.30
C GLY C 434 -23.95 -51.26 -3.18
N ALA C 435 -23.26 -51.09 -2.05
CA ALA C 435 -23.84 -50.32 -0.94
C ALA C 435 -24.11 -48.88 -1.35
N VAL C 436 -23.15 -48.26 -2.04
CA VAL C 436 -23.33 -46.88 -2.50
C VAL C 436 -24.30 -46.83 -3.66
N GLU C 437 -24.34 -47.89 -4.49
CA GLU C 437 -25.34 -47.94 -5.55
C GLU C 437 -26.75 -48.05 -4.95
N ALA C 438 -26.91 -48.93 -3.97
CA ALA C 438 -28.18 -48.98 -3.25
C ALA C 438 -28.41 -47.73 -2.43
N SER C 439 -27.34 -47.01 -2.06
CA SER C 439 -27.51 -45.76 -1.34
C SER C 439 -28.34 -44.76 -2.16
N PHE C 440 -27.98 -44.55 -3.42
CA PHE C 440 -28.72 -43.60 -4.24
C PHE C 440 -30.07 -44.16 -4.65
N LYS C 441 -30.15 -45.47 -4.90
CA LYS C 441 -31.38 -46.07 -5.42
C LYS C 441 -32.54 -45.91 -4.44
N CYS C 442 -32.32 -46.26 -3.18
CA CYS C 442 -33.35 -46.15 -2.17
C CYS C 442 -33.34 -44.82 -1.45
N CYS C 443 -32.38 -43.95 -1.76
CA CYS C 443 -32.19 -42.68 -1.06
C CYS C 443 -32.16 -42.91 0.46
N SER C 444 -31.20 -43.73 0.88
CA SER C 444 -31.10 -44.11 2.28
C SER C 444 -30.62 -42.93 3.12
N GLY C 445 -30.93 -43.00 4.42
CA GLY C 445 -30.51 -41.97 5.35
C GLY C 445 -29.07 -42.09 5.80
N ALA C 446 -28.48 -43.27 5.69
CA ALA C 446 -27.10 -43.48 6.11
C ALA C 446 -26.60 -44.82 5.57
N ILE C 447 -25.28 -45.00 5.62
CA ILE C 447 -24.62 -46.25 5.30
C ILE C 447 -23.95 -46.71 6.59
N ILE C 448 -24.59 -47.62 7.32
CA ILE C 448 -24.01 -48.14 8.55
C ILE C 448 -22.99 -49.21 8.20
N VAL C 449 -21.72 -48.97 8.53
CA VAL C 449 -20.63 -49.89 8.24
C VAL C 449 -19.98 -50.29 9.55
N LEU C 450 -19.94 -51.58 9.83
CA LEU C 450 -19.15 -52.10 10.93
C LEU C 450 -17.71 -52.26 10.46
N THR C 451 -16.77 -51.63 11.15
CA THR C 451 -15.39 -51.66 10.72
C THR C 451 -14.47 -51.69 11.94
N LYS C 452 -13.42 -52.50 11.86
CA LYS C 452 -12.45 -52.59 12.94
C LYS C 452 -11.27 -51.65 12.71
N SER C 453 -10.73 -51.63 11.48
CA SER C 453 -9.60 -50.78 11.14
C SER C 453 -9.99 -49.60 10.27
N GLY C 454 -11.28 -49.40 10.00
CA GLY C 454 -11.73 -48.32 9.16
C GLY C 454 -11.75 -48.63 7.67
N ARG C 455 -10.97 -49.62 7.24
CA ARG C 455 -10.78 -49.88 5.81
C ARG C 455 -12.12 -50.01 5.08
N SER C 456 -13.01 -50.86 5.60
CA SER C 456 -14.31 -51.04 4.96
C SER C 456 -15.06 -49.73 4.81
N ALA C 457 -14.96 -48.86 5.82
CA ALA C 457 -15.58 -47.55 5.71
C ALA C 457 -14.86 -46.68 4.68
N HIS C 458 -13.54 -46.78 4.60
CA HIS C 458 -12.79 -46.01 3.61
C HIS C 458 -13.16 -46.40 2.19
N GLN C 459 -13.49 -47.69 1.97
CA GLN C 459 -13.86 -48.15 0.64
C GLN C 459 -15.26 -47.69 0.25
N VAL C 460 -16.14 -47.47 1.23
CA VAL C 460 -17.45 -46.90 0.93
C VAL C 460 -17.33 -45.42 0.62
N ALA C 461 -16.61 -44.68 1.45
CA ALA C 461 -16.43 -43.26 1.24
C ALA C 461 -15.68 -42.96 -0.05
N ARG C 462 -14.96 -43.94 -0.60
CA ARG C 462 -14.24 -43.74 -1.85
C ARG C 462 -15.21 -43.42 -2.99
N TYR C 463 -16.39 -44.02 -2.97
CA TYR C 463 -17.37 -43.83 -4.02
C TYR C 463 -18.36 -42.71 -3.73
N ARG C 464 -18.17 -42.00 -2.61
CA ARG C 464 -18.85 -40.75 -2.28
C ARG C 464 -20.37 -40.85 -2.34
N PRO C 465 -21.00 -41.55 -1.40
CA PRO C 465 -22.46 -41.49 -1.32
C PRO C 465 -22.91 -40.18 -0.71
N ARG C 466 -24.05 -39.67 -1.18
CA ARG C 466 -24.64 -38.50 -0.55
C ARG C 466 -24.99 -38.78 0.90
N ALA C 467 -25.49 -39.98 1.18
CA ALA C 467 -25.84 -40.35 2.54
C ALA C 467 -24.58 -40.49 3.39
N PRO C 468 -24.65 -40.17 4.68
CA PRO C 468 -23.47 -40.27 5.53
C PRO C 468 -23.12 -41.71 5.86
N ILE C 469 -21.82 -41.95 6.04
CA ILE C 469 -21.32 -43.26 6.42
C ILE C 469 -21.16 -43.28 7.94
N ILE C 470 -21.98 -44.09 8.61
CA ILE C 470 -21.87 -44.26 10.07
C ILE C 470 -20.98 -45.47 10.31
N ALA C 471 -19.71 -45.22 10.60
CA ALA C 471 -18.73 -46.28 10.84
C ALA C 471 -18.70 -46.60 12.33
N VAL C 472 -19.20 -47.77 12.71
CA VAL C 472 -19.19 -48.21 14.09
C VAL C 472 -17.95 -49.06 14.33
N THR C 473 -17.13 -48.63 15.30
CA THR C 473 -15.92 -49.33 15.66
C THR C 473 -15.77 -49.33 17.17
N ARG C 474 -15.08 -50.35 17.69
CA ARG C 474 -14.65 -50.37 19.07
C ARG C 474 -13.23 -49.88 19.23
N ASN C 475 -12.52 -49.62 18.12
CA ASN C 475 -11.15 -49.16 18.16
C ASN C 475 -11.13 -47.64 18.21
N PRO C 476 -10.70 -47.02 19.32
CA PRO C 476 -10.71 -45.55 19.38
C PRO C 476 -9.87 -44.88 18.30
N GLN C 477 -8.71 -45.44 17.98
CA GLN C 477 -7.85 -44.82 16.96
C GLN C 477 -8.52 -44.87 15.58
N THR C 478 -9.22 -45.96 15.28
CA THR C 478 -9.92 -46.05 14.00
C THR C 478 -11.05 -45.04 13.92
N ALA C 479 -11.74 -44.81 15.04
CA ALA C 479 -12.77 -43.77 15.07
C ALA C 479 -12.17 -42.39 14.85
N ARG C 480 -11.01 -42.13 15.46
CA ARG C 480 -10.39 -40.81 15.30
C ARG C 480 -9.81 -40.63 13.90
N GLN C 481 -9.30 -41.69 13.29
CA GLN C 481 -8.71 -41.59 11.96
C GLN C 481 -9.77 -41.55 10.85
N ALA C 482 -11.01 -41.94 11.15
CA ALA C 482 -12.06 -41.90 10.14
C ALA C 482 -12.40 -40.48 9.70
N HIS C 483 -12.01 -39.48 10.50
CA HIS C 483 -12.30 -38.09 10.15
C HIS C 483 -11.58 -37.65 8.88
N LEU C 484 -10.49 -38.33 8.52
CA LEU C 484 -9.76 -37.97 7.30
C LEU C 484 -10.59 -38.21 6.04
N TYR C 485 -11.64 -39.01 6.13
CA TYR C 485 -12.39 -39.47 4.96
C TYR C 485 -13.72 -38.75 4.89
N ARG C 486 -14.06 -38.28 3.69
CA ARG C 486 -15.28 -37.51 3.48
C ARG C 486 -16.51 -38.40 3.67
N GLY C 487 -17.47 -37.91 4.47
CA GLY C 487 -18.73 -38.57 4.63
C GLY C 487 -18.79 -39.61 5.72
N ILE C 488 -17.67 -39.94 6.35
CA ILE C 488 -17.65 -40.95 7.40
C ILE C 488 -17.90 -40.29 8.74
N PHE C 489 -18.95 -40.72 9.43
CA PHE C 489 -19.29 -40.25 10.77
C PHE C 489 -18.92 -41.33 11.77
N PRO C 490 -17.68 -41.36 12.24
CA PRO C 490 -17.26 -42.44 13.15
C PRO C 490 -17.97 -42.32 14.50
N VAL C 491 -18.34 -43.47 15.05
CA VAL C 491 -18.96 -43.55 16.36
C VAL C 491 -18.29 -44.68 17.13
N LEU C 492 -17.85 -44.37 18.36
CA LEU C 492 -17.14 -45.33 19.19
C LEU C 492 -18.14 -46.05 20.10
N CYS C 493 -18.25 -47.36 19.92
CA CYS C 493 -19.12 -48.19 20.75
C CYS C 493 -18.31 -48.73 21.92
N LYS C 494 -18.65 -48.29 23.13
CA LYS C 494 -17.96 -48.73 24.33
C LYS C 494 -18.61 -49.95 24.98
N ASP C 495 -19.63 -50.52 24.34
CA ASP C 495 -20.27 -51.70 24.89
C ASP C 495 -19.31 -52.89 24.84
N PRO C 496 -19.31 -53.75 25.86
CA PRO C 496 -18.45 -54.93 25.81
C PRO C 496 -18.92 -55.93 24.77
N VAL C 497 -17.96 -56.70 24.25
CA VAL C 497 -18.26 -57.68 23.22
C VAL C 497 -19.17 -58.76 23.78
N GLN C 498 -20.20 -59.12 23.02
CA GLN C 498 -21.14 -60.15 23.43
C GLN C 498 -20.65 -61.53 23.01
N GLU C 499 -21.17 -62.55 23.71
CA GLU C 499 -20.75 -63.93 23.44
C GLU C 499 -21.17 -64.35 22.04
N ALA C 500 -22.46 -64.27 21.73
CA ALA C 500 -22.95 -64.59 20.40
C ALA C 500 -22.52 -63.49 19.43
N TRP C 501 -21.81 -63.90 18.36
CA TRP C 501 -21.32 -62.90 17.40
C TRP C 501 -22.46 -62.26 16.63
N ALA C 502 -23.52 -63.00 16.33
CA ALA C 502 -24.68 -62.41 15.66
C ALA C 502 -25.30 -61.31 16.52
N GLU C 503 -25.44 -61.56 17.82
CA GLU C 503 -26.01 -60.56 18.71
C GLU C 503 -25.06 -59.39 18.94
N ASP C 504 -23.75 -59.63 18.79
CA ASP C 504 -22.78 -58.56 19.04
C ASP C 504 -22.77 -57.54 17.91
N VAL C 505 -22.81 -58.01 16.65
CA VAL C 505 -22.86 -57.07 15.54
C VAL C 505 -24.25 -56.45 15.43
N ASP C 506 -25.29 -57.17 15.88
CA ASP C 506 -26.61 -56.56 15.98
C ASP C 506 -26.61 -55.42 16.98
N LEU C 507 -25.90 -55.59 18.10
CA LEU C 507 -25.81 -54.54 19.10
C LEU C 507 -25.13 -53.29 18.53
N ARG C 508 -24.16 -53.47 17.63
CA ARG C 508 -23.48 -52.33 17.05
C ARG C 508 -24.27 -51.71 15.91
N VAL C 509 -25.08 -52.50 15.20
CA VAL C 509 -25.96 -51.93 14.19
C VAL C 509 -27.02 -51.06 14.85
N ASN C 510 -27.59 -51.53 15.97
CA ASN C 510 -28.56 -50.72 16.71
C ASN C 510 -27.90 -49.47 17.28
N PHE C 511 -26.66 -49.58 17.74
CA PHE C 511 -25.94 -48.42 18.25
C PHE C 511 -25.87 -47.32 17.19
N ALA C 512 -25.65 -47.70 15.94
CA ALA C 512 -25.66 -46.71 14.86
C ALA C 512 -27.07 -46.20 14.60
N MET C 513 -28.08 -47.07 14.71
CA MET C 513 -29.46 -46.65 14.52
C MET C 513 -29.84 -45.57 15.52
N ASN C 514 -29.37 -45.70 16.76
CA ASN C 514 -29.70 -44.72 17.79
C ASN C 514 -28.99 -43.40 17.56
N VAL C 515 -27.71 -43.44 17.20
CA VAL C 515 -26.99 -42.19 16.93
C VAL C 515 -27.46 -41.54 15.64
N GLY C 516 -28.00 -42.33 14.71
CA GLY C 516 -28.57 -41.75 13.51
C GLY C 516 -29.90 -41.08 13.75
N LYS C 517 -30.71 -41.63 14.66
CA LYS C 517 -31.98 -40.99 15.01
C LYS C 517 -31.78 -39.85 15.99
N ALA C 518 -30.73 -39.90 16.81
CA ALA C 518 -30.48 -38.82 17.76
C ALA C 518 -29.94 -37.58 17.05
N ARG C 519 -29.06 -37.78 16.06
CA ARG C 519 -28.50 -36.67 15.29
C ARG C 519 -29.37 -36.28 14.10
N GLY C 520 -30.57 -36.86 13.99
CA GLY C 520 -31.50 -36.46 12.94
C GLY C 520 -31.15 -36.94 11.55
N PHE C 521 -30.31 -37.97 11.43
CA PHE C 521 -29.97 -38.49 10.10
C PHE C 521 -31.15 -39.22 9.48
N PHE C 522 -31.96 -39.89 10.30
CA PHE C 522 -33.12 -40.62 9.82
C PHE C 522 -34.05 -40.88 10.99
N LYS C 523 -35.29 -41.24 10.67
CA LYS C 523 -36.30 -41.57 11.66
C LYS C 523 -36.67 -43.03 11.53
N LYS C 524 -37.36 -43.53 12.56
CA LYS C 524 -37.83 -44.92 12.55
C LYS C 524 -38.70 -45.17 11.32
N GLY C 525 -38.46 -46.29 10.66
CA GLY C 525 -39.17 -46.65 9.45
C GLY C 525 -38.47 -46.28 8.17
N ASP C 526 -37.35 -45.57 8.25
CA ASP C 526 -36.57 -45.26 7.06
C ASP C 526 -35.75 -46.47 6.65
N VAL C 527 -35.11 -46.36 5.48
CA VAL C 527 -34.27 -47.41 4.93
C VAL C 527 -32.82 -46.98 5.07
N VAL C 528 -32.00 -47.87 5.63
CA VAL C 528 -30.57 -47.64 5.76
C VAL C 528 -29.84 -48.83 5.15
N ILE C 529 -28.57 -48.59 4.81
CA ILE C 529 -27.69 -49.63 4.27
C ILE C 529 -26.76 -50.05 5.39
N VAL C 530 -26.76 -51.34 5.70
CA VAL C 530 -25.96 -51.89 6.79
C VAL C 530 -24.93 -52.81 6.17
N LEU C 531 -23.65 -52.50 6.40
CA LEU C 531 -22.55 -53.31 5.90
C LEU C 531 -22.06 -54.25 6.99
N THR C 532 -21.99 -55.53 6.66
CA THR C 532 -21.59 -56.57 7.60
C THR C 532 -20.57 -57.48 6.92
N GLY C 533 -19.94 -58.34 7.70
CA GLY C 533 -19.13 -59.40 7.16
C GLY C 533 -19.60 -60.74 7.67
N TRP C 534 -18.83 -61.79 7.38
CA TRP C 534 -19.25 -63.16 7.68
C TRP C 534 -18.50 -63.78 8.86
N ARG C 535 -17.52 -63.08 9.43
CA ARG C 535 -16.79 -63.58 10.59
C ARG C 535 -16.09 -62.39 11.25
N PRO C 536 -15.79 -62.49 12.55
CA PRO C 536 -15.07 -61.40 13.22
C PRO C 536 -13.68 -61.20 12.63
N GLY C 537 -13.03 -60.13 13.07
CA GLY C 537 -11.78 -59.70 12.48
C GLY C 537 -12.01 -58.93 11.20
N SER C 538 -10.95 -58.29 10.72
CA SER C 538 -11.06 -57.41 9.57
C SER C 538 -10.75 -58.14 8.27
N GLY C 539 -11.20 -57.55 7.17
CA GLY C 539 -10.97 -58.08 5.84
C GLY C 539 -12.10 -58.91 5.27
N PHE C 540 -13.22 -59.02 5.97
CA PHE C 540 -14.30 -59.92 5.58
C PHE C 540 -15.62 -59.22 5.33
N THR C 541 -15.62 -57.89 5.23
CA THR C 541 -16.85 -57.17 4.91
C THR C 541 -17.35 -57.60 3.53
N ASN C 542 -18.47 -58.31 3.51
CA ASN C 542 -19.01 -58.84 2.27
C ASN C 542 -20.53 -58.83 2.21
N THR C 543 -21.22 -58.39 3.27
CA THR C 543 -22.66 -58.44 3.34
C THR C 543 -23.23 -57.02 3.36
N MET C 544 -24.25 -56.79 2.54
CA MET C 544 -24.92 -55.51 2.46
C MET C 544 -26.43 -55.74 2.56
N ARG C 545 -27.08 -54.96 3.42
CA ARG C 545 -28.51 -55.10 3.64
C ARG C 545 -29.19 -53.75 3.65
N VAL C 546 -30.40 -53.71 3.11
CA VAL C 546 -31.29 -52.55 3.19
C VAL C 546 -32.35 -52.88 4.23
N VAL C 547 -32.18 -52.35 5.44
CA VAL C 547 -33.06 -52.73 6.54
C VAL C 547 -33.86 -51.52 7.01
N PRO C 548 -35.07 -51.72 7.54
CA PRO C 548 -35.84 -50.58 8.05
C PRO C 548 -35.29 -50.11 9.39
N VAL C 549 -35.35 -48.80 9.60
CA VAL C 549 -34.89 -48.24 10.87
C VAL C 549 -35.94 -48.54 11.95
N PRO C 550 -35.55 -49.16 13.07
CA PRO C 550 -36.47 -49.48 14.17
C PRO C 550 -36.72 -48.30 15.09
N THR D 34 50.04 25.21 -21.07
CA THR D 34 49.89 26.33 -21.99
C THR D 34 48.45 26.42 -22.51
N GLN D 35 47.52 26.72 -21.62
CA GLN D 35 46.10 26.82 -21.97
C GLN D 35 45.77 28.22 -22.47
N GLN D 36 46.50 28.64 -23.50
CA GLN D 36 46.44 30.01 -24.02
C GLN D 36 46.73 31.03 -22.91
N LEU D 37 47.60 30.65 -21.98
CA LEU D 37 47.91 31.53 -20.85
C LEU D 37 48.69 32.75 -21.29
N HIS D 38 49.46 32.64 -22.37
CA HIS D 38 50.18 33.80 -22.89
C HIS D 38 49.20 34.84 -23.45
N ALA D 39 48.15 34.38 -24.14
CA ALA D 39 47.16 35.31 -24.66
C ALA D 39 46.31 35.92 -23.56
N ALA D 40 46.06 35.17 -22.48
CA ALA D 40 45.25 35.67 -21.38
C ALA D 40 45.93 36.77 -20.59
N MET D 41 47.23 37.02 -20.82
CA MET D 41 47.96 38.07 -20.14
C MET D 41 48.19 39.29 -21.03
N ALA D 42 47.44 39.42 -22.11
CA ALA D 42 47.62 40.54 -23.03
C ALA D 42 46.88 41.78 -22.53
N ASP D 43 47.52 42.93 -22.68
CA ASP D 43 46.93 44.19 -22.22
C ASP D 43 45.79 44.65 -23.11
N THR D 44 45.72 44.19 -24.34
CA THR D 44 44.68 44.59 -25.28
C THR D 44 43.96 43.35 -25.81
N PHE D 45 42.72 43.55 -26.28
CA PHE D 45 41.99 42.46 -26.89
C PHE D 45 42.58 42.09 -28.25
N LEU D 46 43.19 43.05 -28.95
CA LEU D 46 43.76 42.75 -30.26
C LEU D 46 45.03 41.92 -30.13
N GLU D 47 45.90 42.27 -29.18
CA GLU D 47 47.10 41.45 -28.96
C GLU D 47 46.73 40.09 -28.40
N HIS D 48 45.61 39.99 -27.68
CA HIS D 48 45.15 38.68 -27.23
C HIS D 48 44.84 37.77 -28.40
N MET D 49 44.15 38.29 -29.42
CA MET D 49 43.96 37.54 -30.65
C MET D 49 45.30 37.23 -31.30
N CYS D 50 46.18 38.25 -31.37
CA CYS D 50 47.50 38.07 -31.97
C CYS D 50 48.30 36.95 -31.31
N ARG D 51 47.98 36.61 -30.06
CA ARG D 51 48.74 35.63 -29.31
C ARG D 51 48.13 34.24 -29.34
N LEU D 52 46.99 34.05 -30.00
CA LEU D 52 46.36 32.74 -30.07
C LEU D 52 47.29 31.76 -30.80
N ASP D 53 47.53 30.62 -30.17
CA ASP D 53 48.52 29.65 -30.63
C ASP D 53 47.86 28.29 -30.85
N ILE D 54 47.87 27.83 -32.11
CA ILE D 54 47.30 26.52 -32.40
C ILE D 54 48.14 25.40 -31.82
N ASP D 55 49.38 25.68 -31.41
CA ASP D 55 50.25 24.69 -30.80
C ASP D 55 50.19 24.73 -29.28
N SER D 56 49.27 25.50 -28.72
CA SER D 56 49.11 25.60 -27.27
C SER D 56 47.89 24.78 -26.86
N PRO D 57 48.06 23.61 -26.26
CA PRO D 57 46.91 22.73 -26.00
C PRO D 57 46.06 23.25 -24.84
N PRO D 58 44.78 22.89 -24.80
CA PRO D 58 43.91 23.40 -23.74
C PRO D 58 43.92 22.51 -22.49
N ILE D 59 43.22 22.94 -21.44
CA ILE D 59 43.06 22.11 -20.25
C ILE D 59 42.09 20.98 -20.56
N THR D 60 42.33 19.83 -19.91
CA THR D 60 41.50 18.66 -20.15
C THR D 60 40.03 18.93 -19.81
N ALA D 61 39.77 19.79 -18.83
CA ALA D 61 38.41 20.11 -18.45
C ALA D 61 37.74 20.93 -19.56
N ARG D 62 36.54 20.52 -19.96
CA ARG D 62 35.72 21.24 -20.92
C ARG D 62 34.51 21.80 -20.19
N ASN D 63 34.29 23.11 -20.31
CA ASN D 63 33.32 23.81 -19.49
C ASN D 63 31.95 23.99 -20.14
N THR D 64 31.84 23.80 -21.46
CA THR D 64 30.58 24.04 -22.16
C THR D 64 29.76 22.75 -22.22
N GLY D 65 28.50 22.84 -21.82
CA GLY D 65 27.63 21.69 -21.87
C GLY D 65 27.29 21.30 -23.29
N ILE D 66 27.01 20.00 -23.47
CA ILE D 66 26.70 19.44 -24.78
C ILE D 66 25.33 18.78 -24.71
N ILE D 67 24.39 19.31 -25.48
CA ILE D 67 23.03 18.79 -25.56
C ILE D 67 22.84 18.13 -26.92
N CYS D 68 22.59 16.83 -26.91
CA CYS D 68 22.40 16.06 -28.13
C CYS D 68 20.95 15.61 -28.21
N THR D 69 20.27 16.01 -29.28
CA THR D 69 18.92 15.52 -29.53
C THR D 69 18.97 14.04 -29.85
N ILE D 70 18.26 13.23 -29.08
CA ILE D 70 18.26 11.78 -29.23
C ILE D 70 17.09 11.36 -30.12
N GLY D 71 17.38 10.52 -31.10
CA GLY D 71 16.37 10.04 -32.01
C GLY D 71 16.68 8.67 -32.58
N PRO D 72 16.23 8.42 -33.81
CA PRO D 72 16.45 7.10 -34.41
C PRO D 72 17.92 6.72 -34.55
N ALA D 73 18.81 7.68 -34.77
CA ALA D 73 20.22 7.37 -34.99
C ALA D 73 20.99 7.17 -33.69
N SER D 74 20.38 7.41 -32.53
CA SER D 74 21.14 7.31 -31.28
C SER D 74 20.31 6.81 -30.11
N ARG D 75 19.16 6.17 -30.35
CA ARG D 75 18.34 5.66 -29.27
C ARG D 75 18.85 4.36 -28.68
N SER D 76 19.78 3.69 -29.37
CA SER D 76 20.31 2.43 -28.86
C SER D 76 21.02 2.63 -27.53
N VAL D 77 20.82 1.69 -26.61
CA VAL D 77 21.42 1.81 -25.28
C VAL D 77 22.94 1.71 -25.35
N GLU D 78 23.45 0.85 -26.25
CA GLU D 78 24.90 0.68 -26.34
C GLU D 78 25.56 1.88 -26.99
N THR D 79 24.93 2.47 -27.99
CA THR D 79 25.49 3.66 -28.62
C THR D 79 25.26 4.92 -27.79
N LEU D 80 24.27 4.91 -26.90
CA LEU D 80 24.14 6.01 -25.94
C LEU D 80 25.30 6.01 -24.97
N LYS D 81 25.82 4.83 -24.62
CA LYS D 81 27.02 4.76 -23.80
C LYS D 81 28.21 5.41 -24.52
N GLU D 82 28.36 5.12 -25.81
CA GLU D 82 29.44 5.71 -26.58
C GLU D 82 29.30 7.22 -26.70
N MET D 83 28.05 7.73 -26.60
CA MET D 83 27.84 9.17 -26.64
C MET D 83 28.16 9.82 -25.29
N ILE D 84 27.88 9.12 -24.18
CA ILE D 84 28.31 9.61 -22.87
C ILE D 84 29.82 9.72 -22.82
N LYS D 85 30.51 8.68 -23.30
CA LYS D 85 31.97 8.70 -23.32
C LYS D 85 32.51 9.82 -24.21
N SER D 86 31.81 10.14 -25.29
CA SER D 86 32.22 11.22 -26.17
C SER D 86 31.88 12.61 -25.62
N GLY D 87 31.14 12.69 -24.52
CA GLY D 87 30.98 13.95 -23.83
C GLY D 87 29.58 14.53 -23.77
N MET D 88 28.56 13.73 -24.06
CA MET D 88 27.19 14.23 -23.96
C MET D 88 26.83 14.49 -22.51
N ASN D 89 26.23 15.66 -22.26
CA ASN D 89 25.78 16.03 -20.92
C ASN D 89 24.27 15.98 -20.78
N VAL D 90 23.53 16.37 -21.81
CA VAL D 90 22.07 16.45 -21.76
C VAL D 90 21.51 15.75 -23.00
N ALA D 91 20.53 14.88 -22.78
CA ALA D 91 19.83 14.19 -23.87
C ALA D 91 18.53 14.94 -24.15
N ARG D 92 18.43 15.55 -25.33
CA ARG D 92 17.26 16.31 -25.71
C ARG D 92 16.23 15.40 -26.39
N LEU D 93 14.98 15.59 -26.04
CA LEU D 93 13.86 14.82 -26.59
C LEU D 93 12.93 15.77 -27.32
N ASN D 94 13.02 15.81 -28.65
CA ASN D 94 12.11 16.63 -29.43
C ASN D 94 10.74 15.97 -29.47
N PHE D 95 9.75 16.64 -28.86
CA PHE D 95 8.39 16.13 -28.82
C PHE D 95 7.53 16.64 -29.96
N SER D 96 8.15 17.20 -31.01
CA SER D 96 7.40 17.55 -32.21
C SER D 96 6.86 16.32 -32.92
N HIS D 97 7.50 15.17 -32.71
CA HIS D 97 7.01 13.88 -33.21
C HIS D 97 7.29 12.82 -32.17
N GLY D 98 6.58 11.71 -32.29
CA GLY D 98 6.81 10.58 -31.40
C GLY D 98 5.76 10.47 -30.32
N THR D 99 5.51 9.23 -29.90
CA THR D 99 4.55 8.94 -28.84
C THR D 99 5.26 8.84 -27.50
N HIS D 100 4.47 8.90 -26.43
CA HIS D 100 5.03 8.76 -25.09
C HIS D 100 5.68 7.40 -24.91
N GLU D 101 5.08 6.35 -25.48
CA GLU D 101 5.69 5.03 -25.43
C GLU D 101 7.05 5.01 -26.11
N TYR D 102 7.21 5.80 -27.17
CA TYR D 102 8.51 5.92 -27.82
C TYR D 102 9.49 6.68 -26.94
N HIS D 103 9.11 7.88 -26.50
CA HIS D 103 10.01 8.71 -25.70
C HIS D 103 10.36 8.04 -24.38
N ALA D 104 9.45 7.22 -23.84
CA ALA D 104 9.76 6.51 -22.61
C ALA D 104 10.82 5.45 -22.83
N GLU D 105 10.84 4.80 -24.00
CA GLU D 105 11.91 3.87 -24.32
C GLU D 105 13.23 4.60 -24.51
N THR D 106 13.19 5.77 -25.14
CA THR D 106 14.40 6.60 -25.26
C THR D 106 14.94 6.95 -23.87
N ILE D 107 14.07 7.41 -22.98
CA ILE D 107 14.50 7.74 -21.62
C ILE D 107 15.00 6.48 -20.90
N LYS D 108 14.32 5.35 -21.12
CA LYS D 108 14.72 4.10 -20.47
C LYS D 108 16.15 3.73 -20.85
N ASN D 109 16.47 3.77 -22.14
CA ASN D 109 17.81 3.43 -22.58
C ASN D 109 18.83 4.49 -22.16
N VAL D 110 18.44 5.77 -22.23
CA VAL D 110 19.32 6.85 -21.78
C VAL D 110 19.76 6.61 -20.34
N ARG D 111 18.79 6.32 -19.46
CA ARG D 111 19.12 6.04 -18.07
C ARG D 111 19.88 4.72 -17.92
N THR D 112 19.59 3.74 -18.78
CA THR D 112 20.35 2.49 -18.76
C THR D 112 21.81 2.75 -19.08
N ALA D 113 22.08 3.52 -20.14
CA ALA D 113 23.45 3.86 -20.48
C ALA D 113 24.11 4.69 -19.39
N THR D 114 23.36 5.63 -18.79
CA THR D 114 23.91 6.47 -17.75
C THR D 114 24.34 5.66 -16.55
N GLU D 115 23.45 4.83 -16.02
CA GLU D 115 23.75 4.05 -14.82
C GLU D 115 24.70 2.90 -15.09
N SER D 116 25.01 2.60 -16.36
CA SER D 116 25.99 1.57 -16.67
C SER D 116 27.36 1.92 -16.11
N PHE D 117 27.65 3.21 -15.92
CA PHE D 117 28.89 3.67 -15.32
C PHE D 117 28.77 3.91 -13.82
N ALA D 118 27.56 3.77 -13.24
CA ALA D 118 27.39 3.93 -11.81
C ALA D 118 28.17 2.90 -11.00
N SER D 119 28.65 1.83 -11.65
CA SER D 119 29.54 0.88 -11.00
C SER D 119 30.89 1.57 -10.95
N ASP D 120 30.96 2.69 -10.23
CA ASP D 120 32.08 3.61 -10.10
C ASP D 120 31.55 4.99 -9.72
N PRO D 121 31.66 5.40 -8.45
CA PRO D 121 31.18 6.73 -8.08
C PRO D 121 32.11 7.85 -8.52
N ILE D 122 33.39 7.58 -8.72
CA ILE D 122 34.35 8.62 -9.08
C ILE D 122 34.14 9.05 -10.54
N LEU D 123 34.22 8.10 -11.46
CA LEU D 123 34.16 8.39 -12.88
C LEU D 123 32.75 8.46 -13.44
N TYR D 124 31.73 8.27 -12.60
CA TYR D 124 30.36 8.40 -13.06
C TYR D 124 30.08 9.83 -13.50
N ARG D 125 29.18 9.97 -14.47
CA ARG D 125 28.80 11.28 -14.95
C ARG D 125 27.29 11.36 -15.11
N PRO D 126 26.62 12.27 -14.40
CA PRO D 126 25.18 12.42 -14.59
C PRO D 126 24.87 12.89 -16.01
N VAL D 127 23.72 12.45 -16.51
CA VAL D 127 23.23 12.85 -17.82
C VAL D 127 21.79 13.32 -17.67
N ALA D 128 21.51 14.51 -18.16
CA ALA D 128 20.19 15.10 -17.98
C ALA D 128 19.24 14.62 -19.06
N VAL D 129 17.95 14.79 -18.79
CA VAL D 129 16.88 14.49 -19.76
C VAL D 129 16.10 15.78 -19.97
N ALA D 130 16.12 16.27 -21.21
CA ALA D 130 15.44 17.51 -21.56
C ALA D 130 14.24 17.21 -22.46
N LEU D 131 13.14 17.92 -22.23
CA LEU D 131 11.91 17.75 -23.00
C LEU D 131 11.69 19.01 -23.82
N ASP D 132 11.91 18.92 -25.13
CA ASP D 132 11.60 20.00 -26.05
C ASP D 132 10.17 19.82 -26.52
N THR D 133 9.29 20.75 -26.13
CA THR D 133 7.89 20.65 -26.45
C THR D 133 7.63 20.97 -27.92
N LYS D 134 6.49 20.50 -28.43
CA LYS D 134 6.12 20.78 -29.81
C LYS D 134 5.77 22.25 -30.00
N GLY D 135 4.92 22.80 -29.11
CA GLY D 135 4.57 24.19 -29.16
C GLY D 135 3.61 24.52 -30.27
N PRO D 136 3.35 25.82 -30.49
CA PRO D 136 2.46 26.23 -31.58
C PRO D 136 3.08 26.02 -32.94
N GLU D 137 2.66 24.97 -33.64
CA GLU D 137 3.23 24.60 -34.93
C GLU D 137 2.16 24.71 -36.03
N ILE D 138 2.49 24.17 -37.19
CA ILE D 138 1.58 24.09 -38.33
C ILE D 138 2.20 22.94 -39.10
N ARG D 139 1.43 21.88 -39.30
CA ARG D 139 1.86 20.76 -40.14
C ARG D 139 0.70 20.20 -40.96
N LYS D 226 4.93 17.73 -42.52
CA LYS D 226 5.72 18.83 -43.05
C LYS D 226 5.36 20.15 -42.38
N GLY D 227 6.35 20.87 -41.90
CA GLY D 227 6.14 22.08 -41.12
C GLY D 227 6.22 23.34 -41.97
N VAL D 228 5.23 24.21 -41.80
CA VAL D 228 5.17 25.47 -42.50
C VAL D 228 5.56 26.58 -41.54
N ASN D 229 5.89 27.75 -42.10
CA ASN D 229 6.39 28.86 -41.31
C ASN D 229 5.75 30.17 -41.76
N LEU D 230 5.55 31.07 -40.81
CA LEU D 230 5.01 32.39 -41.07
C LEU D 230 5.76 33.43 -40.24
N PRO D 231 6.38 34.44 -40.86
CA PRO D 231 7.14 35.43 -40.10
C PRO D 231 6.28 36.34 -39.23
N GLY D 232 6.72 37.59 -39.05
CA GLY D 232 6.08 38.54 -38.16
C GLY D 232 4.57 38.62 -38.28
N ALA D 233 3.88 37.69 -37.61
CA ALA D 233 2.42 37.63 -37.65
C ALA D 233 1.95 37.42 -36.21
N ALA D 234 0.70 37.01 -36.05
CA ALA D 234 0.03 36.95 -34.76
C ALA D 234 0.16 35.59 -34.08
N VAL D 235 0.03 34.50 -34.83
CA VAL D 235 0.10 33.14 -34.31
C VAL D 235 -0.90 32.86 -33.19
N ASP D 236 -2.19 32.83 -33.55
CA ASP D 236 -3.25 32.66 -32.56
C ASP D 236 -3.16 31.43 -31.67
N LEU D 237 -2.31 30.46 -32.02
CA LEU D 237 -2.23 29.22 -31.25
C LEU D 237 -1.81 29.52 -29.81
N PRO D 238 -2.32 28.76 -28.85
CA PRO D 238 -2.01 29.04 -27.45
C PRO D 238 -0.57 28.68 -27.10
N ALA D 239 -0.11 29.22 -25.97
CA ALA D 239 1.25 28.95 -25.52
C ALA D 239 1.42 27.47 -25.17
N VAL D 240 0.49 26.91 -24.41
CA VAL D 240 0.52 25.51 -23.99
C VAL D 240 -0.82 24.90 -24.36
N SER D 241 -0.87 24.20 -25.48
CA SER D 241 -2.08 23.49 -25.88
C SER D 241 -2.21 22.20 -25.07
N GLU D 242 -3.31 21.48 -25.31
CA GLU D 242 -3.52 20.21 -24.60
C GLU D 242 -2.47 19.17 -24.99
N LYS D 243 -1.94 19.25 -26.22
CA LYS D 243 -0.82 18.39 -26.60
C LYS D 243 0.40 18.71 -25.75
N ASP D 244 0.67 19.99 -25.53
CA ASP D 244 1.79 20.39 -24.68
C ASP D 244 1.54 19.98 -23.22
N ILE D 245 0.30 20.17 -22.75
CA ILE D 245 -0.01 19.84 -21.35
C ILE D 245 0.18 18.35 -21.10
N GLN D 246 -0.31 17.52 -22.01
CA GLN D 246 -0.14 16.07 -21.87
C GLN D 246 1.32 15.66 -22.01
N ASP D 247 2.10 16.41 -22.80
CA ASP D 247 3.52 16.12 -22.92
C ASP D 247 4.29 16.65 -21.71
N LEU D 248 3.88 17.80 -21.19
CA LEU D 248 4.54 18.36 -20.01
C LEU D 248 4.30 17.48 -18.78
N LYS D 249 3.05 17.11 -18.54
CA LYS D 249 2.75 16.21 -17.43
C LYS D 249 3.43 14.86 -17.61
N PHE D 250 3.63 14.43 -18.86
CA PHE D 250 4.38 13.21 -19.12
C PHE D 250 5.83 13.37 -18.67
N GLY D 251 6.42 14.54 -18.88
CA GLY D 251 7.78 14.78 -18.42
C GLY D 251 7.90 14.72 -16.91
N VAL D 252 6.95 15.34 -16.20
CA VAL D 252 6.94 15.27 -14.74
C VAL D 252 6.91 13.81 -14.28
N GLU D 253 6.12 12.98 -14.97
CA GLU D 253 6.08 11.56 -14.62
C GLU D 253 7.39 10.86 -14.94
N GLN D 254 8.03 11.24 -16.05
CA GLN D 254 9.27 10.62 -16.47
C GLN D 254 10.50 11.16 -15.72
N ASP D 255 10.30 12.12 -14.82
CA ASP D 255 11.38 12.68 -14.01
C ASP D 255 12.43 13.38 -14.90
N VAL D 256 11.95 14.17 -15.86
CA VAL D 256 12.87 14.96 -16.68
C VAL D 256 13.47 16.08 -15.84
N ASP D 257 14.61 16.59 -16.29
CA ASP D 257 15.34 17.62 -15.56
C ASP D 257 15.02 19.03 -16.01
N MET D 258 14.55 19.21 -17.25
CA MET D 258 14.30 20.55 -17.77
C MET D 258 13.38 20.45 -18.98
N VAL D 259 12.75 21.58 -19.31
CA VAL D 259 11.81 21.67 -20.41
C VAL D 259 12.27 22.78 -21.35
N PHE D 260 12.34 22.47 -22.64
CA PHE D 260 12.67 23.44 -23.67
C PHE D 260 11.35 23.91 -24.30
N ALA D 261 10.70 24.86 -23.64
CA ALA D 261 9.41 25.36 -24.11
C ALA D 261 9.59 26.12 -25.42
N SER D 262 8.91 25.67 -26.46
CA SER D 262 9.10 26.21 -27.80
C SER D 262 8.19 27.41 -28.05
N PHE D 263 8.68 28.32 -28.90
CA PHE D 263 7.90 29.45 -29.40
C PHE D 263 7.35 30.31 -28.25
N ILE D 264 8.17 30.51 -27.22
CA ILE D 264 7.80 31.41 -26.14
C ILE D 264 7.84 32.84 -26.65
N ARG D 265 6.68 33.51 -26.64
CA ARG D 265 6.56 34.85 -27.21
C ARG D 265 6.55 35.95 -26.17
N LYS D 266 6.05 35.69 -24.96
CA LYS D 266 5.98 36.70 -23.92
C LYS D 266 6.11 36.03 -22.57
N ALA D 267 6.22 36.86 -21.53
CA ALA D 267 6.34 36.33 -20.16
C ALA D 267 5.11 35.53 -19.77
N SER D 268 3.94 35.89 -20.30
CA SER D 268 2.70 35.17 -19.99
C SER D 268 2.73 33.72 -20.45
N ASP D 269 3.69 33.34 -21.30
CA ASP D 269 3.81 31.96 -21.75
C ASP D 269 4.59 31.10 -20.78
N VAL D 270 5.67 31.64 -20.20
CA VAL D 270 6.47 30.86 -19.25
C VAL D 270 5.65 30.59 -17.98
N HIS D 271 4.86 31.57 -17.54
CA HIS D 271 3.99 31.34 -16.38
C HIS D 271 2.94 30.28 -16.70
N GLU D 272 2.42 30.29 -17.92
CA GLU D 272 1.47 29.25 -18.32
C GLU D 272 2.12 27.87 -18.32
N VAL D 273 3.40 27.81 -18.68
CA VAL D 273 4.12 26.53 -18.66
C VAL D 273 4.46 26.15 -17.23
N ARG D 274 4.85 27.11 -16.40
CA ARG D 274 5.19 26.81 -15.00
C ARG D 274 3.98 26.28 -14.25
N LYS D 275 2.80 26.84 -14.52
CA LYS D 275 1.59 26.36 -13.85
C LYS D 275 1.25 24.94 -14.26
N VAL D 276 1.52 24.57 -15.52
CA VAL D 276 1.19 23.23 -15.99
C VAL D 276 2.08 22.20 -15.33
N LEU D 277 3.37 22.50 -15.19
CA LEU D 277 4.28 21.58 -14.52
C LEU D 277 3.89 21.36 -13.06
N GLY D 278 3.27 22.36 -12.43
CA GLY D 278 2.74 22.20 -11.09
C GLY D 278 3.81 22.16 -10.02
N GLU D 279 3.44 21.54 -8.89
CA GLU D 279 4.33 21.39 -7.75
C GLU D 279 5.08 20.06 -7.73
N LYS D 280 4.55 19.03 -8.41
CA LYS D 280 5.28 17.77 -8.52
C LYS D 280 6.57 17.96 -9.30
N GLY D 281 6.57 18.86 -10.27
CA GLY D 281 7.78 19.21 -11.00
C GLY D 281 8.12 20.68 -10.88
N LYS D 282 7.96 21.21 -9.66
CA LYS D 282 8.26 22.63 -9.43
C LYS D 282 9.73 22.95 -9.66
N ASN D 283 10.61 21.97 -9.42
CA ASN D 283 12.04 22.17 -9.56
C ASN D 283 12.55 21.86 -10.96
N ILE D 284 11.66 21.55 -11.89
CA ILE D 284 12.05 21.38 -13.29
C ILE D 284 12.37 22.75 -13.88
N LYS D 285 13.60 22.91 -14.39
CA LYS D 285 14.03 24.19 -14.91
C LYS D 285 13.40 24.44 -16.28
N ILE D 286 12.88 25.65 -16.48
CA ILE D 286 12.21 26.03 -17.71
C ILE D 286 13.19 26.82 -18.57
N ILE D 287 13.41 26.37 -19.79
CA ILE D 287 14.31 27.04 -20.74
C ILE D 287 13.45 27.55 -21.88
N SER D 288 13.19 28.85 -21.88
CA SER D 288 12.40 29.46 -22.96
C SER D 288 13.19 29.45 -24.25
N LYS D 289 12.56 28.96 -25.32
CA LYS D 289 13.17 28.91 -26.65
C LYS D 289 12.72 30.12 -27.44
N ILE D 290 13.61 31.09 -27.61
CA ILE D 290 13.30 32.26 -28.43
C ILE D 290 13.30 31.83 -29.88
N GLU D 291 12.13 31.83 -30.51
CA GLU D 291 11.98 31.36 -31.88
C GLU D 291 11.30 32.37 -32.80
N ASN D 292 10.90 33.53 -32.30
CA ASN D 292 10.15 34.50 -33.08
C ASN D 292 10.69 35.90 -32.84
N HIS D 293 10.17 36.86 -33.62
CA HIS D 293 10.55 38.25 -33.47
C HIS D 293 9.98 38.87 -32.20
N GLU D 294 8.76 38.46 -31.82
CA GLU D 294 8.17 38.97 -30.58
C GLU D 294 8.96 38.50 -29.37
N GLY D 295 9.49 37.27 -29.42
CA GLY D 295 10.28 36.77 -28.31
C GLY D 295 11.55 37.57 -28.08
N VAL D 296 12.20 38.00 -29.17
CA VAL D 296 13.38 38.84 -29.05
C VAL D 296 12.99 40.24 -28.58
N ARG D 297 11.94 40.81 -29.18
CA ARG D 297 11.50 42.15 -28.81
C ARG D 297 11.06 42.21 -27.35
N ARG D 298 10.57 41.10 -26.81
CA ARG D 298 10.15 41.01 -25.42
C ARG D 298 11.04 40.03 -24.66
N PHE D 299 12.33 40.05 -24.93
CA PHE D 299 13.23 39.05 -24.37
C PHE D 299 13.45 39.23 -22.88
N ASP D 300 13.48 40.49 -22.41
CA ASP D 300 13.85 40.74 -21.03
C ASP D 300 12.81 40.20 -20.05
N GLU D 301 11.52 40.43 -20.34
CA GLU D 301 10.48 39.86 -19.49
C GLU D 301 10.40 38.34 -19.60
N ILE D 302 10.93 37.77 -20.70
CA ILE D 302 11.00 36.31 -20.81
C ILE D 302 12.15 35.76 -19.98
N LEU D 303 13.30 36.45 -20.00
CA LEU D 303 14.46 35.98 -19.23
C LEU D 303 14.21 36.09 -17.74
N GLU D 304 13.62 37.19 -17.28
CA GLU D 304 13.32 37.36 -15.87
C GLU D 304 12.29 36.35 -15.37
N ALA D 305 11.52 35.75 -16.29
CA ALA D 305 10.51 34.76 -15.93
C ALA D 305 10.98 33.33 -16.11
N SER D 306 12.12 33.11 -16.77
CA SER D 306 12.59 31.78 -17.11
C SER D 306 13.84 31.43 -16.31
N ASP D 307 14.05 30.12 -16.15
CA ASP D 307 15.28 29.61 -15.56
C ASP D 307 16.44 29.66 -16.53
N GLY D 308 16.20 29.96 -17.80
CA GLY D 308 17.25 30.03 -18.79
C GLY D 308 16.64 30.31 -20.14
N ILE D 309 17.51 30.43 -21.14
CA ILE D 309 17.11 30.78 -22.49
C ILE D 309 17.84 29.88 -23.48
N MET D 310 17.13 29.45 -24.51
CA MET D 310 17.74 28.80 -25.67
C MET D 310 17.59 29.70 -26.87
N VAL D 311 18.72 30.00 -27.53
CA VAL D 311 18.70 30.76 -28.78
C VAL D 311 18.47 29.74 -29.89
N ALA D 312 17.21 29.41 -30.14
CA ALA D 312 16.84 28.42 -31.15
C ALA D 312 16.95 29.08 -32.53
N ARG D 313 18.18 29.07 -33.05
CA ARG D 313 18.45 29.75 -34.32
C ARG D 313 17.66 29.15 -35.47
N GLY D 314 17.31 27.87 -35.39
CA GLY D 314 16.60 27.20 -36.46
C GLY D 314 15.35 27.92 -36.91
N ASP D 315 14.35 28.01 -36.03
CA ASP D 315 13.13 28.74 -36.36
C ASP D 315 13.33 30.25 -36.31
N LEU D 316 14.36 30.73 -35.61
CA LEU D 316 14.60 32.16 -35.52
C LEU D 316 15.09 32.74 -36.85
N GLY D 317 15.87 31.96 -37.60
CA GLY D 317 16.41 32.43 -38.86
C GLY D 317 15.38 32.62 -39.96
N ILE D 318 14.16 32.09 -39.78
CA ILE D 318 13.09 32.26 -40.75
C ILE D 318 12.18 33.43 -40.37
N GLU D 319 11.89 33.60 -39.08
CA GLU D 319 11.04 34.69 -38.65
C GLU D 319 11.77 36.03 -38.68
N ILE D 320 13.04 36.03 -38.31
CA ILE D 320 13.89 37.22 -38.43
C ILE D 320 14.74 37.04 -39.68
N PRO D 321 15.20 38.12 -40.31
CA PRO D 321 16.12 37.96 -41.45
C PRO D 321 17.34 37.14 -41.06
N ALA D 322 17.74 36.24 -41.97
CA ALA D 322 18.86 35.35 -41.68
C ALA D 322 20.13 36.11 -41.39
N GLU D 323 20.33 37.26 -42.05
CA GLU D 323 21.52 38.07 -41.83
C GLU D 323 21.54 38.72 -40.45
N LYS D 324 20.46 38.61 -39.67
CA LYS D 324 20.37 39.23 -38.36
C LYS D 324 20.35 38.23 -37.22
N VAL D 325 20.51 36.93 -37.51
CA VAL D 325 20.44 35.93 -36.45
C VAL D 325 21.63 36.07 -35.50
N PHE D 326 22.80 36.40 -36.02
CA PHE D 326 23.98 36.56 -35.17
C PHE D 326 23.83 37.74 -34.22
N LEU D 327 23.10 38.77 -34.63
CA LEU D 327 22.87 39.92 -33.74
C LEU D 327 22.08 39.50 -32.51
N ALA D 328 20.98 38.78 -32.71
CA ALA D 328 20.14 38.38 -31.59
C ALA D 328 20.83 37.33 -30.71
N GLN D 329 21.62 36.44 -31.31
CA GLN D 329 22.29 35.42 -30.52
C GLN D 329 23.27 36.03 -29.54
N LYS D 330 24.17 36.89 -30.05
CA LYS D 330 25.13 37.54 -29.17
C LYS D 330 24.44 38.45 -28.15
N MET D 331 23.31 39.04 -28.52
CA MET D 331 22.56 39.86 -27.57
C MET D 331 21.95 39.01 -26.48
N MET D 332 21.31 37.89 -26.86
CA MET D 332 20.67 37.04 -25.87
C MET D 332 21.69 36.39 -24.95
N ILE D 333 22.85 35.99 -25.49
CA ILE D 333 23.86 35.36 -24.66
C ILE D 333 24.44 36.36 -23.66
N GLY D 334 24.72 37.58 -24.11
CA GLY D 334 25.25 38.58 -23.21
C GLY D 334 24.28 38.92 -22.10
N ARG D 335 22.99 39.09 -22.44
CA ARG D 335 22.01 39.48 -21.44
C ARG D 335 21.80 38.38 -20.41
N CYS D 336 21.81 37.12 -20.83
CA CYS D 336 21.77 36.02 -19.86
C CYS D 336 23.08 35.91 -19.10
N ASN D 337 24.20 36.21 -19.77
CA ASN D 337 25.50 36.18 -19.09
C ASN D 337 25.53 37.17 -17.92
N ARG D 338 25.02 38.38 -18.15
CA ARG D 338 24.96 39.37 -17.08
C ARG D 338 23.91 39.00 -16.04
N ALA D 339 22.85 38.31 -16.45
CA ALA D 339 21.80 37.90 -15.52
C ALA D 339 22.13 36.62 -14.77
N GLY D 340 23.22 35.93 -15.14
CA GLY D 340 23.57 34.69 -14.48
C GLY D 340 22.67 33.53 -14.83
N LYS D 341 21.98 33.58 -15.97
CA LYS D 341 21.09 32.51 -16.40
C LYS D 341 21.71 31.76 -17.58
N PRO D 342 21.50 30.44 -17.65
CA PRO D 342 22.10 29.66 -18.74
C PRO D 342 21.50 30.02 -20.08
N VAL D 343 22.34 29.99 -21.11
CA VAL D 343 21.91 30.26 -22.48
C VAL D 343 22.45 29.16 -23.39
N ILE D 344 21.59 28.64 -24.26
CA ILE D 344 21.93 27.56 -25.18
C ILE D 344 21.97 28.13 -26.59
N CYS D 345 23.01 27.77 -27.34
CA CYS D 345 23.05 27.97 -28.78
C CYS D 345 22.61 26.67 -29.44
N ALA D 346 21.53 26.72 -30.21
CA ALA D 346 20.85 25.52 -30.66
C ALA D 346 20.76 25.48 -32.19
N THR D 347 20.63 24.24 -32.68
CA THR D 347 20.32 23.93 -34.07
C THR D 347 21.42 24.33 -35.05
N GLN D 348 21.94 23.34 -35.76
CA GLN D 348 22.66 23.55 -37.01
C GLN D 348 24.07 24.09 -36.79
N MET D 349 24.68 23.67 -35.69
CA MET D 349 26.07 24.03 -35.45
C MET D 349 27.02 23.17 -36.28
N LEU D 350 26.63 21.93 -36.57
CA LEU D 350 27.45 21.01 -37.37
C LEU D 350 26.56 20.24 -38.33
N GLU D 351 25.71 20.96 -39.07
CA GLU D 351 24.67 20.30 -39.86
C GLU D 351 25.26 19.40 -40.94
N SER D 352 26.36 19.82 -41.57
CA SER D 352 26.98 18.99 -42.60
C SER D 352 27.40 17.63 -42.08
N MET D 353 27.58 17.50 -40.77
CA MET D 353 27.94 16.21 -40.17
C MET D 353 26.80 15.21 -40.19
N ILE D 354 25.58 15.62 -40.57
CA ILE D 354 24.48 14.66 -40.68
C ILE D 354 24.79 13.61 -41.73
N LYS D 355 25.41 14.03 -42.84
CA LYS D 355 25.78 13.11 -43.91
C LYS D 355 27.28 12.99 -44.13
N LYS D 356 28.09 13.88 -43.55
CA LYS D 356 29.53 13.83 -43.72
C LYS D 356 30.22 13.59 -42.39
N PRO D 357 31.40 12.96 -42.40
CA PRO D 357 32.13 12.72 -41.14
C PRO D 357 32.96 13.90 -40.66
N ARG D 358 32.94 15.03 -41.36
CA ARG D 358 33.72 16.20 -40.98
C ARG D 358 32.89 17.45 -41.27
N PRO D 359 32.84 18.40 -40.34
CA PRO D 359 32.05 19.60 -40.57
C PRO D 359 32.77 20.60 -41.48
N THR D 360 31.99 21.52 -42.01
CA THR D 360 32.55 22.60 -42.81
C THR D 360 33.34 23.56 -41.91
N ARG D 361 34.14 24.42 -42.56
CA ARG D 361 34.90 25.41 -41.81
C ARG D 361 33.97 26.39 -41.10
N ALA D 362 32.85 26.74 -41.73
CA ALA D 362 31.89 27.63 -41.11
C ALA D 362 31.27 26.99 -39.87
N GLU D 363 31.02 25.69 -39.93
CA GLU D 363 30.39 25.01 -38.80
C GLU D 363 31.33 24.93 -37.60
N GLY D 364 32.62 24.69 -37.86
CA GLY D 364 33.59 24.67 -36.76
C GLY D 364 33.71 26.01 -36.07
N SER D 365 33.86 27.07 -36.86
CA SER D 365 33.94 28.42 -36.29
C SER D 365 32.65 28.85 -35.61
N ASP D 366 31.52 28.27 -36.00
CA ASP D 366 30.25 28.60 -35.35
C ASP D 366 30.22 28.08 -33.92
N VAL D 367 30.65 26.83 -33.72
CA VAL D 367 30.71 26.28 -32.37
C VAL D 367 31.71 27.06 -31.52
N ALA D 368 32.87 27.36 -32.09
CA ALA D 368 33.89 28.09 -31.35
C ALA D 368 33.41 29.50 -31.00
N ASN D 369 32.66 30.14 -31.90
CA ASN D 369 32.21 31.49 -31.63
C ASN D 369 31.08 31.51 -30.60
N ALA D 370 30.21 30.51 -30.61
CA ALA D 370 29.18 30.42 -29.59
C ALA D 370 29.79 30.30 -28.20
N VAL D 371 30.82 29.48 -28.06
CA VAL D 371 31.52 29.37 -26.78
C VAL D 371 32.21 30.68 -26.44
N LEU D 372 32.85 31.30 -27.43
CA LEU D 372 33.47 32.61 -27.21
C LEU D 372 32.41 33.67 -26.89
N ASP D 373 31.23 33.56 -27.49
CA ASP D 373 30.16 34.50 -27.17
C ASP D 373 29.70 34.38 -25.73
N GLY D 374 29.95 33.25 -25.09
CA GLY D 374 29.56 33.03 -23.71
C GLY D 374 28.43 32.04 -23.51
N ALA D 375 28.04 31.30 -24.54
CA ALA D 375 26.95 30.34 -24.42
C ALA D 375 27.31 29.25 -23.41
N ASP D 376 26.33 28.90 -22.57
CA ASP D 376 26.58 27.91 -21.53
C ASP D 376 26.61 26.50 -22.10
N CYS D 377 25.71 26.18 -23.02
CA CYS D 377 25.67 24.89 -23.67
C CYS D 377 25.51 25.06 -25.17
N ILE D 378 26.06 24.11 -25.92
CA ILE D 378 25.86 24.02 -27.36
C ILE D 378 25.03 22.78 -27.64
N MET D 379 24.19 22.87 -28.67
CA MET D 379 23.21 21.82 -28.96
C MET D 379 23.46 21.19 -30.32
N LEU D 380 23.03 19.93 -30.44
CA LEU D 380 23.01 19.21 -31.70
C LEU D 380 21.64 18.59 -31.86
N SER D 381 20.98 18.87 -32.99
CA SER D 381 19.66 18.33 -33.23
C SER D 381 19.56 17.17 -34.23
N GLY D 382 19.58 17.50 -35.52
CA GLY D 382 19.63 16.48 -36.56
C GLY D 382 20.92 15.69 -36.59
N GLU D 383 22.02 16.27 -36.09
CA GLU D 383 23.30 15.60 -36.15
C GLU D 383 23.35 14.36 -35.27
N THR D 384 22.60 14.35 -34.17
CA THR D 384 22.52 13.18 -33.31
C THR D 384 21.21 12.42 -33.43
N ALA D 385 20.14 13.09 -33.88
CA ALA D 385 18.83 12.44 -33.95
C ALA D 385 18.75 11.48 -35.13
N LYS D 386 19.08 11.95 -36.33
CA LYS D 386 18.91 11.15 -37.54
C LYS D 386 20.17 11.02 -38.38
N GLY D 387 21.21 11.82 -38.14
CA GLY D 387 22.39 11.80 -38.97
C GLY D 387 23.15 10.49 -38.91
N ASP D 388 24.12 10.37 -39.81
CA ASP D 388 24.91 9.14 -39.95
C ASP D 388 26.19 9.15 -39.12
N TYR D 389 26.54 10.28 -38.52
CA TYR D 389 27.75 10.39 -37.70
C TYR D 389 27.44 11.04 -36.36
N PRO D 390 26.63 10.39 -35.52
CA PRO D 390 26.27 11.02 -34.24
C PRO D 390 27.43 11.04 -33.25
N LEU D 391 28.20 9.96 -33.17
CA LEU D 391 29.36 9.93 -32.28
C LEU D 391 30.36 11.00 -32.66
N GLU D 392 30.65 11.14 -33.95
CA GLU D 392 31.65 12.10 -34.39
C GLU D 392 31.21 13.53 -34.14
N ALA D 393 29.91 13.81 -34.32
CA ALA D 393 29.41 15.16 -34.09
C ALA D 393 29.56 15.56 -32.62
N VAL D 394 29.37 14.61 -31.71
CA VAL D 394 29.56 14.89 -30.29
C VAL D 394 31.04 15.05 -29.98
N ARG D 395 31.89 14.23 -30.60
CA ARG D 395 33.32 14.34 -30.37
C ARG D 395 33.85 15.67 -30.87
N MET D 396 33.35 16.15 -32.01
CA MET D 396 33.81 17.42 -32.54
C MET D 396 33.42 18.58 -31.62
N GLN D 397 32.14 18.63 -31.22
CA GLN D 397 31.69 19.71 -30.35
C GLN D 397 32.49 19.75 -29.04
N HIS D 398 32.90 18.59 -28.54
CA HIS D 398 33.75 18.56 -27.36
C HIS D 398 35.12 19.16 -27.65
N LEU D 399 35.70 18.82 -28.80
CA LEU D 399 37.05 19.30 -29.12
C LEU D 399 37.05 20.81 -29.33
N ILE D 400 36.10 21.33 -30.12
CA ILE D 400 36.10 22.75 -30.42
C ILE D 400 35.79 23.58 -29.17
N ALA D 401 34.81 23.14 -28.38
CA ALA D 401 34.44 23.91 -27.19
C ALA D 401 35.60 24.01 -26.21
N ARG D 402 36.37 22.93 -26.06
CA ARG D 402 37.54 22.98 -25.18
C ARG D 402 38.59 23.95 -25.72
N GLU D 403 38.75 24.01 -27.04
CA GLU D 403 39.70 24.94 -27.62
C GLU D 403 39.25 26.39 -27.43
N ALA D 404 37.96 26.66 -27.66
CA ALA D 404 37.46 28.01 -27.50
C ALA D 404 37.51 28.47 -26.05
N GLU D 405 37.39 27.55 -25.09
CA GLU D 405 37.49 27.93 -23.69
C GLU D 405 38.86 28.48 -23.35
N ALA D 406 39.91 27.97 -24.01
CA ALA D 406 41.25 28.50 -23.78
C ALA D 406 41.39 29.90 -24.37
N ALA D 407 40.79 30.15 -25.52
CA ALA D 407 40.89 31.43 -26.21
C ALA D 407 40.05 32.53 -25.57
N ILE D 408 39.34 32.23 -24.48
CA ILE D 408 38.48 33.24 -23.85
C ILE D 408 39.34 34.29 -23.16
N TYR D 409 39.02 35.56 -23.39
CA TYR D 409 39.74 36.69 -22.81
C TYR D 409 39.16 36.97 -21.42
N HIS D 410 39.60 36.17 -20.45
CA HIS D 410 39.05 36.26 -19.09
C HIS D 410 39.36 37.62 -18.45
N LEU D 411 40.47 38.24 -18.84
CA LEU D 411 40.81 39.54 -18.27
C LEU D 411 39.71 40.56 -18.50
N GLN D 412 39.12 40.57 -19.71
CA GLN D 412 38.00 41.45 -19.98
C GLN D 412 36.69 40.86 -19.48
N LEU D 413 36.53 39.54 -19.55
CA LEU D 413 35.25 38.92 -19.18
C LEU D 413 34.99 39.02 -17.69
N PHE D 414 36.00 38.72 -16.88
CA PHE D 414 35.81 38.75 -15.42
C PHE D 414 35.62 40.17 -14.91
N GLU D 415 36.33 41.13 -15.50
CA GLU D 415 36.20 42.52 -15.07
C GLU D 415 34.85 43.10 -15.51
N GLU D 416 34.47 42.87 -16.76
CA GLU D 416 33.23 43.45 -17.27
C GLU D 416 32.00 42.81 -16.62
N LEU D 417 32.08 41.53 -16.24
CA LEU D 417 30.97 40.90 -15.55
C LEU D 417 30.84 41.41 -14.12
N ARG D 418 31.97 41.63 -13.45
CA ARG D 418 31.93 42.18 -12.10
C ARG D 418 31.46 43.63 -12.11
N ARG D 419 31.95 44.42 -13.06
CA ARG D 419 31.53 45.82 -13.15
C ARG D 419 30.04 45.94 -13.42
N LEU D 420 29.48 45.01 -14.20
CA LEU D 420 28.06 45.04 -14.51
C LEU D 420 27.19 44.44 -13.41
N ALA D 421 27.78 43.66 -12.50
CA ALA D 421 27.03 43.06 -11.41
C ALA D 421 26.92 44.02 -10.23
N PRO D 422 25.75 44.11 -9.62
CA PRO D 422 25.52 45.09 -8.55
C PRO D 422 26.07 44.60 -7.21
N ILE D 423 25.99 45.48 -6.22
CA ILE D 423 26.35 45.13 -4.86
C ILE D 423 25.22 44.29 -4.26
N THR D 424 25.59 43.30 -3.46
CA THR D 424 24.61 42.37 -2.89
C THR D 424 24.80 42.25 -1.39
N SER D 425 23.71 42.00 -0.69
CA SER D 425 23.74 41.64 0.72
C SER D 425 23.77 40.14 0.92
N ASP D 426 23.93 39.38 -0.17
CA ASP D 426 23.91 37.92 -0.12
C ASP D 426 25.30 37.40 0.18
N PRO D 427 25.50 36.67 1.28
CA PRO D 427 26.84 36.13 1.57
C PRO D 427 27.36 35.18 0.49
N THR D 428 26.49 34.34 -0.07
CA THR D 428 26.94 33.37 -1.06
C THR D 428 27.44 34.05 -2.32
N GLU D 429 26.75 35.10 -2.76
CA GLU D 429 27.22 35.84 -3.94
C GLU D 429 28.58 36.48 -3.68
N ALA D 430 28.77 37.03 -2.47
CA ALA D 430 30.06 37.64 -2.15
C ALA D 430 31.17 36.59 -2.06
N THR D 431 30.85 35.39 -1.57
CA THR D 431 31.85 34.33 -1.54
C THR D 431 32.21 33.87 -2.95
N ALA D 432 31.23 33.85 -3.85
CA ALA D 432 31.47 33.35 -5.20
C ALA D 432 32.44 34.26 -5.95
N VAL D 433 32.23 35.58 -5.89
CA VAL D 433 33.14 36.51 -6.55
C VAL D 433 34.54 36.38 -5.96
N GLY D 434 34.63 36.33 -4.63
CA GLY D 434 35.92 36.13 -3.99
C GLY D 434 36.55 34.81 -4.36
N ALA D 435 35.73 33.77 -4.52
CA ALA D 435 36.25 32.47 -4.92
C ALA D 435 36.80 32.50 -6.35
N VAL D 436 36.07 33.15 -7.26
CA VAL D 436 36.56 33.25 -8.64
C VAL D 436 37.82 34.13 -8.69
N GLU D 437 37.82 35.23 -7.93
CA GLU D 437 39.00 36.07 -7.87
C GLU D 437 40.19 35.31 -7.28
N ALA D 438 39.94 34.42 -6.32
CA ALA D 438 41.02 33.65 -5.74
C ALA D 438 41.55 32.59 -6.69
N SER D 439 40.68 32.02 -7.53
CA SER D 439 41.12 30.99 -8.46
C SER D 439 42.06 31.56 -9.52
N PHE D 440 41.76 32.75 -10.03
CA PHE D 440 42.66 33.39 -10.99
C PHE D 440 43.99 33.75 -10.34
N LYS D 441 43.99 34.07 -9.05
CA LYS D 441 45.21 34.51 -8.39
C LYS D 441 46.22 33.37 -8.25
N CYS D 442 45.76 32.14 -8.08
CA CYS D 442 46.65 31.01 -7.86
C CYS D 442 46.56 29.95 -8.94
N CYS D 443 45.89 30.24 -10.06
CA CYS D 443 45.72 29.30 -11.17
C CYS D 443 45.25 27.93 -10.65
N SER D 444 44.11 27.96 -9.96
CA SER D 444 43.62 26.78 -9.28
C SER D 444 43.17 25.70 -10.27
N GLY D 445 43.22 24.46 -9.81
CA GLY D 445 42.75 23.35 -10.63
C GLY D 445 41.25 23.27 -10.74
N ALA D 446 40.52 23.71 -9.71
CA ALA D 446 39.07 23.63 -9.72
C ALA D 446 38.51 24.48 -8.60
N ILE D 447 37.21 24.75 -8.68
CA ILE D 447 36.43 25.38 -7.62
C ILE D 447 35.48 24.31 -7.11
N ILE D 448 35.80 23.72 -5.96
CA ILE D 448 34.96 22.70 -5.35
C ILE D 448 33.90 23.39 -4.50
N VAL D 449 32.63 23.13 -4.82
CA VAL D 449 31.51 23.76 -4.14
C VAL D 449 30.56 22.67 -3.66
N LEU D 450 30.37 22.59 -2.34
CA LEU D 450 29.29 21.79 -1.78
C LEU D 450 27.96 22.49 -2.07
N THR D 451 27.06 21.80 -2.78
CA THR D 451 25.77 22.41 -3.09
C THR D 451 24.67 21.37 -2.94
N LYS D 452 23.49 21.85 -2.56
CA LYS D 452 22.30 21.02 -2.46
C LYS D 452 21.33 21.29 -3.61
N SER D 453 21.05 22.56 -3.89
CA SER D 453 20.14 22.95 -4.96
C SER D 453 20.87 23.42 -6.22
N GLY D 454 22.20 23.30 -6.24
CA GLY D 454 22.99 23.81 -7.34
C GLY D 454 23.24 25.30 -7.32
N ARG D 455 22.48 26.06 -6.52
CA ARG D 455 22.52 27.52 -6.59
C ARG D 455 23.91 28.06 -6.29
N SER D 456 24.55 27.56 -5.23
CA SER D 456 25.89 28.04 -4.88
C SER D 456 26.87 27.82 -6.02
N ALA D 457 26.72 26.70 -6.74
CA ALA D 457 27.56 26.46 -7.90
C ALA D 457 27.20 27.40 -9.04
N HIS D 458 25.91 27.70 -9.21
CA HIS D 458 25.48 28.61 -10.27
C HIS D 458 26.04 30.01 -10.06
N GLN D 459 26.17 30.45 -8.81
CA GLN D 459 26.68 31.79 -8.54
C GLN D 459 28.17 31.89 -8.83
N VAL D 460 28.90 30.79 -8.70
CA VAL D 460 30.31 30.78 -9.11
C VAL D 460 30.41 30.75 -10.64
N ALA D 461 29.47 30.06 -11.29
CA ALA D 461 29.54 29.91 -12.74
C ALA D 461 29.28 31.24 -13.46
N ARG D 462 28.42 32.09 -12.90
CA ARG D 462 28.06 33.33 -13.58
C ARG D 462 29.23 34.29 -13.67
N TYR D 463 30.27 34.12 -12.86
CA TYR D 463 31.47 34.93 -12.95
C TYR D 463 32.57 34.27 -13.78
N ARG D 464 32.25 33.14 -14.41
CA ARG D 464 33.04 32.47 -15.44
C ARG D 464 34.51 32.30 -15.05
N PRO D 465 34.81 31.48 -14.04
CA PRO D 465 36.22 31.17 -13.76
C PRO D 465 36.82 30.32 -14.88
N ARG D 466 38.15 30.30 -14.91
CA ARG D 466 38.83 29.43 -15.86
C ARG D 466 38.80 27.98 -15.39
N ALA D 467 38.99 27.76 -14.09
CA ALA D 467 39.02 26.42 -13.55
C ALA D 467 37.62 25.79 -13.56
N PRO D 468 37.53 24.47 -13.66
CA PRO D 468 36.23 23.81 -13.58
C PRO D 468 35.64 23.93 -12.18
N ILE D 469 34.31 23.95 -12.13
CA ILE D 469 33.56 24.05 -10.88
C ILE D 469 33.07 22.65 -10.55
N ILE D 470 33.83 21.94 -9.72
CA ILE D 470 33.44 20.61 -9.26
C ILE D 470 32.33 20.75 -8.23
N ALA D 471 31.08 20.77 -8.70
CA ALA D 471 29.92 20.92 -7.81
C ALA D 471 29.52 19.53 -7.33
N VAL D 472 30.00 19.17 -6.15
CA VAL D 472 29.70 17.87 -5.56
C VAL D 472 28.40 17.99 -4.76
N THR D 473 27.46 17.09 -5.02
CA THR D 473 26.13 17.16 -4.42
C THR D 473 25.61 15.76 -4.20
N ARG D 474 24.55 15.67 -3.39
CA ARG D 474 23.88 14.40 -3.17
C ARG D 474 22.54 14.31 -3.90
N ASN D 475 21.93 15.44 -4.22
CA ASN D 475 20.68 15.44 -4.97
C ASN D 475 20.97 15.13 -6.44
N PRO D 476 20.45 14.02 -6.97
CA PRO D 476 20.76 13.68 -8.38
C PRO D 476 20.19 14.68 -9.37
N GLN D 477 19.04 15.29 -9.07
CA GLN D 477 18.45 16.24 -10.00
C GLN D 477 19.28 17.50 -10.15
N THR D 478 19.97 17.92 -9.08
CA THR D 478 20.84 19.08 -9.19
C THR D 478 22.13 18.75 -9.91
N ALA D 479 22.65 17.54 -9.74
CA ALA D 479 23.79 17.10 -10.54
C ALA D 479 23.43 17.08 -12.02
N ARG D 480 22.22 16.62 -12.35
CA ARG D 480 21.81 16.58 -13.75
C ARG D 480 21.57 17.97 -14.31
N GLN D 481 20.92 18.84 -13.54
CA GLN D 481 20.66 20.20 -13.98
C GLN D 481 21.93 21.05 -14.02
N ALA D 482 23.03 20.58 -13.40
CA ALA D 482 24.26 21.35 -13.37
C ALA D 482 24.87 21.54 -14.76
N HIS D 483 24.57 20.64 -15.70
CA HIS D 483 25.12 20.76 -17.05
C HIS D 483 24.64 22.01 -17.77
N LEU D 484 23.51 22.58 -17.35
CA LEU D 484 23.00 23.79 -18.00
C LEU D 484 23.95 24.97 -17.85
N TYR D 485 24.77 24.96 -16.80
CA TYR D 485 25.63 26.10 -16.48
C TYR D 485 27.06 25.83 -16.92
N ARG D 486 27.71 26.86 -17.46
CA ARG D 486 29.07 26.73 -17.96
C ARG D 486 30.05 26.48 -16.81
N GLY D 487 30.95 25.52 -17.01
CA GLY D 487 32.04 25.29 -16.09
C GLY D 487 31.71 24.46 -14.87
N ILE D 488 30.44 24.13 -14.64
CA ILE D 488 30.04 23.32 -13.50
C ILE D 488 30.20 21.86 -13.88
N PHE D 489 31.07 21.14 -13.16
CA PHE D 489 31.25 19.71 -13.36
C PHE D 489 30.65 18.97 -12.17
N PRO D 490 29.40 18.51 -12.25
CA PRO D 490 28.78 17.88 -11.10
C PRO D 490 29.31 16.47 -10.86
N VAL D 491 29.40 16.12 -9.58
CA VAL D 491 29.74 14.77 -9.16
C VAL D 491 28.76 14.35 -8.08
N LEU D 492 28.18 13.16 -8.24
CA LEU D 492 27.15 12.65 -7.35
C LEU D 492 27.81 11.75 -6.30
N CYS D 493 27.74 12.18 -5.05
CA CYS D 493 28.32 11.41 -3.94
C CYS D 493 27.27 10.45 -3.39
N LYS D 494 27.53 9.16 -3.53
CA LYS D 494 26.64 8.12 -3.02
C LYS D 494 27.00 7.69 -1.60
N ASP D 495 28.07 8.22 -1.03
CA ASP D 495 28.44 7.90 0.34
C ASP D 495 27.36 8.38 1.30
N PRO D 496 27.14 7.66 2.40
CA PRO D 496 26.09 8.05 3.33
C PRO D 496 26.53 9.15 4.29
N VAL D 497 25.55 9.85 4.84
CA VAL D 497 25.82 10.99 5.72
C VAL D 497 26.47 10.48 7.00
N GLN D 498 27.54 11.15 7.42
CA GLN D 498 28.22 10.84 8.66
C GLN D 498 27.53 11.54 9.83
N GLU D 499 27.68 10.96 11.03
CA GLU D 499 27.06 11.55 12.21
C GLU D 499 27.54 12.98 12.42
N ALA D 500 28.85 13.20 12.44
CA ALA D 500 29.40 14.53 12.56
C ALA D 500 29.30 15.26 11.22
N TRP D 501 28.87 16.52 11.27
CA TRP D 501 28.71 17.30 10.04
C TRP D 501 30.07 17.65 9.44
N ALA D 502 31.04 17.98 10.29
CA ALA D 502 32.39 18.27 9.79
C ALA D 502 32.93 17.11 8.98
N GLU D 503 32.81 15.89 9.51
CA GLU D 503 33.28 14.72 8.78
C GLU D 503 32.53 14.52 7.47
N ASP D 504 31.24 14.85 7.44
CA ASP D 504 30.46 14.68 6.21
C ASP D 504 30.83 15.74 5.17
N VAL D 505 31.14 16.96 5.63
CA VAL D 505 31.54 18.01 4.70
C VAL D 505 32.90 17.67 4.08
N ASP D 506 33.86 17.29 4.91
CA ASP D 506 35.19 16.97 4.41
C ASP D 506 35.19 15.67 3.59
N LEU D 507 34.25 14.77 3.88
CA LEU D 507 34.11 13.57 3.05
C LEU D 507 33.68 13.95 1.64
N ARG D 508 32.68 14.82 1.53
CA ARG D 508 32.22 15.28 0.22
C ARG D 508 33.26 16.12 -0.51
N VAL D 509 34.18 16.75 0.23
CA VAL D 509 35.25 17.50 -0.40
C VAL D 509 36.35 16.56 -0.88
N ASN D 510 36.74 15.58 -0.05
CA ASN D 510 37.71 14.59 -0.48
C ASN D 510 37.16 13.75 -1.63
N PHE D 511 35.84 13.59 -1.71
CA PHE D 511 35.24 12.94 -2.87
C PHE D 511 35.50 13.74 -4.14
N ALA D 512 35.44 15.07 -4.05
CA ALA D 512 35.75 15.91 -5.19
C ALA D 512 37.23 15.89 -5.52
N MET D 513 38.09 15.76 -4.50
CA MET D 513 39.52 15.68 -4.75
C MET D 513 39.87 14.42 -5.54
N ASN D 514 39.32 13.28 -5.12
CA ASN D 514 39.58 12.02 -5.83
C ASN D 514 39.06 12.07 -7.26
N VAL D 515 37.93 12.75 -7.47
CA VAL D 515 37.38 12.88 -8.82
C VAL D 515 38.31 13.71 -9.70
N GLY D 516 38.75 14.87 -9.18
CA GLY D 516 39.62 15.73 -9.97
C GLY D 516 40.93 15.07 -10.34
N LYS D 517 41.47 14.26 -9.42
CA LYS D 517 42.70 13.54 -9.72
C LYS D 517 42.47 12.46 -10.77
N ALA D 518 41.35 11.74 -10.68
CA ALA D 518 41.07 10.69 -11.65
C ALA D 518 40.79 11.26 -13.03
N ARG D 519 40.03 12.35 -13.11
CA ARG D 519 39.72 12.99 -14.37
C ARG D 519 40.80 13.95 -14.83
N GLY D 520 41.97 13.93 -14.20
CA GLY D 520 43.08 14.76 -14.63
C GLY D 520 42.88 16.24 -14.48
N PHE D 521 41.93 16.67 -13.65
CA PHE D 521 41.71 18.10 -13.45
C PHE D 521 42.85 18.73 -12.65
N PHE D 522 43.44 17.97 -11.73
CA PHE D 522 44.57 18.46 -10.94
C PHE D 522 45.27 17.28 -10.30
N LYS D 523 46.40 17.57 -9.66
CA LYS D 523 47.24 16.54 -9.06
C LYS D 523 47.55 16.92 -7.62
N LYS D 524 48.03 15.93 -6.86
CA LYS D 524 48.41 16.16 -5.47
C LYS D 524 49.45 17.28 -5.39
N GLY D 525 49.22 18.23 -4.50
CA GLY D 525 50.05 19.40 -4.36
C GLY D 525 49.47 20.66 -5.01
N ASP D 526 48.61 20.49 -6.02
CA ASP D 526 47.98 21.62 -6.67
C ASP D 526 47.10 22.37 -5.68
N VAL D 527 46.66 23.55 -6.10
CA VAL D 527 45.83 24.43 -5.28
C VAL D 527 44.41 24.43 -5.85
N VAL D 528 43.43 24.32 -4.97
CA VAL D 528 42.02 24.40 -5.34
C VAL D 528 41.28 25.23 -4.31
N ILE D 529 40.16 25.81 -4.74
CA ILE D 529 39.28 26.59 -3.89
C ILE D 529 38.10 25.72 -3.50
N VAL D 530 37.79 25.67 -2.21
CA VAL D 530 36.68 24.88 -1.69
C VAL D 530 35.65 25.83 -1.09
N LEU D 531 34.41 25.71 -1.54
CA LEU D 531 33.30 26.53 -1.07
C LEU D 531 32.38 25.68 -0.21
N THR D 532 32.15 26.11 1.03
CA THR D 532 31.26 25.41 1.94
C THR D 532 30.44 26.47 2.69
N GLY D 533 29.72 26.03 3.71
CA GLY D 533 28.94 26.93 4.54
C GLY D 533 29.13 26.59 6.02
N TRP D 534 28.50 27.40 6.87
CA TRP D 534 28.70 27.31 8.30
C TRP D 534 27.72 26.39 9.00
N ARG D 535 26.68 25.92 8.32
CA ARG D 535 25.68 25.06 8.92
C ARG D 535 24.99 24.27 7.82
N PRO D 536 24.41 23.11 8.14
CA PRO D 536 23.64 22.36 7.13
C PRO D 536 22.43 23.14 6.68
N GLY D 537 21.84 22.68 5.58
CA GLY D 537 20.80 23.42 4.89
C GLY D 537 21.35 24.11 3.66
N SER D 538 20.46 24.81 2.96
CA SER D 538 20.82 25.41 1.69
C SER D 538 21.50 26.76 1.85
N GLY D 539 20.80 27.84 1.48
CA GLY D 539 21.36 29.17 1.33
C GLY D 539 22.29 29.68 2.42
N PHE D 540 23.40 28.97 2.62
CA PHE D 540 24.37 29.36 3.65
C PHE D 540 25.81 29.27 3.18
N THR D 541 26.04 28.99 1.90
CA THR D 541 27.40 28.89 1.38
C THR D 541 28.14 30.20 1.60
N ASN D 542 29.09 30.22 2.52
CA ASN D 542 29.78 31.45 2.86
C ASN D 542 31.24 31.24 3.24
N THR D 543 31.75 30.03 3.18
CA THR D 543 33.11 29.73 3.61
C THR D 543 33.95 29.37 2.38
N MET D 544 34.99 30.15 2.14
CA MET D 544 35.92 29.93 1.04
C MET D 544 37.28 29.54 1.61
N ARG D 545 37.83 28.42 1.13
CA ARG D 545 39.10 27.91 1.61
C ARG D 545 40.03 27.64 0.44
N VAL D 546 41.29 27.98 0.62
CA VAL D 546 42.34 27.73 -0.37
C VAL D 546 43.19 26.61 0.20
N VAL D 547 43.01 25.39 -0.31
CA VAL D 547 43.64 24.21 0.26
C VAL D 547 44.46 23.49 -0.81
N PRO D 548 45.58 22.87 -0.45
CA PRO D 548 46.30 22.03 -1.41
C PRO D 548 45.64 20.66 -1.56
N VAL D 549 45.80 20.09 -2.75
CA VAL D 549 45.22 18.78 -3.04
C VAL D 549 46.07 17.70 -2.35
N PRO D 550 45.45 16.78 -1.60
CA PRO D 550 46.16 15.69 -0.92
C PRO D 550 46.55 14.55 -1.87
CL CL E . -15.17 0.34 -4.75
K K F . -22.19 1.59 -6.26
MG MG G . -23.24 -2.75 -3.35
P1 FBP H . -20.28 -3.19 -42.70
O1P FBP H . -21.44 -2.52 -43.39
O2P FBP H . -19.86 -2.38 -41.49
O3P FBP H . -19.13 -3.36 -43.66
O1 FBP H . -20.76 -4.64 -42.17
C1 FBP H . -20.12 -5.81 -42.61
C2 FBP H . -20.70 -6.97 -41.82
O2 FBP H . -19.80 -8.12 -41.88
C3 FBP H . -22.04 -7.35 -42.40
O3 FBP H . -21.92 -8.28 -43.43
C4 FBP H . -22.79 -7.87 -41.20
O4 FBP H . -24.18 -7.68 -41.34
C5 FBP H . -22.24 -7.02 -40.09
O5 FBP H . -20.93 -6.64 -40.47
C6 FBP H . -22.26 -7.76 -38.76
O6 FBP H . -22.50 -6.82 -37.72
P2 FBP H . -23.59 -7.14 -36.60
O4P FBP H . -24.55 -8.16 -37.13
O5P FBP H . -24.33 -5.86 -36.25
O6P FBP H . -22.90 -7.68 -35.37
C1 GOL I . -5.30 11.09 -6.70
O1 GOL I . -4.39 10.04 -6.77
C2 GOL I . -5.98 10.99 -5.32
O2 GOL I . -5.08 11.15 -4.28
C3 GOL I . -7.07 12.10 -5.33
O3 GOL I . -8.21 11.53 -5.89
C1 GOL J . -30.23 -3.08 2.16
O1 GOL J . -30.70 -4.14 2.93
C2 GOL J . -31.45 -2.50 1.41
O2 GOL J . -32.40 -3.48 1.14
C3 GOL J . -30.86 -1.92 0.11
O3 GOL J . -31.86 -1.15 -0.47
C1 GOL K . -42.03 5.89 -12.29
O1 GOL K . -41.06 5.21 -11.56
C2 GOL K . -42.85 4.83 -13.08
O2 GOL K . -44.21 5.01 -12.92
C3 GOL K . -42.40 4.99 -14.54
O3 GOL K . -42.91 3.90 -15.24
C1 GOL L . -34.00 -21.97 -14.47
O1 GOL L . -33.78 -23.32 -14.19
C2 GOL L . -33.70 -21.77 -15.97
O2 GOL L . -33.73 -20.43 -16.32
C3 GOL L . -32.31 -22.40 -16.19
O3 GOL L . -31.90 -22.04 -17.48
C1 GOL M . -1.42 -7.85 -21.56
O1 GOL M . -0.85 -8.65 -20.58
C2 GOL M . -2.94 -7.82 -21.29
O2 GOL M . -3.53 -9.05 -21.55
C3 GOL M . -3.48 -6.70 -22.23
O3 GOL M . -4.87 -6.72 -22.10
C1 OXL N . -21.29 -5.36 -3.97
C2 OXL N . -21.15 -4.39 -5.14
O1 OXL N . -22.12 -5.08 -3.12
O2 OXL N . -21.88 -3.40 -5.14
O3 OXL N . -20.55 -6.34 -3.99
O4 OXL N . -20.32 -4.67 -6.01
N VAL O . -11.07 -7.46 -24.75
CA VAL O . -10.38 -8.11 -23.65
C VAL O . -8.88 -8.06 -23.97
O VAL O . -8.52 -7.62 -25.06
CB VAL O . -10.92 -9.55 -23.45
CG1 VAL O . -10.08 -10.34 -22.47
CG2 VAL O . -12.37 -9.49 -22.97
OXT VAL O . -8.00 -8.40 -23.18
CL CL P . 11.23 26.67 18.62
P1 FBP Q . -0.83 -9.50 24.40
O1P FBP Q . -1.04 -10.92 23.93
O2P FBP Q . -0.80 -8.56 23.22
O3P FBP Q . 0.47 -9.42 25.17
O1 FBP Q . -2.03 -9.09 25.37
C1 FBP Q . -1.91 -9.21 26.77
C2 FBP Q . -2.66 -8.07 27.42
O2 FBP Q . -2.31 -7.98 28.83
C3 FBP Q . -4.15 -8.26 27.27
O3 FBP Q . -4.68 -8.98 28.35
C4 FBP Q . -4.67 -6.84 27.19
O4 FBP Q . -5.89 -6.78 26.49
C5 FBP Q . -3.55 -6.15 26.42
O5 FBP Q . -2.36 -6.83 26.78
C6 FBP Q . -3.46 -4.65 26.70
O6 FBP Q . -4.60 -3.97 26.22
P2 FBP Q . -4.50 -2.47 25.64
O4P FBP Q . -5.88 -1.93 25.36
O5P FBP Q . -3.81 -1.59 26.64
O6P FBP Q . -3.69 -2.48 24.36
C1 GOL R . -7.06 26.80 46.70
O1 GOL R . -5.76 26.51 46.29
C2 GOL R . -7.02 28.18 47.41
O2 GOL R . -5.77 28.46 47.94
C3 GOL R . -7.45 29.20 46.32
O3 GOL R . -6.76 28.88 45.16
C1 GOL S . 27.24 22.23 28.21
O1 GOL S . 27.39 23.47 28.81
C2 GOL S . 26.61 22.50 26.81
O2 GOL S . 27.32 21.86 25.80
C3 GOL S . 25.16 21.96 26.93
O3 GOL S . 24.53 22.74 27.90
MG MG T . 4.60 -25.33 5.50
P1 FBP U . -15.56 -57.60 14.72
O1P FBP U . -16.34 -58.80 15.18
O2P FBP U . -16.15 -56.33 15.30
O3P FBP U . -14.12 -57.71 15.13
O1 FBP U . -15.66 -57.48 13.13
C1 FBP U . -16.85 -57.76 12.46
C2 FBP U . -16.77 -57.06 11.12
O2 FBP U . -18.06 -56.50 10.77
C3 FBP U . -16.36 -58.07 10.08
O3 FBP U . -17.49 -58.52 9.39
C4 FBP U . -15.40 -57.32 9.18
O4 FBP U . -14.38 -58.16 8.71
C5 FBP U . -14.83 -56.25 10.10
O5 FBP U . -15.79 -56.03 11.12
C6 FBP U . -14.55 -54.98 9.33
O6 FBP U . -13.27 -54.48 9.65
P2 FBP U . -12.41 -53.73 8.51
O4P FBP U . -12.34 -54.65 7.31
O5P FBP U . -11.03 -53.38 9.00
O6P FBP U . -13.12 -52.47 8.12
C1 GOL V . -20.97 -28.92 14.40
O1 GOL V . -20.64 -29.86 13.42
C2 GOL V . -22.28 -28.24 13.95
O2 GOL V . -23.39 -28.97 14.34
C3 GOL V . -22.25 -26.84 14.60
O3 GOL V . -21.31 -26.09 13.89
C1 GOL W . -25.73 -40.45 29.41
O1 GOL W . -25.65 -39.07 29.26
C2 GOL W . -27.10 -40.89 28.83
O2 GOL W . -27.66 -39.91 28.03
C3 GOL W . -26.79 -42.18 28.03
O3 GOL W . -26.01 -42.99 28.86
C1 OXL X . 1.39 -25.76 5.66
C2 OXL X . 1.63 -25.12 4.30
O1 OXL X . 0.30 -26.31 5.84
O2 OXL X . 0.71 -25.21 3.48
O3 OXL X . 2.30 -25.68 6.48
O4 OXL X . 2.71 -24.59 4.12
N VAL Y . -16.63 -37.35 11.04
CA VAL Y . -16.97 -35.95 10.89
C VAL Y . -18.25 -35.65 11.67
O VAL Y . -18.79 -36.54 12.33
CB VAL Y . -17.13 -35.58 9.41
CG1 VAL Y . -15.88 -35.99 8.64
CG2 VAL Y . -18.34 -36.28 8.84
OXT VAL Y . -18.75 -34.52 11.68
P1 FBP Z . 24.08 19.84 3.54
O1P FBP Z . 22.78 19.65 2.82
O2P FBP Z . 23.86 19.71 5.03
O3P FBP Z . 25.08 18.79 3.09
O1 FBP Z . 24.68 21.29 3.21
C1 FBP Z . 26.05 21.53 3.40
C2 FBP Z . 26.45 22.79 2.62
O2 FBP Z . 27.87 22.78 2.37
C3 FBP Z . 26.09 24.02 3.43
O3 FBP Z . 27.21 24.50 4.13
C4 FBP Z . 25.58 24.99 2.39
O4 FBP Z . 24.61 25.86 2.93
C5 FBP Z . 24.98 24.06 1.35
O5 FBP Z . 25.76 22.88 1.39
C6 FBP Z . 24.90 24.68 -0.04
O6 FBP Z . 23.55 24.63 -0.43
P2 FBP Z . 23.04 25.24 -1.83
O4P FBP Z . 21.91 24.39 -2.37
O5P FBP Z . 24.18 25.24 -2.81
O6P FBP Z . 22.56 26.66 -1.61
C1 GOL AA . 26.69 2.65 -34.28
O1 GOL AA . 27.25 3.11 -33.09
C2 GOL AA . 26.45 3.89 -35.18
O2 GOL AA . 27.59 4.69 -35.29
C3 GOL AA . 25.26 4.64 -34.53
O3 GOL AA . 24.14 3.85 -34.73
C1 GOL BA . 16.58 21.19 -8.14
O1 GOL BA . 16.36 20.18 -7.20
C2 GOL BA . 16.00 22.50 -7.54
O2 GOL BA . 16.63 22.86 -6.36
C3 GOL BA . 16.18 23.55 -8.65
O3 GOL BA . 15.52 23.06 -9.78
C1 GOL CA . 44.93 38.25 -9.80
O1 GOL CA . 43.94 38.82 -8.99
C2 GOL CA . 44.56 38.59 -11.26
O2 GOL CA . 45.40 37.93 -12.16
C3 GOL CA . 43.08 38.16 -11.41
O3 GOL CA . 42.71 38.49 -12.71
#